data_3T6D
#
_entry.id   3T6D
#
_cell.length_a   220.440
_cell.length_b   220.440
_cell.length_c   113.100
_cell.angle_alpha   90.00
_cell.angle_beta   90.00
_cell.angle_gamma   90.00
#
_symmetry.space_group_name_H-M   'P 43 21 2'
#
loop_
_entity.id
_entity.type
_entity.pdbx_description
1 polymer 'Photosynthetic reaction center cytochrome c subunit'
2 polymer 'Photosynthetic reaction center H-subunit'
3 polymer 'Photosynthetic reaction center L-subunit'
4 polymer 'Photosynthetic reaction center M-subunit'
5 non-polymer 'HEME C'
6 non-polymer 'LAURYL DIMETHYLAMINE-N-OXIDE'
7 non-polymer 'DIACYL GLYCEROL'
8 non-polymer 'SULFATE ION'
9 non-polymer HEPTANE-1,2,3-TRIOL
10 non-polymer GLYCEROL
11 non-polymer 'BACTERIOCHLOROPHYLL B'
12 non-polymer 'BACTERIOPHEOPHYTIN B'
13 non-polymer Ubiquinone-9
14 non-polymer 'FE (II) ION'
15 non-polymer MENAQUINONE-9
16 non-polymer 15-cis-1,2-dihydroneurosporene
17 non-polymer (2S,3R)-heptane-1,2,3-triol
18 water water
#
loop_
_entity_poly.entity_id
_entity_poly.type
_entity_poly.pdbx_seq_one_letter_code
_entity_poly.pdbx_strand_id
1 'polypeptide(L)'
;MKQLIVNSVATVALASLVAGCFEPPPATTTQTGFRGLSMGEVLHPATVKAKKERDAQYPPALPAVKAEGPPVSQVYKNVK
VLGNLTEAEFLRTMTAMTEWVSPEEGCTYCHDENNLASEAKYPYVVARRMLEMTRAINTNWTQHVAQTGVTCYTCHRGTP
LPPYVRYLEPTLPLNNRETPTHVERVETRSGYVVRLAKYTAYSALNYDPFTMFLANDKRQVRVVPQTALPLVGVSRGKER
RPLSDAYATFALMMSISDSLGTNCTFCHNAQSFETWGKKSTPQRAIAWWGIRMVRDMNMNYLAPLNTVLPASRLGRQGEA
PQADCRTCHQGVTKPLFGASRLQDYPELGPIKAAAK
;
C
2 'polypeptide(L)'
;(FME)YHGALAQHLDIAQLVWYAQWLVIWTVVLLYLRREDRREGYPLVEPLGLVKLAPEDGQVYELPYPKTFVLPHGGTV
TVPRRRPETRELKLAQTDGFEGAPLQPTGNPLVDAVGPASYAERAEVVDATVDGKAKIVPLRVATDFSIAEGDVDPRGLP
VVAADGVEAGTVTDLWVDRSEHYFRYLELSVAGSARTALIPLGFCDVKKDKIVVTSILSDQFANVPRLQSRDQITLREED
KVSAYYAGGLLYATPERAEALL
;
H
3 'polypeptide(L)'
;ALLSFERKYRVRGGTLIGGDLFDFWVGPYFVGFFGVSAIFFIFLGVSLIGYAASQGPTWDPFAISINPPDLKYGLGAAPL
LEGGFWQAITVCALGAFISWMLREVEISRKLGIGWHVPLAFCVPIFMFCVLQVFRPLLLGSWGHAFPYGILSHLDWVNNF
GYQYLNWHYNPGHMSSVSFLFVNAMALGLHGGLILSVANPGDGDKVKTAEHENQYFRDVVGYSIGALSIHRLGLFLASNI
FLTGAFGTIASGPFWTRGWPEWWGWWLDIPFWS
;
L
4 'polypeptide(L)'
;ADYQTIYTQIQARGPHITVSGEWGDNDRIGKPFYSYWLGKIGDAQIGPIYLGASGIAAFAFGATAILIIGFNMLAEVHFD
PLQFFRQFFWLGLYPPKAQYGMGIPPLHDGGWWLMAGLFMTLSLGSWWIRVYSRARALGLGTHIAWNFAAAIFFVLCIGC
IHPALVGSWSEGVPFGIWPHIDWLTAFSIRYGNFYYCPWHGFSIGFAYGCGLLFAAHGATILAVARFGGDREIEQITDRG
TAVERAALFWRWTIGFNATIESVHRWGWFFSLMVMVSASVGILLTGTFVDNWYLWCVKHGAAPDYPAYLPATPDPASLPG
APK
;
M
#
loop_
_chem_comp.id
_chem_comp.type
_chem_comp.name
_chem_comp.formula
BCB non-polymer 'BACTERIOCHLOROPHYLL B' 'C55 H72 Mg N4 O6 2'
BPB non-polymer 'BACTERIOPHEOPHYTIN B' 'C55 H74 N4 O6'
DGA non-polymer 'DIACYL GLYCEROL' 'C39 H76 O5'
FE2 non-polymer 'FE (II) ION' 'Fe 2'
GOL non-polymer GLYCEROL 'C3 H8 O3'
HEC non-polymer 'HEME C' 'C34 H34 Fe N4 O4'
HTH non-polymer (2S,3R)-heptane-1,2,3-triol 'C7 H16 O3'
HTO non-polymer HEPTANE-1,2,3-TRIOL 'C7 H16 O3'
LDA non-polymer 'LAURYL DIMETHYLAMINE-N-OXIDE' 'C14 H31 N O'
MQ9 non-polymer MENAQUINONE-9 'C56 H80 O2'
NS5 non-polymer 15-cis-1,2-dihydroneurosporene 'C40 H60'
SO4 non-polymer 'SULFATE ION' 'O4 S -2'
UQ9 non-polymer Ubiquinone-9 'C54 H82 O4'
#
# COMPACT_ATOMS: atom_id res chain seq x y z
N CYS A 21 -19.12 -2.56 -15.25
CA CYS A 21 -18.26 -2.13 -14.11
C CYS A 21 -17.05 -3.04 -13.97
N PHE A 22 -17.21 -4.33 -14.14
N PHE A 22 -17.24 -4.35 -14.11
CA PHE A 22 -16.15 -5.34 -14.08
CA PHE A 22 -16.22 -5.40 -14.05
C PHE A 22 -16.31 -6.38 -15.20
C PHE A 22 -16.21 -6.24 -15.32
N GLU A 23 -15.28 -7.19 -15.41
CA GLU A 23 -15.21 -8.14 -16.54
C GLU A 23 -15.24 -9.59 -16.03
N PRO A 24 -16.31 -10.33 -16.31
CA PRO A 24 -16.44 -11.64 -15.69
C PRO A 24 -15.45 -12.69 -16.20
N PRO A 25 -14.90 -13.52 -15.30
CA PRO A 25 -13.89 -14.52 -15.68
C PRO A 25 -14.48 -15.59 -16.61
N PRO A 26 -13.64 -16.47 -17.21
CA PRO A 26 -12.18 -16.55 -17.09
C PRO A 26 -11.42 -15.50 -17.93
N ALA A 27 -10.19 -15.19 -17.52
CA ALA A 27 -9.23 -14.39 -18.30
C ALA A 27 -8.31 -15.31 -19.09
N THR A 28 -7.96 -14.89 -20.30
CA THR A 28 -6.87 -15.53 -21.07
C THR A 28 -5.58 -14.81 -20.72
N THR A 29 -4.53 -15.56 -20.40
CA THR A 29 -3.26 -14.97 -19.99
C THR A 29 -2.16 -15.67 -20.75
N THR A 30 -1.16 -14.90 -21.17
CA THR A 30 0.04 -15.47 -21.81
C THR A 30 1.27 -15.19 -20.96
N GLN A 31 2.38 -15.84 -21.32
CA GLN A 31 3.66 -15.62 -20.67
C GLN A 31 4.64 -14.96 -21.64
N THR A 32 5.25 -13.84 -21.22
CA THR A 32 6.19 -13.12 -22.07
C THR A 32 7.54 -12.96 -21.43
N GLY A 33 7.73 -13.51 -20.22
CA GLY A 33 9.02 -13.46 -19.54
C GLY A 33 9.27 -14.73 -18.77
N PHE A 34 10.46 -14.78 -18.18
CA PHE A 34 10.85 -15.88 -17.33
C PHE A 34 9.76 -16.08 -16.30
N ARG A 35 9.53 -17.35 -15.98
CA ARG A 35 8.54 -17.73 -15.00
C ARG A 35 8.73 -17.00 -13.67
N GLY A 36 7.62 -16.59 -13.07
CA GLY A 36 7.64 -15.89 -11.75
C GLY A 36 7.88 -14.37 -11.82
N LEU A 37 7.80 -13.79 -13.02
CA LEU A 37 7.97 -12.31 -13.20
C LEU A 37 6.70 -11.56 -13.54
N SER A 38 5.56 -12.24 -13.55
CA SER A 38 4.25 -11.66 -13.86
C SER A 38 4.23 -10.94 -15.20
N MET A 39 4.88 -11.50 -16.19
CA MET A 39 4.94 -10.90 -17.50
C MET A 39 4.02 -11.60 -18.45
N GLY A 40 3.19 -10.83 -19.15
CA GLY A 40 2.28 -11.43 -20.11
C GLY A 40 1.02 -10.61 -20.41
N GLU A 41 0.34 -11.01 -21.50
CA GLU A 41 -0.96 -10.47 -21.87
C GLU A 41 -2.06 -11.00 -20.95
N VAL A 42 -2.99 -10.10 -20.67
CA VAL A 42 -4.18 -10.38 -19.88
C VAL A 42 -5.36 -9.95 -20.72
N LEU A 43 -6.20 -10.91 -21.03
CA LEU A 43 -7.22 -10.69 -22.09
C LEU A 43 -8.62 -11.22 -21.73
N HIS A 44 -9.62 -10.52 -22.19
CA HIS A 44 -11.01 -10.87 -22.00
C HIS A 44 -11.51 -11.53 -23.25
N PRO A 45 -11.85 -12.83 -23.19
CA PRO A 45 -12.28 -13.57 -24.38
C PRO A 45 -13.36 -12.93 -25.26
N ALA A 46 -14.42 -12.38 -24.67
CA ALA A 46 -15.48 -11.74 -25.48
C ALA A 46 -14.95 -10.50 -26.21
N THR A 47 -14.01 -9.75 -25.63
CA THR A 47 -13.41 -8.59 -26.35
C THR A 47 -12.58 -9.12 -27.53
N VAL A 48 -11.78 -10.16 -27.29
CA VAL A 48 -10.95 -10.72 -28.33
C VAL A 48 -11.85 -11.17 -29.47
N LYS A 49 -12.88 -11.95 -29.16
CA LYS A 49 -13.83 -12.43 -30.15
C LYS A 49 -14.53 -11.31 -30.97
N ALA A 50 -15.03 -10.29 -30.30
CA ALA A 50 -15.56 -9.09 -30.99
C ALA A 50 -14.51 -8.43 -31.91
N LYS A 51 -13.26 -8.31 -31.48
CA LYS A 51 -12.24 -7.75 -32.38
C LYS A 51 -11.96 -8.70 -33.58
N LYS A 52 -11.95 -10.01 -33.33
CA LYS A 52 -11.75 -10.95 -34.41
C LYS A 52 -12.87 -10.85 -35.46
N GLU A 53 -14.11 -10.67 -35.00
CA GLU A 53 -15.28 -10.58 -35.89
C GLU A 53 -15.26 -9.25 -36.67
N ARG A 54 -14.93 -8.14 -36.01
CA ARG A 54 -14.66 -6.90 -36.76
C ARG A 54 -13.58 -7.13 -37.84
N ASP A 55 -12.46 -7.73 -37.44
CA ASP A 55 -11.31 -7.83 -38.30
C ASP A 55 -11.50 -8.80 -39.44
N ALA A 56 -12.39 -9.77 -39.23
CA ALA A 56 -12.70 -10.79 -40.28
C ALA A 56 -13.55 -10.24 -41.43
N GLN A 57 -13.97 -8.98 -41.34
CA GLN A 57 -14.62 -8.29 -42.48
C GLN A 57 -13.64 -7.90 -43.63
N TYR A 58 -12.33 -8.07 -43.43
CA TYR A 58 -11.33 -7.84 -44.48
C TYR A 58 -11.78 -8.61 -45.72
N PRO A 59 -12.18 -7.92 -46.78
CA PRO A 59 -12.63 -8.73 -47.93
C PRO A 59 -11.58 -9.76 -48.39
N PRO A 60 -12.03 -10.90 -48.90
CA PRO A 60 -11.01 -11.83 -49.45
C PRO A 60 -10.35 -11.31 -50.69
N ALA A 61 -9.22 -11.89 -51.04
CA ALA A 61 -8.48 -11.48 -52.23
C ALA A 61 -9.38 -11.73 -53.40
N LEU A 62 -9.36 -10.85 -54.38
CA LEU A 62 -10.05 -11.07 -55.62
C LEU A 62 -9.39 -12.22 -56.39
N PRO A 63 -10.20 -12.93 -57.23
CA PRO A 63 -9.63 -13.96 -58.13
C PRO A 63 -8.43 -13.47 -58.91
N ALA A 64 -7.49 -14.38 -59.09
CA ALA A 64 -6.29 -14.08 -59.79
C ALA A 64 -6.66 -13.97 -61.24
N VAL A 65 -6.05 -13.03 -61.94
CA VAL A 65 -6.27 -12.84 -63.37
C VAL A 65 -5.01 -13.27 -64.13
N LYS A 66 -5.15 -13.62 -65.39
CA LYS A 66 -3.94 -13.94 -66.18
C LYS A 66 -3.20 -12.67 -66.58
N ALA A 67 -1.87 -12.72 -66.53
CA ALA A 67 -1.04 -11.60 -66.99
C ALA A 67 -0.92 -11.66 -68.51
N GLU A 68 -1.53 -10.70 -69.20
CA GLU A 68 -1.58 -10.78 -70.64
C GLU A 68 -1.73 -9.41 -71.28
N GLY A 69 -1.08 -9.23 -72.41
CA GLY A 69 -1.19 -8.00 -73.18
C GLY A 69 -0.18 -7.00 -72.69
N PRO A 70 -0.29 -5.76 -73.18
CA PRO A 70 0.71 -4.77 -72.86
C PRO A 70 0.58 -4.21 -71.46
N PRO A 71 1.67 -3.65 -70.93
CA PRO A 71 1.57 -2.93 -69.65
C PRO A 71 0.63 -1.74 -69.81
N VAL A 72 -0.09 -1.37 -68.76
CA VAL A 72 -1.01 -0.22 -68.85
C VAL A 72 -0.31 1.10 -69.10
N SER A 73 0.97 1.17 -68.83
CA SER A 73 1.78 2.35 -69.21
C SER A 73 1.66 2.60 -70.69
N GLN A 74 1.35 1.57 -71.49
CA GLN A 74 1.11 1.74 -72.94
C GLN A 74 -0.38 1.98 -73.28
N VAL A 75 -1.29 1.32 -72.58
CA VAL A 75 -2.73 1.35 -72.86
C VAL A 75 -3.47 2.59 -72.32
N TYR A 76 -3.19 3.01 -71.10
CA TYR A 76 -3.95 4.09 -70.46
C TYR A 76 -3.14 5.37 -70.53
N LYS A 77 -3.74 6.49 -70.13
CA LYS A 77 -3.15 7.81 -70.41
C LYS A 77 -2.38 8.47 -69.29
N ASN A 78 -2.76 8.22 -68.04
CA ASN A 78 -2.24 8.96 -66.91
C ASN A 78 -1.94 8.03 -65.72
N VAL A 79 -1.18 6.97 -65.97
CA VAL A 79 -0.83 6.00 -65.00
C VAL A 79 0.64 6.19 -64.66
N LYS A 80 0.92 6.52 -63.42
CA LYS A 80 2.26 6.95 -63.00
C LYS A 80 2.92 6.07 -61.98
N VAL A 81 2.17 5.19 -61.30
CA VAL A 81 2.72 4.30 -60.29
C VAL A 81 2.64 2.84 -60.72
N LEU A 82 1.51 2.44 -61.30
CA LEU A 82 1.27 1.02 -61.58
C LEU A 82 1.38 0.68 -63.09
N GLY A 83 2.17 1.48 -63.81
CA GLY A 83 2.38 1.31 -65.21
C GLY A 83 2.80 -0.04 -65.77
N ASN A 84 3.39 -0.88 -64.95
N ASN A 84 3.39 -0.89 -64.95
CA ASN A 84 3.86 -2.20 -65.38
CA ASN A 84 3.87 -2.22 -65.40
C ASN A 84 2.75 -3.26 -65.43
C ASN A 84 2.83 -3.35 -65.27
N LEU A 85 1.68 -3.05 -64.68
CA LEU A 85 0.57 -4.01 -64.65
C LEU A 85 -0.03 -4.15 -66.03
N THR A 86 -0.50 -5.36 -66.33
CA THR A 86 -1.42 -5.55 -67.47
C THR A 86 -2.78 -4.98 -67.12
N GLU A 87 -3.59 -4.80 -68.15
CA GLU A 87 -4.94 -4.29 -67.99
C GLU A 87 -5.79 -4.98 -66.90
N ALA A 88 -5.95 -6.30 -67.00
CA ALA A 88 -6.72 -7.08 -66.03
C ALA A 88 -6.17 -6.93 -64.61
N GLU A 89 -4.84 -6.93 -64.49
CA GLU A 89 -4.23 -6.82 -63.20
C GLU A 89 -4.51 -5.47 -62.62
N PHE A 90 -4.39 -4.43 -63.45
CA PHE A 90 -4.62 -3.06 -63.01
C PHE A 90 -6.11 -2.89 -62.55
N LEU A 91 -7.04 -3.34 -63.37
CA LEU A 91 -8.48 -3.21 -62.98
C LEU A 91 -8.77 -3.98 -61.70
N ARG A 92 -8.08 -5.10 -61.52
CA ARG A 92 -8.21 -5.85 -60.30
C ARG A 92 -7.73 -5.00 -59.14
N THR A 93 -6.62 -4.29 -59.32
CA THR A 93 -6.13 -3.40 -58.21
C THR A 93 -7.15 -2.32 -57.92
N MET A 94 -7.81 -1.82 -58.97
CA MET A 94 -8.77 -0.71 -58.79
C MET A 94 -10.01 -1.21 -58.04
N THR A 95 -10.39 -2.45 -58.35
CA THR A 95 -11.53 -3.08 -57.67
C THR A 95 -11.23 -3.23 -56.21
N ALA A 96 -10.02 -3.66 -55.91
CA ALA A 96 -9.64 -3.89 -54.53
C ALA A 96 -9.58 -2.57 -53.79
N MET A 97 -9.02 -1.55 -54.42
CA MET A 97 -8.95 -0.21 -53.78
C MET A 97 -10.35 0.31 -53.40
N THR A 98 -11.30 0.16 -54.30
CA THR A 98 -12.69 0.52 -54.09
C THR A 98 -13.28 -0.30 -52.95
N GLU A 99 -12.96 -1.58 -52.85
CA GLU A 99 -13.49 -2.35 -51.74
C GLU A 99 -12.90 -1.84 -50.45
N TRP A 100 -11.64 -1.43 -50.50
CA TRP A 100 -10.94 -1.15 -49.29
C TRP A 100 -11.18 0.27 -48.80
N VAL A 101 -11.29 1.23 -49.73
CA VAL A 101 -11.35 2.66 -49.33
C VAL A 101 -12.76 3.29 -49.54
N SER A 102 -13.41 3.07 -50.69
CA SER A 102 -14.68 3.71 -50.92
C SER A 102 -15.73 2.75 -51.41
N PRO A 103 -16.02 1.71 -50.62
CA PRO A 103 -17.03 0.76 -51.13
C PRO A 103 -18.44 1.31 -51.19
N GLU A 104 -18.78 2.19 -50.27
CA GLU A 104 -20.09 2.85 -50.30
C GLU A 104 -20.22 3.87 -51.44
N GLU A 105 -19.14 4.55 -51.78
CA GLU A 105 -19.24 5.56 -52.84
C GLU A 105 -18.86 5.03 -54.23
N GLY A 106 -17.91 4.08 -54.28
CA GLY A 106 -17.49 3.44 -55.52
C GLY A 106 -16.41 4.16 -56.31
N CYS A 107 -16.22 3.75 -57.56
CA CYS A 107 -15.13 4.20 -58.43
C CYS A 107 -15.13 5.74 -58.56
N THR A 108 -16.31 6.34 -58.60
CA THR A 108 -16.41 7.76 -58.85
C THR A 108 -16.09 8.59 -57.60
N TYR A 109 -15.81 7.99 -56.46
CA TYR A 109 -15.20 8.77 -55.35
C TYR A 109 -13.90 9.42 -55.85
N CYS A 110 -13.12 8.69 -56.63
CA CYS A 110 -11.82 9.14 -57.10
C CYS A 110 -11.87 9.64 -58.53
N HIS A 111 -12.79 9.10 -59.31
CA HIS A 111 -12.83 9.34 -60.75
C HIS A 111 -14.02 10.11 -61.24
N ASP A 112 -13.75 10.86 -62.31
CA ASP A 112 -14.78 11.41 -63.17
C ASP A 112 -15.21 10.25 -64.05
N GLU A 113 -16.47 9.87 -63.94
CA GLU A 113 -16.97 8.71 -64.73
C GLU A 113 -16.83 8.86 -66.24
N ASN A 114 -16.63 10.08 -66.72
CA ASN A 114 -16.51 10.33 -68.16
C ASN A 114 -15.09 10.54 -68.65
N ASN A 115 -14.15 10.46 -67.72
CA ASN A 115 -12.74 10.56 -68.01
C ASN A 115 -11.97 9.98 -66.85
N LEU A 116 -11.58 8.73 -67.02
CA LEU A 116 -10.89 8.00 -65.94
C LEU A 116 -9.46 8.50 -65.72
N ALA A 117 -8.91 9.15 -66.75
CA ALA A 117 -7.60 9.80 -66.65
C ALA A 117 -7.62 11.16 -65.95
N SER A 118 -8.78 11.78 -65.72
CA SER A 118 -8.82 13.09 -65.04
C SER A 118 -8.45 13.08 -63.55
N GLU A 119 -7.59 14.02 -63.14
CA GLU A 119 -7.17 14.15 -61.71
C GLU A 119 -7.98 15.21 -60.97
N ALA A 120 -9.03 15.68 -61.57
CA ALA A 120 -9.81 16.79 -61.02
C ALA A 120 -10.42 16.56 -59.65
N LYS A 121 -10.65 15.31 -59.22
CA LYS A 121 -11.21 15.08 -57.85
C LYS A 121 -10.07 14.87 -56.89
N TYR A 122 -10.07 15.54 -55.74
CA TYR A 122 -8.90 15.44 -54.86
C TYR A 122 -8.58 14.00 -54.41
N PRO A 123 -9.61 13.09 -54.32
CA PRO A 123 -9.16 11.78 -53.82
C PRO A 123 -8.27 11.00 -54.81
N TYR A 124 -8.33 11.32 -56.08
CA TYR A 124 -7.44 10.71 -57.07
C TYR A 124 -5.98 10.96 -56.76
N VAL A 125 -5.58 12.22 -56.61
CA VAL A 125 -4.18 12.52 -56.37
C VAL A 125 -3.71 11.97 -55.00
N VAL A 126 -4.54 12.06 -53.97
CA VAL A 126 -4.22 11.54 -52.64
C VAL A 126 -4.03 10.02 -52.73
N ALA A 127 -4.91 9.34 -53.49
CA ALA A 127 -4.83 7.89 -53.69
C ALA A 127 -3.52 7.48 -54.34
N ARG A 128 -3.04 8.33 -55.23
CA ARG A 128 -1.78 8.03 -55.93
C ARG A 128 -0.61 8.11 -54.93
N ARG A 129 -0.62 9.10 -54.08
CA ARG A 129 0.36 9.22 -53.01
C ARG A 129 0.26 8.07 -52.04
N MET A 130 -0.98 7.66 -51.75
CA MET A 130 -1.24 6.52 -50.84
C MET A 130 -0.68 5.22 -51.37
N LEU A 131 -0.80 5.05 -52.68
CA LEU A 131 -0.21 3.92 -53.40
C LEU A 131 1.31 3.88 -53.17
N GLU A 132 1.94 5.03 -53.37
CA GLU A 132 3.38 5.19 -53.05
C GLU A 132 3.70 4.90 -51.57
N MET A 133 2.90 5.45 -50.65
CA MET A 133 3.17 5.22 -49.22
C MET A 133 3.08 3.77 -48.89
N THR A 134 2.03 3.13 -49.39
CA THR A 134 1.79 1.74 -49.13
C THR A 134 2.96 0.89 -49.63
N ARG A 135 3.43 1.22 -50.83
CA ARG A 135 4.53 0.52 -51.47
C ARG A 135 5.82 0.77 -50.67
N ALA A 136 5.93 1.97 -50.11
CA ALA A 136 7.11 2.31 -49.28
C ALA A 136 7.12 1.52 -47.98
N ILE A 137 5.96 1.49 -47.32
CA ILE A 137 5.80 0.71 -46.09
C ILE A 137 6.20 -0.75 -46.37
N ASN A 138 5.65 -1.40 -47.39
CA ASN A 138 5.86 -2.85 -47.60
C ASN A 138 7.27 -3.18 -48.13
N THR A 139 7.95 -2.17 -48.70
CA THR A 139 9.28 -2.31 -49.30
C THR A 139 10.44 -1.89 -48.36
N ASN A 140 10.28 -0.72 -47.77
CA ASN A 140 11.27 -0.09 -46.93
C ASN A 140 11.10 -0.30 -45.42
N TRP A 141 9.93 -0.74 -44.94
CA TRP A 141 9.73 -0.94 -43.49
C TRP A 141 9.33 -2.36 -43.14
N THR A 142 9.93 -3.31 -43.86
CA THR A 142 9.79 -4.74 -43.49
C THR A 142 10.28 -5.09 -42.10
N GLN A 143 11.12 -4.25 -41.48
CA GLN A 143 11.59 -4.52 -40.11
C GLN A 143 10.40 -4.36 -39.15
N HIS A 144 9.38 -3.59 -39.58
CA HIS A 144 8.12 -3.51 -38.83
C HIS A 144 7.05 -4.45 -39.34
N VAL A 145 6.67 -4.34 -40.62
CA VAL A 145 5.48 -5.07 -41.15
C VAL A 145 5.81 -6.45 -41.69
N ALA A 146 7.11 -6.80 -41.72
CA ALA A 146 7.57 -8.14 -42.15
C ALA A 146 6.97 -8.57 -43.48
N GLN A 147 6.56 -9.84 -43.57
CA GLN A 147 5.77 -10.26 -44.75
C GLN A 147 4.27 -10.24 -44.58
N THR A 148 3.79 -9.76 -43.44
CA THR A 148 2.37 -9.47 -43.32
C THR A 148 2.05 -8.30 -44.22
N GLY A 149 2.77 -7.21 -44.06
CA GLY A 149 2.51 -6.06 -44.94
C GLY A 149 1.21 -5.38 -44.60
N VAL A 150 0.93 -4.28 -45.30
CA VAL A 150 -0.32 -3.53 -45.16
C VAL A 150 -0.99 -3.36 -46.53
N THR A 151 -2.33 -3.24 -46.50
CA THR A 151 -3.06 -2.71 -47.64
C THR A 151 -3.82 -1.44 -47.22
N CYS A 152 -4.51 -0.88 -48.16
CA CYS A 152 -5.38 0.26 -47.93
C CYS A 152 -6.36 -0.03 -46.80
N TYR A 153 -6.82 -1.30 -46.72
CA TYR A 153 -7.83 -1.69 -45.79
C TYR A 153 -7.26 -1.59 -44.37
N THR A 154 -5.98 -1.90 -44.21
CA THR A 154 -5.38 -1.91 -42.88
C THR A 154 -5.76 -0.64 -42.07
N CYS A 155 -5.67 0.52 -42.71
CA CYS A 155 -6.05 1.79 -42.09
C CYS A 155 -7.52 2.16 -42.37
N HIS A 156 -7.96 2.03 -43.62
CA HIS A 156 -9.18 2.67 -44.03
C HIS A 156 -10.43 1.93 -43.58
N ARG A 157 -10.32 0.60 -43.53
CA ARG A 157 -11.39 -0.29 -43.15
C ARG A 157 -12.70 0.02 -43.84
N GLY A 158 -12.66 0.30 -45.12
CA GLY A 158 -13.92 0.54 -45.85
C GLY A 158 -14.45 1.97 -45.92
N THR A 159 -13.73 2.98 -45.44
CA THR A 159 -14.23 4.36 -45.56
C THR A 159 -13.11 5.27 -46.04
N PRO A 160 -13.44 6.32 -46.81
CA PRO A 160 -12.42 7.25 -47.24
C PRO A 160 -11.60 7.81 -46.08
N LEU A 161 -12.25 8.25 -45.01
CA LEU A 161 -11.56 8.70 -43.83
C LEU A 161 -11.28 7.48 -42.95
N PRO A 162 -10.01 7.18 -42.63
CA PRO A 162 -9.78 6.06 -41.75
C PRO A 162 -10.40 6.33 -40.35
N PRO A 163 -10.87 5.29 -39.66
CA PRO A 163 -11.58 5.54 -38.40
C PRO A 163 -10.68 6.13 -37.29
N TYR A 164 -9.38 5.87 -37.34
CA TYR A 164 -8.46 6.30 -36.26
C TYR A 164 -7.30 7.14 -36.85
N VAL A 165 -7.46 8.47 -36.77
CA VAL A 165 -6.47 9.46 -37.20
C VAL A 165 -6.19 10.45 -36.06
N ARG A 166 -5.09 11.21 -36.18
CA ARG A 166 -4.75 12.23 -35.20
C ARG A 166 -4.49 13.57 -35.89
N TYR A 167 -4.94 14.61 -35.21
CA TYR A 167 -4.68 16.02 -35.54
C TYR A 167 -3.58 16.50 -34.56
N LEU A 168 -3.27 17.78 -34.62
CA LEU A 168 -2.22 18.36 -33.80
C LEU A 168 -2.72 18.71 -32.43
N GLU A 169 -3.96 18.37 -32.17
CA GLU A 169 -4.58 18.46 -30.84
C GLU A 169 -5.47 17.22 -30.64
N PRO A 170 -5.62 16.78 -29.39
CA PRO A 170 -6.37 15.57 -29.09
C PRO A 170 -7.83 15.72 -29.54
N THR A 171 -8.37 14.66 -30.11
CA THR A 171 -9.74 14.63 -30.51
C THR A 171 -10.46 13.42 -29.97
N LEU A 172 -11.76 13.60 -29.78
CA LEU A 172 -12.67 12.52 -29.40
C LEU A 172 -13.94 12.58 -30.25
N PRO A 173 -14.60 11.44 -30.44
CA PRO A 173 -14.16 10.12 -30.06
C PRO A 173 -12.92 9.68 -30.84
N LEU A 174 -12.19 8.69 -30.32
CA LEU A 174 -11.01 8.15 -30.99
C LEU A 174 -11.41 7.63 -32.40
N ASN A 175 -12.56 6.96 -32.44
CA ASN A 175 -13.16 6.48 -33.70
C ASN A 175 -14.02 7.56 -34.27
N ASN A 176 -13.58 8.17 -35.36
CA ASN A 176 -14.31 9.34 -35.87
C ASN A 176 -15.64 8.91 -36.55
N ARG A 177 -15.96 7.62 -36.55
CA ARG A 177 -17.29 7.20 -37.05
C ARG A 177 -18.36 7.36 -35.95
N GLU A 178 -17.97 7.52 -34.70
CA GLU A 178 -18.97 7.75 -33.62
C GLU A 178 -19.26 9.26 -33.56
N THR A 179 -20.49 9.59 -33.24
CA THR A 179 -20.92 10.99 -33.18
C THR A 179 -20.44 11.55 -31.85
N PRO A 180 -19.78 12.71 -31.90
CA PRO A 180 -19.28 13.37 -30.72
C PRO A 180 -20.34 14.05 -29.88
N THR A 181 -20.13 14.08 -28.58
CA THR A 181 -20.95 14.89 -27.71
C THR A 181 -20.41 16.30 -27.79
N HIS A 182 -21.20 17.28 -27.35
CA HIS A 182 -20.75 18.68 -27.33
C HIS A 182 -19.36 18.90 -26.67
N VAL A 183 -19.18 18.29 -25.49
CA VAL A 183 -17.93 18.41 -24.69
C VAL A 183 -16.73 17.69 -25.36
N GLU A 184 -17.04 16.61 -26.08
CA GLU A 184 -16.03 15.91 -26.85
C GLU A 184 -15.48 16.80 -27.99
N ARG A 185 -16.31 17.69 -28.53
CA ARG A 185 -15.86 18.53 -29.64
C ARG A 185 -14.65 19.37 -29.28
N VAL A 186 -13.77 19.47 -30.26
CA VAL A 186 -12.51 20.13 -30.07
C VAL A 186 -12.67 21.63 -29.72
N GLU A 187 -13.82 22.21 -30.02
CA GLU A 187 -14.11 23.64 -29.73
C GLU A 187 -14.59 23.88 -28.32
N THR A 188 -15.05 22.81 -27.63
CA THR A 188 -15.48 22.96 -26.26
C THR A 188 -14.25 22.85 -25.35
N ARG A 189 -13.77 23.99 -24.87
CA ARG A 189 -12.52 24.07 -24.07
C ARG A 189 -12.59 23.26 -22.78
N SER A 190 -13.77 23.19 -22.19
CA SER A 190 -13.97 22.51 -20.92
C SER A 190 -13.74 21.01 -20.99
N GLY A 191 -13.59 20.48 -22.20
CA GLY A 191 -13.48 19.03 -22.43
C GLY A 191 -12.06 18.53 -22.66
N TYR A 192 -11.12 19.47 -22.65
CA TYR A 192 -9.75 19.23 -23.06
C TYR A 192 -9.07 18.08 -22.29
N VAL A 193 -9.21 18.08 -20.97
CA VAL A 193 -8.54 17.11 -20.15
C VAL A 193 -9.01 15.69 -20.45
N VAL A 194 -10.28 15.55 -20.78
CA VAL A 194 -10.84 14.25 -21.17
C VAL A 194 -10.32 13.85 -22.57
N ARG A 195 -10.16 14.83 -23.46
CA ARG A 195 -9.62 14.46 -24.77
C ARG A 195 -8.21 13.91 -24.58
N LEU A 196 -7.45 14.48 -23.64
CA LEU A 196 -6.07 14.02 -23.37
C LEU A 196 -6.12 12.64 -22.69
N ALA A 197 -6.96 12.51 -21.65
CA ALA A 197 -6.96 11.29 -20.85
C ALA A 197 -7.39 10.09 -21.68
N LYS A 198 -8.38 10.23 -22.53
CA LYS A 198 -8.76 9.07 -23.32
C LYS A 198 -7.76 8.61 -24.39
N TYR A 199 -6.75 9.42 -24.66
CA TYR A 199 -5.69 9.06 -25.59
C TYR A 199 -4.54 8.41 -24.82
N THR A 200 -4.51 8.57 -23.51
CA THR A 200 -3.46 7.97 -22.70
C THR A 200 -4.05 6.95 -21.70
N ALA A 201 -4.93 6.11 -22.22
CA ALA A 201 -5.55 5.04 -21.49
C ALA A 201 -6.22 5.52 -20.16
N TYR A 202 -6.85 6.69 -20.19
CA TYR A 202 -7.60 7.28 -19.06
C TYR A 202 -6.71 7.86 -17.96
N SER A 203 -5.42 7.94 -18.20
CA SER A 203 -4.53 8.54 -17.22
C SER A 203 -4.72 10.05 -17.19
N ALA A 204 -4.26 10.65 -16.12
CA ALA A 204 -4.22 12.11 -16.01
C ALA A 204 -2.95 12.76 -16.60
N LEU A 205 -2.18 12.02 -17.39
CA LEU A 205 -0.88 12.54 -17.83
C LEU A 205 -1.13 13.75 -18.71
N ASN A 206 -0.50 14.86 -18.38
CA ASN A 206 -0.84 16.16 -19.02
C ASN A 206 -0.03 16.48 -20.27
N TYR A 207 0.02 15.50 -21.15
CA TYR A 207 0.86 15.51 -22.36
C TYR A 207 0.14 14.76 -23.45
N ASP A 208 0.28 15.29 -24.65
CA ASP A 208 -0.20 14.65 -25.88
C ASP A 208 0.97 13.94 -26.62
N PRO A 209 1.09 12.65 -26.48
CA PRO A 209 2.23 11.97 -27.02
C PRO A 209 2.23 11.93 -28.56
N PHE A 210 1.08 12.15 -29.20
CA PHE A 210 1.09 12.14 -30.68
C PHE A 210 1.95 13.32 -31.28
N THR A 211 1.58 14.56 -30.96
CA THR A 211 2.30 15.71 -31.45
C THR A 211 3.73 15.63 -30.91
N MET A 212 3.95 15.15 -29.68
CA MET A 212 5.31 15.19 -29.11
C MET A 212 6.29 14.22 -29.77
N PHE A 213 5.81 13.03 -30.12
CA PHE A 213 6.70 11.89 -30.47
C PHE A 213 6.47 11.23 -31.85
N LEU A 214 5.27 11.36 -32.43
CA LEU A 214 4.91 10.55 -33.59
C LEU A 214 4.69 11.37 -34.82
N ALA A 215 4.43 12.66 -34.65
CA ALA A 215 4.27 13.58 -35.76
C ALA A 215 5.59 13.79 -36.54
N ASN A 216 6.67 13.74 -35.82
CA ASN A 216 7.95 13.92 -36.43
C ASN A 216 9.04 13.36 -35.51
N ASP A 217 10.27 13.60 -35.91
CA ASP A 217 11.40 13.05 -35.20
C ASP A 217 12.17 14.04 -34.32
N LYS A 218 11.53 15.04 -33.74
CA LYS A 218 12.24 16.05 -32.93
C LYS A 218 12.55 15.64 -31.49
N ARG A 219 11.86 14.65 -30.92
N ARG A 219 11.82 14.68 -30.92
CA ARG A 219 12.07 14.35 -29.52
CA ARG A 219 12.01 14.34 -29.50
C ARG A 219 12.51 12.93 -29.30
C ARG A 219 12.56 12.94 -29.33
N GLN A 220 13.28 12.76 -28.22
CA GLN A 220 13.82 11.48 -27.85
C GLN A 220 12.84 10.82 -26.86
N VAL A 221 12.50 9.55 -27.11
CA VAL A 221 11.57 8.83 -26.23
C VAL A 221 12.30 8.46 -24.92
N ARG A 222 13.57 8.11 -25.04
CA ARG A 222 14.34 7.68 -23.89
C ARG A 222 14.59 8.78 -22.89
N VAL A 223 14.47 8.44 -21.61
CA VAL A 223 14.50 9.38 -20.50
C VAL A 223 15.31 8.87 -19.31
N VAL A 224 15.70 7.59 -19.32
CA VAL A 224 16.39 7.00 -18.18
C VAL A 224 17.91 7.02 -18.36
N PRO A 225 18.65 7.42 -17.32
CA PRO A 225 20.11 7.33 -17.45
C PRO A 225 20.64 5.91 -17.61
N GLN A 226 21.76 5.81 -18.29
CA GLN A 226 22.44 4.54 -18.52
C GLN A 226 23.68 4.36 -17.73
N THR A 227 23.83 5.11 -16.62
CA THR A 227 24.86 4.88 -15.63
C THR A 227 24.23 4.90 -14.29
N ALA A 228 24.85 4.25 -13.30
CA ALA A 228 24.45 4.27 -11.92
C ALA A 228 24.48 5.65 -11.29
N LEU A 229 25.56 6.38 -11.51
CA LEU A 229 25.79 7.66 -10.87
C LEU A 229 25.54 8.77 -11.86
N PRO A 230 25.20 9.97 -11.36
CA PRO A 230 25.00 11.08 -12.32
C PRO A 230 26.28 11.70 -12.89
N LEU A 231 26.34 11.84 -14.21
CA LEU A 231 27.45 12.44 -14.91
C LEU A 231 27.49 13.98 -14.69
N VAL A 232 28.62 14.47 -14.23
CA VAL A 232 28.95 15.89 -14.11
C VAL A 232 28.92 16.50 -15.50
N GLY A 233 28.03 17.48 -15.67
CA GLY A 233 27.93 18.20 -16.94
C GLY A 233 26.61 17.99 -17.59
N VAL A 234 25.85 16.98 -17.16
CA VAL A 234 24.50 16.83 -17.71
C VAL A 234 23.45 16.69 -16.59
N SER A 235 23.82 16.87 -15.31
CA SER A 235 22.93 16.49 -14.21
C SER A 235 22.51 17.62 -13.29
N ARG A 236 22.82 18.88 -13.61
CA ARG A 236 22.44 19.98 -12.73
C ARG A 236 21.80 21.16 -13.51
N GLY A 237 20.77 21.74 -12.91
CA GLY A 237 20.11 22.93 -13.40
C GLY A 237 19.58 22.80 -14.80
N LYS A 238 19.93 23.77 -15.63
CA LYS A 238 19.44 23.76 -17.01
C LYS A 238 20.09 22.70 -17.88
N GLU A 239 21.06 21.96 -17.37
CA GLU A 239 21.65 20.84 -18.10
C GLU A 239 20.68 19.70 -18.25
N ARG A 240 19.79 19.55 -17.28
CA ARG A 240 18.90 18.41 -17.15
C ARG A 240 17.66 18.56 -18.02
N ARG A 241 17.19 17.45 -18.52
CA ARG A 241 15.82 17.38 -19.05
C ARG A 241 14.84 17.61 -17.89
N PRO A 242 13.75 18.31 -18.16
CA PRO A 242 12.78 18.47 -17.07
C PRO A 242 12.05 17.13 -16.81
N LEU A 243 11.56 16.94 -15.59
CA LEU A 243 10.86 15.69 -15.28
C LEU A 243 9.65 15.54 -16.20
N SER A 244 9.13 16.62 -16.75
CA SER A 244 8.07 16.48 -17.68
C SER A 244 8.37 15.48 -18.83
N ASP A 245 9.63 15.35 -19.25
CA ASP A 245 9.93 14.40 -20.31
C ASP A 245 9.61 12.97 -19.86
N ALA A 246 9.82 12.67 -18.59
CA ALA A 246 9.50 11.34 -18.11
C ALA A 246 7.98 11.14 -18.10
N TYR A 247 7.21 12.18 -17.77
CA TYR A 247 5.75 12.00 -17.78
C TYR A 247 5.27 11.79 -19.22
N ALA A 248 5.91 12.48 -20.15
CA ALA A 248 5.50 12.47 -21.56
C ALA A 248 5.79 11.12 -22.20
N THR A 249 6.92 10.52 -21.87
CA THR A 249 7.24 9.15 -22.29
C THR A 249 6.29 8.14 -21.69
N PHE A 250 5.99 8.26 -20.40
CA PHE A 250 4.97 7.43 -19.81
C PHE A 250 3.61 7.57 -20.59
N ALA A 251 3.19 8.78 -20.95
CA ALA A 251 1.98 9.03 -21.72
C ALA A 251 2.02 8.28 -23.04
N LEU A 252 3.17 8.34 -23.72
CA LEU A 252 3.30 7.68 -25.00
C LEU A 252 3.12 6.21 -24.80
N MET A 253 3.69 5.72 -23.74
CA MET A 253 3.71 4.29 -23.52
C MET A 253 2.29 3.77 -23.16
N MET A 254 1.55 4.60 -22.44
CA MET A 254 0.13 4.31 -22.09
C MET A 254 -0.67 4.28 -23.41
N SER A 255 -0.44 5.26 -24.25
CA SER A 255 -1.13 5.35 -25.55
C SER A 255 -0.84 4.16 -26.46
N ILE A 256 0.44 3.83 -26.57
CA ILE A 256 0.86 2.68 -27.38
C ILE A 256 0.26 1.38 -26.86
N SER A 257 0.29 1.19 -25.53
CA SER A 257 -0.23 0.03 -24.96
C SER A 257 -1.71 -0.12 -25.31
N ASP A 258 -2.46 0.93 -25.13
CA ASP A 258 -3.89 0.91 -25.39
C ASP A 258 -4.14 0.74 -26.89
N SER A 259 -3.28 1.31 -27.73
CA SER A 259 -3.44 1.23 -29.21
C SER A 259 -3.25 -0.18 -29.72
N LEU A 260 -2.46 -0.97 -29.00
CA LEU A 260 -2.31 -2.38 -29.35
C LEU A 260 -3.12 -3.33 -28.54
N GLY A 261 -3.91 -2.82 -27.61
CA GLY A 261 -4.69 -3.71 -26.77
C GLY A 261 -3.75 -4.56 -25.94
N THR A 262 -2.68 -3.96 -25.41
CA THR A 262 -1.78 -4.78 -24.59
C THR A 262 -1.28 -3.99 -23.36
N ASN A 263 -0.37 -4.62 -22.62
CA ASN A 263 0.28 -3.95 -21.47
C ASN A 263 1.82 -3.90 -21.59
N CYS A 264 2.47 -3.30 -20.60
CA CYS A 264 3.87 -3.01 -20.68
C CYS A 264 4.74 -4.26 -20.81
N THR A 265 4.27 -5.38 -20.25
CA THR A 265 5.06 -6.59 -20.25
C THR A 265 5.07 -7.31 -21.57
N PHE A 266 4.34 -6.78 -22.56
CA PHE A 266 4.41 -7.32 -23.88
C PHE A 266 5.80 -7.01 -24.48
N CYS A 267 6.41 -5.88 -24.05
CA CYS A 267 7.68 -5.40 -24.62
C CYS A 267 8.85 -5.35 -23.60
N HIS A 268 8.50 -5.17 -22.33
CA HIS A 268 9.47 -4.87 -21.30
C HIS A 268 9.34 -5.79 -20.08
N ASN A 269 10.46 -6.03 -19.43
CA ASN A 269 10.55 -6.42 -18.02
C ASN A 269 10.72 -5.13 -17.29
N ALA A 270 9.72 -4.79 -16.51
CA ALA A 270 9.68 -3.52 -15.77
C ALA A 270 10.83 -3.42 -14.77
N GLN A 271 11.52 -4.51 -14.51
CA GLN A 271 12.78 -4.40 -13.74
C GLN A 271 13.69 -3.27 -14.28
N SER A 272 13.75 -3.19 -15.61
CA SER A 272 14.50 -2.13 -16.26
C SER A 272 13.92 -1.85 -17.63
N PHE A 273 13.03 -0.87 -17.66
CA PHE A 273 12.44 -0.39 -18.89
C PHE A 273 13.52 0.00 -19.89
N GLU A 274 14.64 0.48 -19.38
CA GLU A 274 15.68 1.09 -20.19
C GLU A 274 16.65 0.10 -20.81
N THR A 275 16.45 -1.18 -20.56
CA THR A 275 17.45 -2.15 -20.92
C THR A 275 16.90 -3.11 -21.99
N TRP A 276 17.76 -3.45 -22.93
CA TRP A 276 17.41 -4.31 -24.04
C TRP A 276 17.90 -5.71 -23.71
N GLY A 277 18.35 -6.48 -24.67
CA GLY A 277 18.86 -7.82 -24.32
C GLY A 277 17.77 -8.65 -23.66
N LYS A 278 18.08 -9.21 -22.50
CA LYS A 278 17.17 -10.15 -21.85
C LYS A 278 16.03 -9.40 -21.15
N LYS A 279 16.08 -8.07 -21.10
CA LYS A 279 15.09 -7.33 -20.36
C LYS A 279 14.01 -6.82 -21.30
N SER A 280 14.12 -7.12 -22.58
CA SER A 280 13.15 -6.70 -23.58
C SER A 280 12.76 -7.86 -24.49
N THR A 281 11.55 -7.80 -25.03
CA THR A 281 11.07 -8.90 -25.91
C THR A 281 11.29 -8.51 -27.36
N PRO A 282 11.27 -9.49 -28.26
CA PRO A 282 11.38 -9.11 -29.69
C PRO A 282 10.33 -8.08 -30.15
N GLN A 283 9.13 -8.07 -29.55
CA GLN A 283 8.09 -7.11 -29.85
C GLN A 283 8.52 -5.66 -29.57
N ARG A 284 9.38 -5.47 -28.60
CA ARG A 284 9.90 -4.13 -28.33
C ARG A 284 10.75 -3.59 -29.47
N ALA A 285 11.60 -4.42 -30.05
CA ALA A 285 12.43 -3.95 -31.20
C ALA A 285 11.46 -3.65 -32.36
N ILE A 286 10.45 -4.47 -32.55
CA ILE A 286 9.45 -4.25 -33.64
C ILE A 286 8.73 -2.91 -33.46
N ALA A 287 8.40 -2.62 -32.20
CA ALA A 287 7.81 -1.35 -31.83
C ALA A 287 8.73 -0.15 -32.17
N TRP A 288 10.01 -0.29 -31.84
CA TRP A 288 11.01 0.74 -32.12
C TRP A 288 11.00 1.06 -33.60
N TRP A 289 11.01 0.03 -34.46
CA TRP A 289 10.89 0.31 -35.91
C TRP A 289 9.60 0.99 -36.31
N GLY A 290 8.51 0.68 -35.57
CA GLY A 290 7.19 1.21 -35.80
C GLY A 290 7.19 2.70 -35.56
N ILE A 291 7.89 3.17 -34.54
CA ILE A 291 7.96 4.60 -34.29
C ILE A 291 8.62 5.33 -35.48
N ARG A 292 9.67 4.72 -36.02
CA ARG A 292 10.42 5.32 -37.13
C ARG A 292 9.56 5.29 -38.38
N MET A 293 8.87 4.18 -38.56
CA MET A 293 7.97 4.03 -39.72
C MET A 293 6.89 5.08 -39.70
N VAL A 294 6.29 5.29 -38.52
CA VAL A 294 5.16 6.24 -38.38
C VAL A 294 5.62 7.69 -38.63
N ARG A 295 6.79 8.03 -38.10
CA ARG A 295 7.36 9.42 -38.31
C ARG A 295 7.62 9.66 -39.78
N ASP A 296 8.18 8.66 -40.46
CA ASP A 296 8.37 8.74 -41.91
C ASP A 296 7.04 8.98 -42.68
N MET A 297 6.04 8.16 -42.39
CA MET A 297 4.71 8.26 -43.00
C MET A 297 4.14 9.66 -42.79
N ASN A 298 4.21 10.10 -41.57
CA ASN A 298 3.65 11.37 -41.18
C ASN A 298 4.42 12.55 -41.78
N MET A 299 5.74 12.61 -41.65
CA MET A 299 6.48 13.78 -42.20
C MET A 299 6.48 13.78 -43.72
N ASN A 300 6.65 12.62 -44.34
CA ASN A 300 6.92 12.55 -45.79
C ASN A 300 5.78 12.17 -46.71
N TYR A 301 4.70 11.63 -46.16
CA TYR A 301 3.54 11.23 -46.94
C TYR A 301 2.27 11.93 -46.50
N LEU A 302 1.94 11.91 -45.21
CA LEU A 302 0.64 12.38 -44.75
C LEU A 302 0.54 13.90 -44.50
N ALA A 303 1.46 14.47 -43.74
CA ALA A 303 1.45 15.94 -43.43
C ALA A 303 1.34 16.79 -44.66
N PRO A 304 2.13 16.47 -45.71
CA PRO A 304 2.08 17.35 -46.89
C PRO A 304 0.81 17.28 -47.72
N LEU A 305 -0.10 16.37 -47.41
CA LEU A 305 -1.42 16.33 -48.09
C LEU A 305 -2.29 17.53 -47.76
N ASN A 306 -1.89 18.34 -46.78
CA ASN A 306 -2.67 19.56 -46.47
C ASN A 306 -2.76 20.58 -47.59
N THR A 307 -1.92 20.45 -48.60
CA THR A 307 -2.02 21.32 -49.75
C THR A 307 -3.01 20.77 -50.81
N VAL A 308 -3.47 19.54 -50.62
CA VAL A 308 -4.37 18.82 -51.56
C VAL A 308 -5.75 18.54 -50.98
N LEU A 309 -5.85 18.24 -49.68
CA LEU A 309 -7.14 17.95 -49.03
C LEU A 309 -7.98 19.23 -49.00
N PRO A 310 -9.32 19.08 -49.00
CA PRO A 310 -10.17 20.28 -48.83
C PRO A 310 -10.04 20.81 -47.42
N ALA A 311 -10.25 22.11 -47.24
CA ALA A 311 -10.29 22.74 -45.91
C ALA A 311 -11.09 21.91 -44.90
N SER A 312 -12.17 21.28 -45.37
CA SER A 312 -13.12 20.58 -44.50
C SER A 312 -12.47 19.36 -43.84
N ARG A 313 -11.41 18.83 -44.45
CA ARG A 313 -10.63 17.72 -43.88
C ARG A 313 -9.52 18.08 -42.94
N LEU A 314 -9.18 19.36 -42.86
CA LEU A 314 -8.04 19.76 -42.10
C LEU A 314 -8.44 20.04 -40.64
N GLY A 315 -7.49 19.89 -39.73
CA GLY A 315 -7.68 20.36 -38.36
C GLY A 315 -7.57 21.91 -38.30
N ARG A 316 -7.60 22.44 -37.09
CA ARG A 316 -7.78 23.87 -36.86
C ARG A 316 -6.48 24.66 -37.10
N GLN A 317 -5.36 23.95 -37.18
CA GLN A 317 -4.09 24.56 -37.52
C GLN A 317 -3.71 24.26 -38.98
N GLY A 318 -4.69 23.91 -39.82
CA GLY A 318 -4.45 23.61 -41.25
C GLY A 318 -3.72 22.30 -41.55
N GLU A 319 -3.72 21.36 -40.61
CA GLU A 319 -2.97 20.10 -40.75
C GLU A 319 -3.85 19.00 -41.33
N ALA A 320 -3.23 18.11 -42.10
CA ALA A 320 -3.88 16.87 -42.55
C ALA A 320 -3.93 15.92 -41.36
N PRO A 321 -5.00 15.11 -41.27
CA PRO A 321 -5.01 14.04 -40.30
C PRO A 321 -3.82 13.12 -40.53
N GLN A 322 -3.25 12.59 -39.46
CA GLN A 322 -2.05 11.76 -39.56
C GLN A 322 -2.23 10.41 -38.85
N ALA A 323 -1.22 9.54 -38.95
CA ALA A 323 -1.27 8.17 -38.44
C ALA A 323 -0.58 8.03 -37.06
N ASP A 324 -1.12 7.18 -36.22
CA ASP A 324 -0.44 6.69 -35.03
C ASP A 324 -0.46 5.17 -35.03
N CYS A 325 -0.07 4.54 -33.94
CA CYS A 325 -0.09 3.09 -33.88
C CYS A 325 -1.51 2.52 -34.13
N ARG A 326 -2.52 3.19 -33.55
CA ARG A 326 -3.89 2.73 -33.55
C ARG A 326 -4.47 2.71 -34.96
N THR A 327 -4.01 3.62 -35.78
CA THR A 327 -4.50 3.75 -37.15
C THR A 327 -4.48 2.41 -37.82
N CYS A 328 -3.46 1.59 -37.57
CA CYS A 328 -3.42 0.24 -38.18
C CYS A 328 -3.89 -0.83 -37.21
N HIS A 329 -3.42 -0.75 -35.98
CA HIS A 329 -3.56 -1.82 -35.05
C HIS A 329 -4.96 -1.91 -34.46
N GLN A 330 -5.57 -0.76 -34.22
CA GLN A 330 -6.94 -0.72 -33.78
C GLN A 330 -7.20 -1.64 -32.62
N GLY A 331 -6.31 -1.60 -31.59
CA GLY A 331 -6.51 -2.34 -30.38
C GLY A 331 -6.04 -3.79 -30.39
N VAL A 332 -5.23 -4.20 -31.38
CA VAL A 332 -4.77 -5.59 -31.56
C VAL A 332 -3.24 -5.55 -31.73
N THR A 333 -2.50 -6.53 -31.20
CA THR A 333 -1.02 -6.46 -31.18
C THR A 333 -0.42 -6.64 -32.59
N LYS A 334 -1.19 -7.28 -33.48
CA LYS A 334 -0.93 -7.25 -34.91
C LYS A 334 -2.19 -6.77 -35.64
N PRO A 335 -2.06 -5.78 -36.55
CA PRO A 335 -3.30 -5.39 -37.20
C PRO A 335 -4.05 -6.57 -37.80
N LEU A 336 -5.37 -6.62 -37.59
CA LEU A 336 -6.22 -7.62 -38.21
C LEU A 336 -5.77 -9.02 -37.81
N PHE A 337 -5.21 -9.16 -36.62
CA PHE A 337 -4.71 -10.43 -36.13
C PHE A 337 -3.69 -11.07 -37.10
N GLY A 338 -2.94 -10.28 -37.86
CA GLY A 338 -1.92 -10.88 -38.70
C GLY A 338 -2.40 -11.28 -40.09
N ALA A 339 -3.66 -11.03 -40.43
CA ALA A 339 -4.16 -11.25 -41.80
C ALA A 339 -3.30 -10.50 -42.79
N SER A 340 -3.05 -11.10 -43.95
CA SER A 340 -2.18 -10.54 -44.96
C SER A 340 -2.81 -10.70 -46.35
N ARG A 341 -2.45 -9.80 -47.26
CA ARG A 341 -2.86 -9.89 -48.66
C ARG A 341 -1.63 -9.69 -49.55
N LEU A 342 -0.46 -9.82 -48.95
CA LEU A 342 0.80 -9.43 -49.59
C LEU A 342 1.06 -10.16 -50.89
N GLN A 343 0.85 -11.48 -50.91
CA GLN A 343 1.04 -12.24 -52.15
C GLN A 343 -0.13 -12.15 -53.11
N ASP A 344 -1.29 -11.71 -52.61
CA ASP A 344 -2.48 -11.51 -53.45
C ASP A 344 -2.36 -10.22 -54.28
N TYR A 345 -1.61 -9.25 -53.76
CA TYR A 345 -1.54 -7.93 -54.35
C TYR A 345 -0.08 -7.41 -54.33
N PRO A 346 0.78 -8.00 -55.18
CA PRO A 346 2.21 -7.70 -55.10
C PRO A 346 2.57 -6.32 -55.58
N GLU A 347 1.71 -5.71 -56.37
CA GLU A 347 1.83 -4.31 -56.73
C GLU A 347 1.80 -3.33 -55.56
N LEU A 348 1.37 -3.76 -54.39
CA LEU A 348 1.50 -2.96 -53.18
C LEU A 348 2.81 -3.16 -52.41
N GLY A 349 3.72 -4.01 -52.92
CA GLY A 349 5.02 -4.23 -52.30
C GLY A 349 5.22 -5.62 -51.70
N PRO A 350 6.48 -5.98 -51.41
CA PRO A 350 7.71 -5.21 -51.62
C PRO A 350 8.04 -5.05 -53.11
N ILE A 351 8.47 -3.86 -53.52
CA ILE A 351 8.85 -3.59 -54.92
C ILE A 351 10.36 -3.82 -55.12
N LYS A 352 10.71 -4.72 -56.04
CA LYS A 352 12.11 -4.97 -56.38
C LYS A 352 12.79 -3.73 -57.01
N ALA A 353 14.05 -3.50 -56.62
CA ALA A 353 14.94 -2.47 -57.22
C ALA A 353 15.15 -2.60 -58.76
N ALA A 354 15.64 -1.51 -59.36
CA ALA A 354 16.05 -1.47 -60.80
C ALA A 354 14.89 -1.35 -61.80
N FME B 1 33.51 12.77 -15.19
CN FME B 1 33.45 11.56 -15.90
CN FME B 1 33.56 11.53 -15.82
O1 FME B 1 34.02 10.53 -15.51
O1 FME B 1 34.65 10.98 -16.05
CA FME B 1 33.41 12.55 -13.72
CA FME B 1 33.40 12.62 -13.72
CB FME B 1 34.14 13.57 -12.83
CB FME B 1 34.02 13.88 -13.14
CG FME B 1 33.93 15.07 -13.12
CG FME B 1 35.50 14.00 -13.54
SD FME B 1 35.04 16.06 -12.13
SD FME B 1 36.06 15.68 -13.61
CE FME B 1 34.06 16.90 -10.90
CE FME B 1 37.80 15.56 -13.28
C FME B 1 31.96 12.37 -13.28
O FME B 1 31.00 12.70 -14.01
N TYR B 2 31.77 11.80 -12.11
CA TYR B 2 30.42 11.47 -11.63
C TYR B 2 30.14 12.06 -10.30
N HIS B 3 28.96 12.68 -10.11
CA HIS B 3 28.52 13.15 -8.77
C HIS B 3 28.42 11.89 -7.91
N GLY B 4 28.83 11.98 -6.65
CA GLY B 4 28.77 10.82 -5.76
C GLY B 4 29.93 9.83 -5.77
N ALA B 5 30.79 9.89 -6.80
CA ALA B 5 31.92 8.98 -6.90
C ALA B 5 32.98 9.39 -5.86
N LEU B 6 33.55 8.42 -5.17
CA LEU B 6 34.66 8.65 -4.24
C LEU B 6 35.91 7.87 -4.65
N ALA B 7 36.99 8.07 -3.90
CA ALA B 7 38.21 7.29 -4.09
C ALA B 7 37.95 5.82 -3.79
N GLN B 8 38.78 4.96 -4.38
CA GLN B 8 38.76 3.53 -4.05
C GLN B 8 37.49 2.81 -4.49
N HIS B 9 36.85 3.31 -5.55
CA HIS B 9 35.65 2.71 -6.15
C HIS B 9 34.37 2.80 -5.28
N LEU B 10 34.41 3.67 -4.28
CA LEU B 10 33.29 3.91 -3.38
C LEU B 10 32.37 4.99 -3.99
N ASP B 11 31.13 4.99 -3.57
CA ASP B 11 30.25 6.10 -3.83
C ASP B 11 29.49 6.45 -2.56
N ILE B 12 28.96 7.66 -2.55
CA ILE B 12 28.32 8.21 -1.35
C ILE B 12 27.15 7.36 -0.94
N ALA B 13 26.28 6.96 -1.87
CA ALA B 13 25.09 6.20 -1.42
C ALA B 13 25.53 4.89 -0.77
N GLN B 14 26.60 4.31 -1.27
CA GLN B 14 27.09 3.06 -0.74
C GLN B 14 27.52 3.25 0.70
N LEU B 15 28.17 4.35 0.99
CA LEU B 15 28.59 4.59 2.36
C LEU B 15 27.35 4.79 3.21
N VAL B 16 26.35 5.50 2.68
CA VAL B 16 25.13 5.76 3.46
C VAL B 16 24.38 4.46 3.75
N TRP B 17 24.42 3.51 2.84
CA TRP B 17 23.88 2.17 3.15
C TRP B 17 24.38 1.61 4.46
N TYR B 18 25.69 1.66 4.66
CA TYR B 18 26.34 1.11 5.87
C TYR B 18 25.97 1.94 7.06
N ALA B 19 25.99 3.26 6.92
CA ALA B 19 25.65 4.13 8.01
C ALA B 19 24.22 3.92 8.48
N GLN B 20 23.29 3.70 7.56
CA GLN B 20 21.92 3.55 7.93
C GLN B 20 21.72 2.26 8.73
N TRP B 21 22.34 1.16 8.33
CA TRP B 21 22.26 -0.07 9.12
C TRP B 21 22.86 0.14 10.49
N LEU B 22 23.95 0.89 10.58
CA LEU B 22 24.59 1.17 11.91
C LEU B 22 23.64 1.95 12.82
N VAL B 23 23.02 3.01 12.29
CA VAL B 23 22.03 3.77 13.04
C VAL B 23 20.90 2.87 13.49
N ILE B 24 20.39 2.09 12.58
CA ILE B 24 19.26 1.24 12.94
C ILE B 24 19.64 0.24 14.02
N TRP B 25 20.80 -0.41 13.91
CA TRP B 25 21.13 -1.45 14.91
C TRP B 25 21.51 -0.82 16.23
N THR B 26 22.06 0.37 16.20
CA THR B 26 22.40 1.06 17.41
C THR B 26 21.16 1.43 18.19
N VAL B 27 20.13 1.96 17.53
CA VAL B 27 18.91 2.39 18.20
C VAL B 27 18.18 1.17 18.66
N VAL B 28 18.05 0.19 17.79
CA VAL B 28 17.36 -1.03 18.22
C VAL B 28 17.99 -1.77 19.39
N LEU B 29 19.29 -2.04 19.28
CA LEU B 29 20.00 -2.88 20.28
C LEU B 29 20.38 -2.11 21.52
N LEU B 30 20.98 -0.93 21.34
CA LEU B 30 21.52 -0.20 22.45
C LEU B 30 20.46 0.64 23.15
N TYR B 31 19.45 1.09 22.42
CA TYR B 31 18.44 1.90 23.05
C TYR B 31 17.15 1.17 23.32
N LEU B 32 16.41 0.82 22.27
CA LEU B 32 15.13 0.12 22.45
C LEU B 32 15.14 -1.17 23.24
N ARG B 33 16.08 -2.06 22.94
CA ARG B 33 16.14 -3.34 23.62
C ARG B 33 16.51 -3.20 25.09
N ARG B 34 17.19 -2.15 25.46
CA ARG B 34 17.43 -1.87 26.90
C ARG B 34 16.22 -1.24 27.59
N GLU B 35 15.47 -0.37 26.91
CA GLU B 35 14.21 0.15 27.43
C GLU B 35 13.25 -1.04 27.73
N ASP B 36 13.35 -2.04 26.89
CA ASP B 36 12.56 -3.30 27.05
C ASP B 36 12.87 -4.02 28.35
N ARG B 37 13.95 -3.65 29.01
CA ARG B 37 14.35 -4.34 30.23
C ARG B 37 14.19 -3.53 31.49
N ARG B 38 13.35 -2.49 31.44
CA ARG B 38 12.95 -1.81 32.68
C ARG B 38 12.02 -2.57 33.62
N GLU B 39 11.47 -3.68 33.14
CA GLU B 39 10.64 -4.57 33.98
C GLU B 39 11.14 -6.00 33.88
N GLY B 40 11.14 -6.72 35.00
CA GLY B 40 11.37 -8.18 34.97
C GLY B 40 12.82 -8.61 35.12
N TYR B 41 13.76 -7.66 35.04
CA TYR B 41 15.20 -7.95 35.01
C TYR B 41 15.90 -7.49 36.27
N PRO B 42 17.01 -8.15 36.64
CA PRO B 42 17.62 -9.28 35.97
C PRO B 42 16.83 -10.58 36.11
N LEU B 43 17.06 -11.48 35.17
CA LEU B 43 16.40 -12.76 35.13
C LEU B 43 16.69 -13.53 36.40
N VAL B 44 15.88 -14.55 36.66
CA VAL B 44 15.90 -15.28 37.92
C VAL B 44 16.31 -16.72 37.60
N GLU B 45 17.22 -17.30 38.39
CA GLU B 45 17.84 -18.63 38.10
C GLU B 45 17.09 -19.78 38.76
N PRO B 46 16.98 -20.82 37.97
CA PRO B 46 16.23 -21.91 38.54
C PRO B 46 16.90 -22.56 39.76
N LEU B 47 18.22 -22.76 39.68
CA LEU B 47 19.01 -23.31 40.79
C LEU B 47 19.71 -22.18 41.58
N GLY B 48 21.04 -22.25 41.72
CA GLY B 48 21.79 -21.26 42.49
C GLY B 48 22.20 -20.04 41.68
N LEU B 49 23.12 -19.26 42.25
CA LEU B 49 23.59 -18.00 41.64
C LEU B 49 22.64 -16.82 41.91
N VAL B 50 23.11 -15.61 41.59
CA VAL B 50 22.40 -14.36 41.90
C VAL B 50 22.88 -13.80 43.24
N LYS B 51 23.45 -12.60 43.22
CA LYS B 51 24.11 -11.98 44.39
C LYS B 51 25.54 -12.52 44.61
N LEU B 52 25.68 -13.85 44.60
CA LEU B 52 27.00 -14.52 44.63
C LEU B 52 28.01 -13.81 43.75
N ALA B 53 27.59 -13.51 42.53
CA ALA B 53 28.39 -12.81 41.54
C ALA B 53 27.57 -12.58 40.37
N PRO B 54 26.85 -11.51 40.16
CA PRO B 54 26.16 -11.20 38.89
C PRO B 54 27.07 -11.13 37.66
N GLU B 55 26.64 -11.77 36.58
CA GLU B 55 27.34 -11.69 35.32
C GLU B 55 27.43 -10.25 34.79
N ASP B 56 28.51 -10.02 34.05
CA ASP B 56 28.76 -8.75 33.42
C ASP B 56 27.52 -8.46 32.54
N GLY B 57 27.01 -9.49 31.86
CA GLY B 57 25.88 -9.37 30.92
C GLY B 57 24.62 -8.82 31.56
N GLN B 58 24.46 -9.09 32.84
CA GLN B 58 23.30 -8.63 33.54
C GLN B 58 23.35 -7.11 33.76
N VAL B 59 24.54 -6.54 33.79
CA VAL B 59 24.71 -5.08 33.86
C VAL B 59 24.62 -4.47 32.45
N TYR B 60 25.22 -5.11 31.47
CA TYR B 60 25.29 -4.51 30.15
C TYR B 60 23.91 -4.34 29.53
N GLU B 61 23.00 -5.27 29.76
CA GLU B 61 21.67 -5.23 29.14
C GLU B 61 20.69 -4.24 29.80
N LEU B 62 21.00 -3.74 31.00
CA LEU B 62 20.15 -2.79 31.68
C LEU B 62 20.42 -1.33 31.30
N PRO B 63 19.34 -0.52 31.12
CA PRO B 63 19.57 0.93 31.02
C PRO B 63 19.83 1.51 32.41
N TYR B 64 20.42 2.71 32.46
CA TYR B 64 20.42 3.51 33.70
C TYR B 64 18.94 3.71 34.19
N PRO B 65 18.69 3.63 35.51
CA PRO B 65 17.34 3.80 36.06
C PRO B 65 16.80 5.18 35.81
N LYS B 66 15.49 5.23 35.60
CA LYS B 66 14.77 6.49 35.46
C LYS B 66 13.79 6.56 36.61
N THR B 67 13.49 7.78 37.00
CA THR B 67 12.54 8.01 38.06
C THR B 67 11.32 8.80 37.52
N PHE B 68 10.14 8.26 37.72
CA PHE B 68 8.89 8.96 37.41
C PHE B 68 8.47 9.74 38.65
N VAL B 69 8.16 11.02 38.50
CA VAL B 69 7.52 11.74 39.56
C VAL B 69 6.00 11.68 39.37
N LEU B 70 5.37 11.07 40.35
CA LEU B 70 3.95 10.77 40.30
C LEU B 70 3.07 12.01 40.48
N PRO B 71 1.90 12.01 39.81
CA PRO B 71 0.95 13.14 39.84
C PRO B 71 0.46 13.53 41.23
N HIS B 72 0.38 12.59 42.15
CA HIS B 72 -0.17 12.87 43.48
C HIS B 72 0.81 12.58 44.60
N GLY B 73 2.13 12.65 44.31
CA GLY B 73 3.19 12.53 45.31
C GLY B 73 3.96 11.22 45.20
N GLY B 74 5.22 11.20 45.59
CA GLY B 74 6.02 9.99 45.54
C GLY B 74 6.64 9.82 44.16
N THR B 75 7.47 8.79 44.02
CA THR B 75 8.23 8.59 42.81
C THR B 75 8.37 7.10 42.65
N VAL B 76 8.70 6.66 41.45
CA VAL B 76 8.90 5.26 41.15
C VAL B 76 10.12 5.20 40.23
N THR B 77 11.02 4.27 40.52
CA THR B 77 12.30 4.16 39.79
C THR B 77 12.33 2.81 39.12
N VAL B 78 12.63 2.80 37.83
CA VAL B 78 12.75 1.52 37.11
C VAL B 78 14.01 1.52 36.22
N PRO B 79 14.66 0.34 36.07
CA PRO B 79 14.39 -0.92 36.74
C PRO B 79 14.83 -0.80 38.19
N ARG B 80 14.32 -1.70 38.99
CA ARG B 80 14.77 -1.86 40.37
C ARG B 80 14.48 -3.31 40.81
N ARG B 81 15.07 -3.71 41.92
CA ARG B 81 14.90 -5.08 42.43
CA ARG B 81 14.90 -5.06 42.49
C ARG B 81 13.47 -5.31 42.89
N ARG B 82 12.84 -6.33 42.31
CA ARG B 82 11.48 -6.71 42.70
C ARG B 82 11.30 -8.23 42.84
N PRO B 83 12.13 -8.88 43.67
CA PRO B 83 11.88 -10.32 43.95
C PRO B 83 10.44 -10.56 44.47
N GLU B 84 9.86 -11.71 44.14
CA GLU B 84 8.47 -12.00 44.55
C GLU B 84 8.49 -13.00 45.71
N THR B 85 7.84 -12.63 46.81
CA THR B 85 7.97 -13.34 48.08
C THR B 85 6.99 -14.51 48.22
N ARG B 86 5.72 -14.25 47.90
CA ARG B 86 4.62 -15.15 48.28
C ARG B 86 4.97 -16.57 47.88
N GLU B 87 4.90 -17.53 48.82
CA GLU B 87 5.17 -18.92 48.48
C GLU B 87 4.14 -19.26 47.43
N LEU B 88 4.61 -19.89 46.35
CA LEU B 88 3.71 -20.25 45.27
C LEU B 88 3.20 -21.65 45.51
N LYS B 89 1.89 -21.80 45.61
CA LYS B 89 1.25 -23.09 45.69
C LYS B 89 1.25 -23.80 44.35
N LEU B 90 2.46 -24.12 43.88
CA LEU B 90 2.76 -24.76 42.61
C LEU B 90 3.84 -25.82 42.85
N ALA B 91 3.76 -26.92 42.13
CA ALA B 91 4.77 -27.97 42.23
C ALA B 91 5.25 -28.29 40.85
N GLN B 92 6.46 -28.78 40.79
CA GLN B 92 7.08 -29.17 39.51
C GLN B 92 6.36 -30.40 38.96
N THR B 93 6.07 -30.44 37.66
CA THR B 93 5.46 -31.65 37.09
C THR B 93 6.54 -32.66 36.67
N ASP B 94 7.74 -32.18 36.37
CA ASP B 94 8.88 -32.97 35.91
C ASP B 94 10.16 -32.25 36.37
N GLY B 95 11.28 -32.94 36.32
CA GLY B 95 12.58 -32.36 36.71
C GLY B 95 13.23 -31.30 35.79
N PHE B 96 13.07 -31.44 34.47
CA PHE B 96 13.75 -30.51 33.56
C PHE B 96 13.26 -29.08 33.64
N GLU B 97 14.18 -28.15 33.36
CA GLU B 97 14.00 -26.77 33.79
C GLU B 97 12.85 -26.02 33.08
N GLY B 98 12.53 -26.42 31.87
CA GLY B 98 11.37 -25.84 31.20
C GLY B 98 10.05 -26.60 31.38
N ALA B 99 9.99 -27.56 32.30
CA ALA B 99 8.71 -28.27 32.58
C ALA B 99 7.73 -27.28 33.27
N PRO B 100 6.43 -27.44 33.02
CA PRO B 100 5.43 -26.58 33.62
C PRO B 100 5.18 -26.90 35.06
N LEU B 101 4.57 -25.97 35.77
CA LEU B 101 4.23 -26.18 37.18
C LEU B 101 2.72 -26.52 37.29
N GLN B 102 2.34 -27.04 38.43
CA GLN B 102 0.95 -27.35 38.61
C GLN B 102 0.48 -27.00 39.97
N PRO B 103 -0.77 -26.55 40.07
CA PRO B 103 -1.35 -26.14 41.34
C PRO B 103 -1.38 -27.26 42.41
N THR B 104 -1.00 -26.92 43.62
CA THR B 104 -1.11 -27.86 44.74
C THR B 104 -2.45 -27.72 45.44
N GLY B 105 -3.17 -26.60 45.26
CA GLY B 105 -4.49 -26.42 45.89
C GLY B 105 -5.52 -25.89 44.92
N ASN B 106 -6.41 -25.06 45.42
CA ASN B 106 -7.35 -24.36 44.59
C ASN B 106 -6.58 -23.19 43.99
N PRO B 107 -6.36 -23.21 42.64
CA PRO B 107 -5.53 -22.18 42.04
C PRO B 107 -6.21 -20.82 41.93
N LEU B 108 -7.54 -20.78 42.04
CA LEU B 108 -8.21 -19.46 41.94
C LEU B 108 -7.96 -18.71 43.24
N VAL B 109 -8.10 -19.40 44.36
CA VAL B 109 -7.86 -18.80 45.67
C VAL B 109 -6.35 -18.62 45.88
N ASP B 110 -5.54 -19.58 45.43
CA ASP B 110 -4.09 -19.50 45.59
C ASP B 110 -3.45 -18.44 44.67
N ALA B 111 -4.16 -18.03 43.62
CA ALA B 111 -3.71 -17.03 42.67
C ALA B 111 -2.42 -17.50 41.99
N VAL B 112 -2.52 -18.57 41.22
CA VAL B 112 -1.39 -19.01 40.41
C VAL B 112 -1.85 -19.19 38.97
N GLY B 113 -0.92 -19.26 38.04
CA GLY B 113 -1.28 -19.43 36.65
C GLY B 113 -2.01 -18.24 36.14
N PRO B 114 -3.04 -18.45 35.30
CA PRO B 114 -3.79 -17.31 34.82
C PRO B 114 -4.69 -16.66 35.92
N ALA B 115 -4.66 -17.21 37.13
CA ALA B 115 -5.30 -16.61 38.28
C ALA B 115 -4.33 -15.69 39.04
N SER B 116 -3.10 -15.48 38.49
CA SER B 116 -2.06 -14.66 39.15
C SER B 116 -2.37 -13.17 39.08
N TYR B 117 -2.04 -12.45 40.12
CA TYR B 117 -2.09 -10.99 40.08
C TYR B 117 -0.70 -10.44 40.32
N ALA B 118 -0.47 -9.17 39.99
CA ALA B 118 0.79 -8.51 40.24
C ALA B 118 0.72 -7.80 41.59
N GLU B 119 1.88 -7.55 42.16
CA GLU B 119 2.05 -6.77 43.36
C GLU B 119 1.99 -5.24 43.09
N ARG B 120 0.83 -4.74 42.69
CA ARG B 120 0.61 -3.33 42.47
C ARG B 120 0.46 -2.70 43.84
N ALA B 121 0.58 -1.38 43.88
CA ALA B 121 0.47 -0.62 45.09
C ALA B 121 -0.96 -0.75 45.65
N GLU B 122 -1.07 -0.71 46.98
CA GLU B 122 -2.34 -0.72 47.67
C GLU B 122 -2.78 0.74 47.79
N VAL B 123 -2.92 1.37 46.63
CA VAL B 123 -3.39 2.73 46.58
C VAL B 123 -4.54 2.82 45.59
N VAL B 124 -5.43 3.73 45.88
CA VAL B 124 -6.59 3.98 45.08
C VAL B 124 -6.15 4.85 43.91
N ASP B 125 -6.43 4.42 42.70
CA ASP B 125 -6.15 5.18 41.50
C ASP B 125 -7.01 6.45 41.56
N ALA B 126 -6.43 7.57 41.11
CA ALA B 126 -6.97 8.88 41.34
C ALA B 126 -7.33 9.58 40.02
N THR B 127 -8.34 10.42 40.07
CA THR B 127 -8.57 11.42 39.04
C THR B 127 -7.52 12.52 39.05
N VAL B 128 -7.53 13.33 38.00
CA VAL B 128 -6.59 14.44 37.92
C VAL B 128 -6.76 15.40 39.11
N ASP B 129 -7.95 15.50 39.71
CA ASP B 129 -8.11 16.39 40.89
C ASP B 129 -8.05 15.65 42.23
N GLY B 130 -7.57 14.41 42.21
CA GLY B 130 -7.28 13.68 43.41
C GLY B 130 -8.45 12.93 44.03
N LYS B 131 -9.54 12.72 43.28
CA LYS B 131 -10.64 11.93 43.85
C LYS B 131 -10.43 10.44 43.44
N ALA B 132 -11.09 9.51 44.13
CA ALA B 132 -11.08 8.11 43.71
C ALA B 132 -11.59 7.99 42.26
N LYS B 133 -10.80 7.40 41.39
CA LYS B 133 -11.17 7.23 39.98
C LYS B 133 -12.29 6.24 39.68
N ILE B 134 -12.22 5.04 40.23
CA ILE B 134 -13.19 3.99 39.92
C ILE B 134 -14.09 3.77 41.13
N VAL B 135 -15.34 4.23 40.97
CA VAL B 135 -16.31 4.28 42.05
C VAL B 135 -17.66 3.85 41.55
N PRO B 136 -18.49 3.32 42.47
CA PRO B 136 -19.86 2.91 42.09
C PRO B 136 -20.77 4.12 41.88
N LEU B 137 -21.82 3.93 41.10
CA LEU B 137 -22.77 5.02 40.83
C LEU B 137 -23.45 5.58 42.09
N ARG B 138 -23.59 4.78 43.15
CA ARG B 138 -24.11 5.30 44.42
C ARG B 138 -23.23 6.45 44.99
N VAL B 139 -21.93 6.44 44.66
CA VAL B 139 -20.99 7.52 45.01
C VAL B 139 -20.89 8.48 43.80
N ALA B 140 -20.72 7.98 42.57
CA ALA B 140 -20.59 8.88 41.41
C ALA B 140 -21.97 9.34 40.91
N THR B 141 -22.59 10.16 41.72
CA THR B 141 -23.99 10.54 41.52
C THR B 141 -24.18 11.47 40.33
N ASP B 142 -23.10 12.08 39.86
CA ASP B 142 -23.18 12.94 38.68
C ASP B 142 -22.96 12.14 37.36
N PHE B 143 -22.76 10.84 37.44
CA PHE B 143 -22.66 9.95 36.25
C PHE B 143 -23.93 9.12 36.05
N SER B 144 -24.25 8.75 34.81
CA SER B 144 -25.44 7.94 34.52
C SER B 144 -25.18 7.00 33.32
N ILE B 145 -26.15 6.14 33.03
CA ILE B 145 -26.10 5.26 31.89
C ILE B 145 -26.70 5.97 30.72
N ALA B 146 -26.08 5.86 29.57
CA ALA B 146 -26.57 6.48 28.34
C ALA B 146 -27.96 5.94 28.02
N GLU B 147 -28.83 6.82 27.58
CA GLU B 147 -30.15 6.42 27.13
C GLU B 147 -29.99 5.51 25.92
N GLY B 148 -30.67 4.36 25.95
CA GLY B 148 -30.55 3.40 24.89
C GLY B 148 -29.80 2.18 25.31
N ASP B 149 -29.11 2.22 26.46
CA ASP B 149 -28.37 1.04 26.92
C ASP B 149 -29.03 0.40 28.07
N VAL B 150 -28.63 -0.83 28.35
CA VAL B 150 -29.22 -1.61 29.42
C VAL B 150 -28.77 -1.17 30.78
N ASP B 151 -29.73 -0.96 31.68
CA ASP B 151 -29.43 -0.73 33.08
C ASP B 151 -29.44 -2.11 33.75
N PRO B 152 -28.25 -2.62 34.11
CA PRO B 152 -28.17 -3.97 34.62
C PRO B 152 -28.54 -4.06 36.11
N ARG B 153 -28.80 -2.94 36.79
CA ARG B 153 -29.17 -3.01 38.20
C ARG B 153 -30.45 -3.80 38.35
N GLY B 154 -30.45 -4.83 39.20
CA GLY B 154 -31.62 -5.69 39.36
C GLY B 154 -31.58 -7.02 38.61
N LEU B 155 -30.69 -7.12 37.63
CA LEU B 155 -30.62 -8.28 36.78
C LEU B 155 -29.89 -9.45 37.44
N PRO B 156 -30.28 -10.67 37.06
CA PRO B 156 -29.56 -11.87 37.53
C PRO B 156 -28.21 -12.09 36.81
N VAL B 157 -27.19 -12.51 37.54
CA VAL B 157 -25.93 -12.96 36.93
C VAL B 157 -25.98 -14.48 36.84
N VAL B 158 -25.88 -14.99 35.60
CA VAL B 158 -25.99 -16.41 35.30
C VAL B 158 -24.58 -16.90 34.94
N ALA B 159 -24.09 -17.86 35.72
CA ALA B 159 -22.70 -18.32 35.65
C ALA B 159 -22.54 -19.44 34.59
N ALA B 160 -21.31 -19.96 34.41
CA ALA B 160 -21.03 -20.91 33.28
C ALA B 160 -21.88 -22.19 33.36
N ASP B 161 -22.25 -22.61 34.57
CA ASP B 161 -23.13 -23.77 34.77
C ASP B 161 -24.57 -23.46 34.49
N GLY B 162 -24.89 -22.20 34.16
CA GLY B 162 -26.29 -21.82 33.85
C GLY B 162 -27.11 -21.58 35.10
N VAL B 163 -26.46 -21.57 36.26
CA VAL B 163 -27.17 -21.33 37.53
C VAL B 163 -27.01 -19.87 37.90
N GLU B 164 -28.08 -19.26 38.37
CA GLU B 164 -28.01 -17.89 38.84
C GLU B 164 -27.04 -17.78 40.04
N ALA B 165 -26.09 -16.85 39.94
CA ALA B 165 -25.02 -16.68 40.94
C ALA B 165 -25.32 -15.53 41.91
N GLY B 166 -26.11 -14.56 41.45
CA GLY B 166 -26.58 -13.45 42.26
C GLY B 166 -27.28 -12.37 41.45
N THR B 167 -27.31 -11.17 42.01
CA THR B 167 -28.08 -10.05 41.46
C THR B 167 -27.21 -8.79 41.38
N VAL B 168 -27.21 -8.12 40.24
CA VAL B 168 -26.45 -6.88 40.08
C VAL B 168 -27.03 -5.79 40.97
N THR B 169 -26.20 -5.19 41.81
CA THR B 169 -26.58 -4.06 42.64
C THR B 169 -26.05 -2.70 42.11
N ASP B 170 -24.91 -2.65 41.42
CA ASP B 170 -24.35 -1.34 40.99
C ASP B 170 -23.38 -1.52 39.87
N LEU B 171 -22.95 -0.38 39.32
CA LEU B 171 -21.90 -0.29 38.33
C LEU B 171 -20.82 0.65 38.86
N TRP B 172 -19.56 0.30 38.55
CA TRP B 172 -18.43 1.07 38.93
C TRP B 172 -17.95 1.76 37.68
N VAL B 173 -17.88 3.10 37.75
CA VAL B 173 -17.50 3.92 36.59
C VAL B 173 -16.10 4.51 36.81
N ASP B 174 -15.39 4.69 35.71
CA ASP B 174 -14.09 5.39 35.71
C ASP B 174 -14.39 6.84 35.46
N ARG B 175 -14.23 7.67 36.48
CA ARG B 175 -14.53 9.09 36.38
C ARG B 175 -13.54 9.90 35.54
N SER B 176 -12.39 9.31 35.20
CA SER B 176 -11.38 10.03 34.39
C SER B 176 -11.62 9.79 32.91
N GLU B 177 -12.12 8.61 32.58
CA GLU B 177 -12.36 8.25 31.19
C GLU B 177 -13.84 8.17 30.80
N HIS B 178 -14.74 8.21 31.80
N HIS B 178 -14.74 8.21 31.81
CA HIS B 178 -16.21 8.12 31.62
CA HIS B 178 -16.21 8.13 31.64
C HIS B 178 -16.58 6.77 31.02
C HIS B 178 -16.58 6.77 31.03
N TYR B 179 -16.28 5.71 31.76
CA TYR B 179 -16.29 4.38 31.20
C TYR B 179 -16.58 3.37 32.29
N PHE B 180 -17.59 2.52 32.10
CA PHE B 180 -17.92 1.54 33.15
C PHE B 180 -16.91 0.46 33.15
N ARG B 181 -16.33 0.16 34.32
CA ARG B 181 -15.33 -0.93 34.37
C ARG B 181 -15.73 -2.20 35.13
N TYR B 182 -16.63 -2.10 36.11
CA TYR B 182 -17.07 -3.27 36.89
C TYR B 182 -18.55 -3.22 37.10
N LEU B 183 -19.14 -4.40 37.34
CA LEU B 183 -20.49 -4.50 37.88
C LEU B 183 -20.29 -5.06 39.28
N GLU B 184 -21.17 -4.69 40.21
CA GLU B 184 -21.11 -5.17 41.56
C GLU B 184 -22.36 -6.02 41.76
N LEU B 185 -22.20 -7.17 42.38
CA LEU B 185 -23.34 -8.07 42.54
C LEU B 185 -23.37 -8.60 43.90
N SER B 186 -24.59 -8.95 44.28
CA SER B 186 -24.86 -9.60 45.54
C SER B 186 -24.74 -11.09 45.28
N VAL B 187 -23.98 -11.78 46.10
CA VAL B 187 -23.73 -13.19 45.89
C VAL B 187 -24.76 -14.09 46.60
N ALA B 188 -25.49 -14.86 45.81
CA ALA B 188 -26.54 -15.75 46.34
C ALA B 188 -26.00 -16.78 47.34
N GLY B 189 -26.64 -16.84 48.51
CA GLY B 189 -26.27 -17.81 49.54
C GLY B 189 -25.03 -17.49 50.35
N SER B 190 -24.28 -16.45 49.96
CA SER B 190 -23.22 -15.88 50.79
C SER B 190 -23.74 -14.54 51.27
N ALA B 191 -23.06 -13.92 52.20
CA ALA B 191 -23.50 -12.63 52.70
C ALA B 191 -22.41 -11.64 52.34
N ARG B 192 -22.31 -11.36 51.05
CA ARG B 192 -21.26 -10.50 50.53
C ARG B 192 -21.63 -9.98 49.15
N THR B 193 -20.97 -8.90 48.74
CA THR B 193 -20.95 -8.49 47.35
C THR B 193 -19.59 -8.86 46.75
N ALA B 194 -19.54 -8.87 45.43
CA ALA B 194 -18.37 -9.20 44.67
C ALA B 194 -18.40 -8.31 43.45
N LEU B 195 -17.22 -7.84 43.02
CA LEU B 195 -17.13 -7.14 41.74
C LEU B 195 -16.75 -8.08 40.59
N ILE B 196 -17.14 -7.70 39.38
CA ILE B 196 -16.76 -8.39 38.22
C ILE B 196 -16.42 -7.39 37.11
N PRO B 197 -15.28 -7.55 36.44
CA PRO B 197 -14.94 -6.62 35.33
C PRO B 197 -15.94 -6.81 34.19
N LEU B 198 -16.33 -5.73 33.52
CA LEU B 198 -17.28 -5.83 32.43
C LEU B 198 -16.78 -6.70 31.28
N GLY B 199 -15.46 -6.85 31.15
CA GLY B 199 -14.91 -7.70 30.11
C GLY B 199 -15.27 -9.17 30.31
N PHE B 200 -15.67 -9.54 31.50
CA PHE B 200 -16.15 -10.91 31.76
C PHE B 200 -17.64 -11.00 31.65
N CYS B 201 -18.30 -9.93 31.19
CA CYS B 201 -19.79 -9.89 31.24
C CYS B 201 -20.39 -9.81 29.85
N ASP B 202 -21.31 -10.73 29.59
CA ASP B 202 -22.17 -10.63 28.42
C ASP B 202 -23.52 -10.04 28.91
N VAL B 203 -23.70 -8.76 28.64
CA VAL B 203 -24.82 -8.00 29.09
C VAL B 203 -26.03 -8.20 28.16
N LYS B 204 -27.04 -8.89 28.65
CA LYS B 204 -28.30 -9.07 27.90
C LYS B 204 -29.38 -8.24 28.54
N LYS B 205 -30.48 -7.99 27.83
CA LYS B 205 -31.65 -7.27 28.38
C LYS B 205 -32.17 -7.85 29.70
N ASP B 206 -32.09 -9.17 29.88
CA ASP B 206 -32.72 -9.87 31.02
C ASP B 206 -31.76 -10.60 31.98
N LYS B 207 -30.46 -10.63 31.65
CA LYS B 207 -29.44 -11.27 32.51
C LYS B 207 -28.03 -10.83 32.12
N ILE B 208 -27.07 -11.04 33.02
CA ILE B 208 -25.65 -10.87 32.74
C ILE B 208 -25.12 -12.33 32.67
N VAL B 209 -24.49 -12.71 31.58
CA VAL B 209 -24.00 -14.08 31.46
C VAL B 209 -22.49 -14.04 31.69
N VAL B 210 -21.98 -14.90 32.57
CA VAL B 210 -20.56 -15.00 32.91
C VAL B 210 -20.13 -16.45 32.71
N THR B 211 -19.35 -16.72 31.65
CA THR B 211 -18.81 -18.06 31.43
C THR B 211 -17.45 -18.36 32.06
N SER B 212 -16.80 -17.37 32.64
CA SER B 212 -15.48 -17.60 33.14
C SER B 212 -15.49 -18.46 34.40
N ILE B 213 -16.53 -18.36 35.23
CA ILE B 213 -16.58 -19.18 36.47
C ILE B 213 -17.97 -19.80 36.67
N LEU B 214 -18.03 -20.82 37.54
CA LEU B 214 -19.29 -21.45 37.90
C LEU B 214 -19.91 -20.70 39.08
N SER B 215 -21.19 -20.95 39.31
CA SER B 215 -21.99 -20.17 40.20
C SER B 215 -21.40 -20.22 41.60
N ASP B 216 -21.02 -21.42 42.05
CA ASP B 216 -20.48 -21.54 43.40
C ASP B 216 -19.10 -20.93 43.57
N GLN B 217 -18.41 -20.61 42.48
CA GLN B 217 -17.10 -20.00 42.62
C GLN B 217 -17.16 -18.49 42.93
N PHE B 218 -18.36 -17.87 42.87
CA PHE B 218 -18.50 -16.43 43.20
C PHE B 218 -18.24 -16.16 44.68
N ALA B 219 -18.36 -17.17 45.50
CA ALA B 219 -18.16 -17.03 46.96
C ALA B 219 -16.75 -16.70 47.32
N ASN B 220 -15.79 -16.98 46.44
CA ASN B 220 -14.38 -16.77 46.76
C ASN B 220 -13.74 -15.65 45.96
N VAL B 221 -14.53 -14.86 45.25
CA VAL B 221 -13.98 -13.70 44.60
C VAL B 221 -13.25 -12.87 45.63
N PRO B 222 -12.09 -12.30 45.28
CA PRO B 222 -11.41 -11.45 46.29
C PRO B 222 -12.28 -10.31 46.77
N ARG B 223 -12.22 -10.03 48.07
N ARG B 223 -12.20 -10.00 48.06
CA ARG B 223 -13.06 -9.00 48.71
CA ARG B 223 -13.06 -9.00 48.68
C ARG B 223 -12.30 -7.67 48.76
C ARG B 223 -12.32 -7.67 48.81
N LEU B 224 -13.01 -6.56 48.54
CA LEU B 224 -12.42 -5.23 48.78
C LEU B 224 -12.30 -4.93 50.27
N GLN B 225 -11.33 -4.11 50.63
CA GLN B 225 -11.14 -3.67 51.99
C GLN B 225 -12.20 -2.63 52.36
N SER B 226 -12.71 -1.90 51.38
CA SER B 226 -13.63 -0.78 51.58
C SER B 226 -14.74 -0.90 50.56
N ARG B 227 -15.90 -0.44 50.94
CA ARG B 227 -17.10 -0.67 50.21
C ARG B 227 -17.21 0.16 48.92
N ASP B 228 -16.65 1.37 48.92
CA ASP B 228 -16.91 2.33 47.87
C ASP B 228 -15.62 2.79 47.15
N GLN B 229 -14.52 2.05 47.28
CA GLN B 229 -13.29 2.35 46.57
C GLN B 229 -12.49 1.07 46.39
N ILE B 230 -11.58 1.09 45.43
CA ILE B 230 -10.82 -0.09 45.09
C ILE B 230 -9.36 0.26 44.85
N THR B 231 -8.43 -0.50 45.44
CA THR B 231 -7.00 -0.27 45.12
C THR B 231 -6.58 -0.97 43.84
N LEU B 232 -5.44 -0.53 43.31
CA LEU B 232 -4.90 -1.05 42.10
C LEU B 232 -4.62 -2.51 42.27
N ARG B 233 -4.25 -2.91 43.48
CA ARG B 233 -3.92 -4.29 43.72
C ARG B 233 -5.20 -5.10 43.76
N GLU B 234 -6.24 -4.53 44.40
CA GLU B 234 -7.58 -5.18 44.41
C GLU B 234 -8.11 -5.36 43.01
N GLU B 235 -7.98 -4.34 42.16
CA GLU B 235 -8.42 -4.50 40.77
C GLU B 235 -7.74 -5.68 40.09
N ASP B 236 -6.43 -5.86 40.34
CA ASP B 236 -5.66 -6.95 39.76
C ASP B 236 -6.13 -8.28 40.32
N LYS B 237 -6.29 -8.35 41.63
CA LYS B 237 -6.86 -9.53 42.26
C LYS B 237 -8.25 -9.92 41.72
N VAL B 238 -9.16 -8.98 41.56
CA VAL B 238 -10.51 -9.30 41.16
C VAL B 238 -10.49 -9.78 39.70
N SER B 239 -9.77 -9.07 38.85
CA SER B 239 -9.73 -9.48 37.42
C SER B 239 -9.08 -10.85 37.21
N ALA B 240 -8.05 -11.12 37.98
CA ALA B 240 -7.26 -12.32 37.84
C ALA B 240 -8.10 -13.54 38.19
N TYR B 241 -8.96 -13.43 39.20
CA TYR B 241 -9.77 -14.54 39.64
C TYR B 241 -10.67 -15.09 38.50
N TYR B 242 -11.34 -14.20 37.77
CA TYR B 242 -12.20 -14.65 36.67
C TYR B 242 -11.34 -15.24 35.54
N ALA B 243 -10.20 -14.61 35.26
CA ALA B 243 -9.29 -15.07 34.22
C ALA B 243 -8.84 -16.49 34.58
N GLY B 244 -8.62 -16.77 35.84
CA GLY B 244 -8.23 -18.11 36.27
C GLY B 244 -9.26 -19.15 35.91
N GLY B 245 -10.53 -18.76 36.03
CA GLY B 245 -11.62 -19.66 35.74
C GLY B 245 -11.61 -20.17 34.33
N LEU B 246 -11.10 -19.38 33.41
CA LEU B 246 -11.01 -19.75 32.01
C LEU B 246 -10.18 -21.02 31.84
N LEU B 247 -9.19 -21.22 32.72
CA LEU B 247 -8.37 -22.43 32.68
C LEU B 247 -8.73 -23.44 33.74
N TYR B 248 -9.34 -22.96 34.84
CA TYR B 248 -9.48 -23.75 35.99
C TYR B 248 -10.92 -23.90 36.51
N ALA B 249 -11.95 -23.34 35.85
CA ALA B 249 -13.30 -23.43 36.50
C ALA B 249 -13.76 -24.91 36.60
N THR B 250 -13.32 -25.74 35.64
CA THR B 250 -13.58 -27.17 35.65
C THR B 250 -12.29 -27.90 35.28
N PRO B 251 -12.18 -29.19 35.62
CA PRO B 251 -10.90 -29.90 35.30
C PRO B 251 -10.63 -29.99 33.81
N GLU B 252 -11.69 -29.95 33.00
CA GLU B 252 -11.58 -30.11 31.56
C GLU B 252 -10.96 -28.90 30.88
N ARG B 253 -11.10 -27.72 31.47
CA ARG B 253 -10.61 -26.53 30.75
C ARG B 253 -9.09 -26.44 30.55
N ALA B 254 -8.30 -27.07 31.40
CA ALA B 254 -6.84 -27.03 31.23
C ALA B 254 -6.37 -27.94 30.09
N GLU B 255 -7.19 -28.97 29.77
CA GLU B 255 -6.77 -30.05 28.86
C GLU B 255 -6.97 -29.63 27.41
N ALA B 256 -6.39 -30.39 26.49
CA ALA B 256 -6.42 -30.06 25.07
C ALA B 256 -7.86 -29.76 24.59
N LEU B 257 -8.07 -28.65 23.89
CA LEU B 257 -9.40 -28.22 23.44
C LEU B 257 -9.93 -29.11 22.36
N LEU B 258 -9.06 -29.55 21.45
CA LEU B 258 -9.48 -30.28 20.25
C LEU B 258 -9.00 -31.75 20.29
N ALA C 1 16.42 -19.06 32.50
CA ALA C 1 16.22 -17.86 33.35
C ALA C 1 14.86 -17.20 33.02
N LEU C 2 14.20 -16.81 34.07
CA LEU C 2 12.85 -16.35 33.99
C LEU C 2 12.81 -14.85 34.32
N LEU C 3 11.86 -14.14 33.74
CA LEU C 3 11.59 -12.77 34.20
C LEU C 3 11.21 -12.89 35.64
N SER C 4 11.41 -11.83 36.42
CA SER C 4 11.20 -11.89 37.86
C SER C 4 9.75 -12.20 38.21
N PHE C 5 8.79 -11.88 37.33
CA PHE C 5 7.34 -12.11 37.61
C PHE C 5 6.76 -13.36 36.94
N GLU C 6 7.63 -14.09 36.25
CA GLU C 6 7.23 -15.07 35.29
C GLU C 6 6.83 -16.42 35.91
N ARG C 7 7.50 -16.84 36.95
CA ARG C 7 7.36 -18.24 37.35
C ARG C 7 5.88 -18.58 37.63
N LYS C 8 5.15 -17.64 38.24
CA LYS C 8 3.80 -17.94 38.75
C LYS C 8 2.86 -18.30 37.58
N TYR C 9 3.21 -17.88 36.36
CA TYR C 9 2.39 -18.07 35.19
C TYR C 9 2.75 -19.35 34.43
N ARG C 10 3.84 -20.00 34.82
CA ARG C 10 4.37 -21.08 33.99
C ARG C 10 3.67 -22.40 34.36
N VAL C 11 2.37 -22.44 34.15
CA VAL C 11 1.57 -23.58 34.58
C VAL C 11 1.29 -24.50 33.40
N ARG C 12 0.99 -25.77 33.69
CA ARG C 12 0.51 -26.68 32.66
C ARG C 12 -0.92 -26.26 32.19
N GLY C 13 -1.21 -26.51 30.91
CA GLY C 13 -2.54 -26.42 30.35
C GLY C 13 -2.67 -25.38 29.26
N GLY C 14 -3.82 -25.42 28.59
CA GLY C 14 -4.15 -24.41 27.63
C GLY C 14 -3.95 -24.87 26.21
N THR C 15 -3.49 -26.10 26.03
CA THR C 15 -3.19 -26.57 24.65
C THR C 15 -4.48 -26.82 23.84
N LEU C 16 -4.31 -26.84 22.53
CA LEU C 16 -5.33 -27.13 21.55
C LEU C 16 -5.24 -28.59 21.20
N ILE C 17 -4.01 -29.03 20.92
CA ILE C 17 -3.68 -30.40 20.62
C ILE C 17 -2.43 -30.86 21.41
N GLY C 18 -2.41 -32.12 21.78
CA GLY C 18 -1.22 -32.71 22.38
C GLY C 18 -1.18 -32.75 23.90
N GLY C 19 -1.86 -31.82 24.56
CA GLY C 19 -1.91 -31.89 26.02
C GLY C 19 -0.50 -31.77 26.61
N ASP C 20 -0.16 -32.71 27.51
CA ASP C 20 1.10 -32.62 28.27
C ASP C 20 2.33 -33.01 27.46
N LEU C 21 2.13 -33.64 26.31
CA LEU C 21 3.24 -34.14 25.49
C LEU C 21 4.25 -33.03 25.14
N PHE C 22 3.82 -31.91 24.57
CA PHE C 22 4.73 -30.84 24.23
C PHE C 22 4.55 -29.54 25.09
N ASP C 23 3.84 -29.64 26.21
CA ASP C 23 3.53 -28.48 27.07
C ASP C 23 4.77 -28.22 27.93
N PHE C 24 5.76 -27.60 27.32
CA PHE C 24 6.99 -27.15 28.01
C PHE C 24 7.64 -26.01 27.30
N TRP C 25 8.63 -25.40 27.97
CA TRP C 25 9.44 -24.32 27.37
C TRP C 25 10.87 -24.79 27.08
N VAL C 26 11.47 -24.16 26.07
CA VAL C 26 12.88 -24.36 25.74
C VAL C 26 13.48 -22.98 25.76
N GLY C 27 14.29 -22.67 26.75
CA GLY C 27 14.62 -21.30 27.04
C GLY C 27 13.36 -20.48 27.27
N PRO C 28 13.26 -19.31 26.60
CA PRO C 28 12.07 -18.48 26.75
C PRO C 28 10.89 -18.97 25.95
N TYR C 29 11.13 -19.84 24.97
CA TYR C 29 10.08 -20.21 23.98
C TYR C 29 9.15 -21.34 24.48
N PHE C 30 7.83 -21.14 24.38
CA PHE C 30 6.88 -22.21 24.56
C PHE C 30 6.91 -23.10 23.33
N VAL C 31 6.79 -24.39 23.54
CA VAL C 31 6.88 -25.31 22.48
C VAL C 31 5.49 -25.72 22.04
N GLY C 32 4.95 -26.77 22.64
CA GLY C 32 3.62 -27.27 22.24
C GLY C 32 3.61 -27.87 20.87
N PHE C 33 2.48 -28.45 20.54
CA PHE C 33 2.41 -29.29 19.39
C PHE C 33 2.77 -28.46 18.18
N PHE C 34 2.27 -27.25 18.16
CA PHE C 34 2.42 -26.35 17.02
C PHE C 34 3.80 -25.71 16.94
N GLY C 35 4.52 -25.70 18.07
CA GLY C 35 5.93 -25.35 18.05
C GLY C 35 6.71 -26.44 17.31
N VAL C 36 6.40 -27.69 17.63
CA VAL C 36 7.04 -28.79 16.95
C VAL C 36 6.71 -28.78 15.44
N SER C 37 5.45 -28.57 15.08
CA SER C 37 5.10 -28.50 13.63
C SER C 37 5.69 -27.24 12.95
N ALA C 38 5.73 -26.09 13.63
CA ALA C 38 6.38 -24.88 13.05
C ALA C 38 7.85 -25.18 12.69
N ILE C 39 8.58 -25.76 13.63
CA ILE C 39 9.97 -26.09 13.45
C ILE C 39 10.19 -27.07 12.32
N PHE C 40 9.32 -28.06 12.20
CA PHE C 40 9.41 -28.97 11.15
C PHE C 40 9.27 -28.30 9.79
N PHE C 41 8.25 -27.47 9.64
CA PHE C 41 8.03 -26.76 8.40
C PHE C 41 9.13 -25.74 8.13
N ILE C 42 9.66 -25.14 9.18
CA ILE C 42 10.73 -24.16 8.97
C ILE C 42 11.98 -24.91 8.45
N PHE C 43 12.30 -26.02 9.10
CA PHE C 43 13.49 -26.80 8.77
C PHE C 43 13.46 -27.28 7.30
N LEU C 44 12.31 -27.82 6.93
CA LEU C 44 12.06 -28.32 5.58
C LEU C 44 12.13 -27.18 4.58
N GLY C 45 11.44 -26.10 4.87
CA GLY C 45 11.35 -24.97 3.97
C GLY C 45 12.69 -24.34 3.73
N VAL C 46 13.41 -24.02 4.79
CA VAL C 46 14.74 -23.45 4.72
C VAL C 46 15.78 -24.38 3.99
N SER C 47 15.67 -25.67 4.24
CA SER C 47 16.56 -26.64 3.66
C SER C 47 16.30 -26.66 2.18
N LEU C 48 15.03 -26.68 1.82
CA LEU C 48 14.59 -26.63 0.43
C LEU C 48 15.12 -25.38 -0.26
N ILE C 49 15.14 -24.24 0.43
CA ILE C 49 15.58 -22.98 -0.16
C ILE C 49 17.11 -23.06 -0.39
N GLY C 50 17.83 -23.64 0.57
CA GLY C 50 19.26 -23.89 0.42
C GLY C 50 19.62 -24.78 -0.76
N TYR C 51 18.88 -25.86 -0.94
N TYR C 51 18.91 -25.89 -0.89
CA TYR C 51 19.16 -26.78 -2.01
CA TYR C 51 19.09 -26.80 -1.99
C TYR C 51 18.75 -26.23 -3.37
C TYR C 51 18.82 -26.11 -3.32
N ALA C 52 17.64 -25.49 -3.43
CA ALA C 52 17.27 -24.78 -4.69
C ALA C 52 18.26 -23.68 -5.09
N ALA C 53 18.69 -22.91 -4.11
CA ALA C 53 19.63 -21.84 -4.33
C ALA C 53 20.95 -22.42 -4.88
N SER C 54 21.36 -23.57 -4.36
CA SER C 54 22.63 -24.14 -4.75
C SER C 54 22.61 -24.65 -6.20
N GLN C 55 21.42 -24.84 -6.77
CA GLN C 55 21.26 -25.21 -8.16
C GLN C 55 21.07 -24.02 -9.10
N GLY C 56 21.14 -22.80 -8.60
CA GLY C 56 21.03 -21.60 -9.42
C GLY C 56 22.38 -20.90 -9.57
N PRO C 57 22.37 -19.69 -10.12
CA PRO C 57 23.61 -19.04 -10.56
C PRO C 57 24.32 -18.21 -9.52
N THR C 58 23.79 -18.07 -8.31
CA THR C 58 24.38 -17.15 -7.37
C THR C 58 24.11 -17.52 -5.92
N TRP C 59 25.06 -17.18 -5.06
CA TRP C 59 24.87 -17.19 -3.64
C TRP C 59 24.67 -15.78 -3.08
N ASP C 60 24.65 -14.73 -3.92
CA ASP C 60 24.37 -13.39 -3.39
C ASP C 60 22.91 -13.34 -2.77
N PRO C 61 22.75 -12.93 -1.51
CA PRO C 61 21.43 -13.03 -0.92
C PRO C 61 20.37 -12.21 -1.59
N PHE C 62 20.76 -11.09 -2.17
CA PHE C 62 19.82 -10.18 -2.78
C PHE C 62 19.34 -10.71 -4.12
N ALA C 63 20.17 -11.52 -4.79
CA ALA C 63 19.98 -11.98 -6.18
C ALA C 63 19.37 -13.36 -6.25
N ILE C 64 19.50 -14.16 -5.21
CA ILE C 64 18.86 -15.47 -5.18
C ILE C 64 17.31 -15.33 -5.45
N SER C 65 16.77 -16.27 -6.23
CA SER C 65 15.38 -16.29 -6.68
C SER C 65 14.92 -17.74 -6.94
N ILE C 66 13.90 -18.19 -6.20
CA ILE C 66 13.28 -19.52 -6.36
C ILE C 66 11.87 -19.24 -6.95
N ASN C 67 11.65 -19.65 -8.19
CA ASN C 67 10.49 -19.18 -8.94
C ASN C 67 9.44 -20.28 -9.21
N PRO C 68 8.18 -19.87 -9.36
CA PRO C 68 7.09 -20.73 -9.72
C PRO C 68 7.23 -21.29 -11.12
N PRO C 69 6.37 -22.27 -11.48
CA PRO C 69 6.49 -22.86 -12.80
C PRO C 69 6.03 -21.95 -13.91
N ASP C 70 6.44 -22.25 -15.16
CA ASP C 70 5.75 -21.67 -16.34
C ASP C 70 4.21 -21.78 -16.28
N LEU C 71 3.52 -20.82 -16.88
CA LEU C 71 2.05 -20.90 -16.97
C LEU C 71 1.57 -22.23 -17.47
N LYS C 72 2.31 -22.83 -18.42
CA LYS C 72 1.82 -24.03 -19.17
C LYS C 72 1.63 -25.27 -18.27
N TYR C 73 2.27 -25.29 -17.13
CA TYR C 73 2.06 -26.35 -16.14
C TYR C 73 0.72 -26.21 -15.43
N GLY C 74 0.00 -25.09 -15.59
CA GLY C 74 -1.33 -24.91 -15.00
C GLY C 74 -1.27 -25.17 -13.51
N LEU C 75 -2.17 -25.99 -12.98
CA LEU C 75 -2.21 -26.31 -11.53
C LEU C 75 -1.56 -27.63 -11.12
N GLY C 76 -0.88 -28.28 -12.06
CA GLY C 76 -0.14 -29.49 -11.71
C GLY C 76 1.26 -29.35 -11.12
N ALA C 77 1.83 -30.49 -10.75
CA ALA C 77 3.19 -30.57 -10.23
C ALA C 77 4.16 -30.18 -11.32
N ALA C 78 5.24 -29.51 -10.95
CA ALA C 78 6.24 -29.12 -11.92
C ALA C 78 7.51 -29.85 -11.54
N PRO C 79 8.39 -30.10 -12.51
CA PRO C 79 9.70 -30.65 -12.16
C PRO C 79 10.40 -29.73 -11.18
N LEU C 80 11.17 -30.33 -10.28
CA LEU C 80 11.87 -29.59 -9.22
C LEU C 80 12.62 -28.35 -9.70
N LEU C 81 13.38 -28.48 -10.78
CA LEU C 81 14.21 -27.37 -11.24
C LEU C 81 13.42 -26.44 -12.17
N GLU C 82 12.13 -26.73 -12.38
CA GLU C 82 11.27 -25.84 -13.17
C GLU C 82 10.02 -25.43 -12.38
N GLY C 83 10.15 -25.21 -11.08
CA GLY C 83 9.03 -24.69 -10.30
C GLY C 83 8.62 -25.55 -9.14
N GLY C 84 9.08 -26.79 -9.13
CA GLY C 84 8.69 -27.68 -8.09
C GLY C 84 9.24 -27.34 -6.73
N PHE C 85 10.50 -26.90 -6.63
CA PHE C 85 11.02 -26.37 -5.35
C PHE C 85 10.04 -25.31 -4.84
N TRP C 86 9.66 -24.36 -5.70
CA TRP C 86 8.81 -23.27 -5.27
C TRP C 86 7.49 -23.85 -4.70
N GLN C 87 6.92 -24.83 -5.37
CA GLN C 87 5.65 -25.43 -4.87
C GLN C 87 5.84 -25.99 -3.49
N ALA C 88 6.97 -26.66 -3.29
CA ALA C 88 7.24 -27.36 -2.04
C ALA C 88 7.43 -26.36 -0.94
N ILE C 89 8.19 -25.30 -1.22
CA ILE C 89 8.50 -24.28 -0.22
C ILE C 89 7.18 -23.56 0.19
N THR C 90 6.29 -23.32 -0.78
CA THR C 90 5.01 -22.69 -0.53
C THR C 90 4.17 -23.46 0.47
N VAL C 91 4.05 -24.80 0.29
CA VAL C 91 3.33 -25.63 1.24
C VAL C 91 3.99 -25.51 2.63
N CYS C 92 5.33 -25.57 2.71
CA CYS C 92 6.03 -25.38 4.00
C CYS C 92 5.76 -24.04 4.64
N ALA C 93 5.81 -22.95 3.85
CA ALA C 93 5.57 -21.61 4.35
C ALA C 93 4.16 -21.62 5.01
N LEU C 94 3.17 -22.08 4.27
CA LEU C 94 1.81 -22.04 4.79
C LEU C 94 1.67 -22.85 6.03
N GLY C 95 2.31 -24.01 6.10
CA GLY C 95 2.23 -24.77 7.31
C GLY C 95 2.96 -24.11 8.48
N ALA C 96 4.09 -23.47 8.20
CA ALA C 96 4.80 -22.73 9.26
C ALA C 96 3.93 -21.60 9.80
N PHE C 97 3.32 -20.82 8.91
CA PHE C 97 2.46 -19.72 9.31
C PHE C 97 1.29 -20.16 10.17
N ILE C 98 0.56 -21.15 9.69
CA ILE C 98 -0.58 -21.65 10.40
C ILE C 98 -0.18 -22.25 11.77
N SER C 99 0.93 -22.96 11.81
CA SER C 99 1.45 -23.48 13.03
C SER C 99 1.78 -22.36 13.98
N TRP C 100 2.44 -21.30 13.47
CA TRP C 100 2.75 -20.14 14.30
C TRP C 100 1.50 -19.53 14.94
N MET C 101 0.47 -19.38 14.13
CA MET C 101 -0.82 -18.77 14.58
C MET C 101 -1.50 -19.64 15.68
N LEU C 102 -1.54 -20.95 15.44
CA LEU C 102 -2.19 -21.85 16.38
C LEU C 102 -1.41 -21.97 17.69
N ARG C 103 -0.07 -21.88 17.61
CA ARG C 103 0.77 -21.81 18.80
C ARG C 103 0.46 -20.56 19.60
N GLU C 104 0.25 -19.42 18.93
CA GLU C 104 -0.16 -18.19 19.63
C GLU C 104 -1.50 -18.34 20.38
N VAL C 105 -2.40 -19.13 19.81
CA VAL C 105 -3.64 -19.47 20.50
C VAL C 105 -3.39 -20.23 21.79
N GLU C 106 -2.54 -21.25 21.74
CA GLU C 106 -2.20 -21.99 22.97
C GLU C 106 -1.58 -21.08 24.07
N ILE C 107 -0.65 -20.23 23.67
CA ILE C 107 0.02 -19.33 24.61
C ILE C 107 -1.01 -18.37 25.25
N SER C 108 -1.89 -17.84 24.42
CA SER C 108 -3.05 -17.01 24.90
C SER C 108 -3.86 -17.74 25.93
N ARG C 109 -4.25 -18.98 25.59
CA ARG C 109 -5.05 -19.77 26.50
C ARG C 109 -4.37 -19.95 27.84
N LYS C 110 -3.09 -20.33 27.81
CA LYS C 110 -2.36 -20.58 29.08
C LYS C 110 -2.34 -19.30 29.96
N LEU C 111 -2.21 -18.14 29.32
CA LEU C 111 -2.19 -16.90 30.04
C LEU C 111 -3.56 -16.31 30.40
N GLY C 112 -4.64 -16.92 29.95
CA GLY C 112 -5.98 -16.42 30.18
C GLY C 112 -6.31 -15.12 29.55
N ILE C 113 -5.65 -14.82 28.43
CA ILE C 113 -5.87 -13.56 27.76
C ILE C 113 -6.70 -13.82 26.52
N GLY C 114 -7.18 -12.76 25.89
CA GLY C 114 -7.87 -12.93 24.62
C GLY C 114 -7.01 -13.46 23.47
N TRP C 115 -7.68 -13.91 22.41
CA TRP C 115 -7.05 -14.48 21.29
C TRP C 115 -6.85 -13.50 20.19
N HIS C 116 -6.86 -12.21 20.52
CA HIS C 116 -6.82 -11.19 19.50
C HIS C 116 -5.58 -11.20 18.62
N VAL C 117 -4.42 -11.50 19.18
CA VAL C 117 -3.18 -11.47 18.40
C VAL C 117 -3.18 -12.53 17.28
N PRO C 118 -3.42 -13.80 17.62
CA PRO C 118 -3.46 -14.78 16.58
C PRO C 118 -4.55 -14.52 15.53
N LEU C 119 -5.68 -13.97 15.98
N LEU C 119 -5.68 -13.98 15.99
CA LEU C 119 -6.75 -13.58 15.06
CA LEU C 119 -6.74 -13.57 15.08
C LEU C 119 -6.27 -12.50 14.11
C LEU C 119 -6.25 -12.51 14.11
N ALA C 120 -5.52 -11.54 14.63
CA ALA C 120 -4.97 -10.48 13.79
C ALA C 120 -3.90 -11.06 12.87
N PHE C 121 -3.16 -12.05 13.34
CA PHE C 121 -2.13 -12.66 12.48
C PHE C 121 -2.71 -13.42 11.28
N CYS C 122 -3.98 -13.86 11.40
CA CYS C 122 -4.68 -14.48 10.26
C CYS C 122 -4.78 -13.55 9.05
N VAL C 123 -4.74 -12.26 9.28
CA VAL C 123 -4.85 -11.32 8.12
C VAL C 123 -3.69 -11.41 7.13
N PRO C 124 -2.42 -11.28 7.59
CA PRO C 124 -1.32 -11.47 6.64
C PRO C 124 -1.26 -12.90 6.05
N ILE C 125 -1.62 -13.92 6.82
CA ILE C 125 -1.64 -15.27 6.29
C ILE C 125 -2.68 -15.35 5.16
N PHE C 126 -3.85 -14.73 5.38
CA PHE C 126 -4.88 -14.68 4.37
C PHE C 126 -4.37 -13.94 3.10
N MET C 127 -3.68 -12.82 3.24
CA MET C 127 -3.11 -12.13 2.09
C MET C 127 -2.07 -12.94 1.35
N PHE C 128 -1.19 -13.60 2.08
CA PHE C 128 -0.26 -14.53 1.42
C PHE C 128 -1.05 -15.50 0.56
N CYS C 129 -2.13 -16.05 1.13
CA CYS C 129 -2.97 -16.99 0.39
C CYS C 129 -3.66 -16.37 -0.83
N VAL C 130 -4.05 -15.11 -0.74
CA VAL C 130 -4.66 -14.44 -1.88
C VAL C 130 -3.64 -14.40 -3.04
N LEU C 131 -2.40 -14.06 -2.73
CA LEU C 131 -1.36 -13.81 -3.70
C LEU C 131 -0.89 -15.09 -4.30
N GLN C 132 -0.72 -16.13 -3.48
CA GLN C 132 -0.04 -17.38 -3.92
C GLN C 132 -0.92 -18.57 -4.23
N VAL C 133 -2.16 -18.58 -3.71
CA VAL C 133 -3.12 -19.69 -3.90
C VAL C 133 -4.43 -19.23 -4.64
N PHE C 134 -5.15 -18.22 -4.11
CA PHE C 134 -6.50 -17.92 -4.59
C PHE C 134 -6.49 -17.27 -5.95
N ARG C 135 -5.65 -16.24 -6.13
CA ARG C 135 -5.51 -15.66 -7.47
C ARG C 135 -4.92 -16.66 -8.50
N PRO C 136 -3.81 -17.34 -8.17
CA PRO C 136 -3.40 -18.35 -9.12
C PRO C 136 -4.47 -19.40 -9.44
N LEU C 137 -5.24 -19.84 -8.44
CA LEU C 137 -6.35 -20.79 -8.75
C LEU C 137 -7.36 -20.17 -9.72
N LEU C 138 -7.73 -18.89 -9.53
CA LEU C 138 -8.73 -18.28 -10.37
C LEU C 138 -8.22 -18.11 -11.78
N LEU C 139 -6.93 -17.86 -11.94
CA LEU C 139 -6.34 -17.68 -13.27
C LEU C 139 -5.90 -19.00 -13.88
N GLY C 140 -5.89 -20.07 -13.10
CA GLY C 140 -5.63 -21.39 -13.67
C GLY C 140 -4.16 -21.89 -13.63
N SER C 141 -3.21 -21.12 -13.08
CA SER C 141 -1.84 -21.60 -12.99
C SER C 141 -1.11 -21.12 -11.76
N TRP C 142 -0.34 -22.01 -11.15
CA TRP C 142 0.57 -21.61 -10.06
C TRP C 142 1.54 -20.55 -10.53
N GLY C 143 1.80 -20.52 -11.83
CA GLY C 143 2.79 -19.59 -12.34
C GLY C 143 2.45 -18.13 -12.25
N HIS C 144 1.24 -17.83 -11.83
CA HIS C 144 0.85 -16.43 -11.54
C HIS C 144 1.32 -15.94 -10.16
N ALA C 145 1.83 -16.87 -9.32
CA ALA C 145 2.32 -16.53 -7.96
C ALA C 145 3.68 -15.80 -8.00
N PHE C 146 4.08 -15.31 -6.84
CA PHE C 146 5.25 -14.51 -6.77
C PHE C 146 6.42 -15.40 -6.37
N PRO C 147 7.64 -15.02 -6.77
CA PRO C 147 8.82 -15.78 -6.50
C PRO C 147 9.44 -15.40 -5.18
N TYR C 148 10.24 -16.32 -4.64
CA TYR C 148 10.93 -16.15 -3.36
C TYR C 148 12.33 -15.68 -3.63
N GLY C 149 12.53 -14.37 -3.50
CA GLY C 149 13.81 -13.78 -3.65
C GLY C 149 13.66 -12.37 -3.12
N ILE C 150 14.67 -11.91 -2.40
CA ILE C 150 14.60 -10.64 -1.73
C ILE C 150 14.25 -9.51 -2.70
N LEU C 151 14.90 -9.48 -3.85
CA LEU C 151 14.62 -8.46 -4.83
C LEU C 151 13.71 -8.92 -5.94
N SER C 152 13.78 -10.21 -6.26
CA SER C 152 12.98 -10.74 -7.39
C SER C 152 11.49 -10.65 -7.10
N HIS C 153 11.09 -10.73 -5.82
CA HIS C 153 9.70 -10.54 -5.48
C HIS C 153 9.21 -9.14 -5.87
N LEU C 154 10.14 -8.18 -5.83
CA LEU C 154 9.78 -6.79 -6.16
C LEU C 154 9.64 -6.71 -7.66
N ASP C 155 10.44 -7.48 -8.41
CA ASP C 155 10.32 -7.47 -9.87
C ASP C 155 8.92 -8.03 -10.30
N TRP C 156 8.43 -9.05 -9.58
CA TRP C 156 7.11 -9.55 -9.80
C TRP C 156 6.00 -8.52 -9.46
N VAL C 157 6.08 -7.91 -8.28
CA VAL C 157 5.16 -6.83 -7.94
C VAL C 157 5.08 -5.76 -9.00
N ASN C 158 6.26 -5.35 -9.48
CA ASN C 158 6.42 -4.28 -10.47
C ASN C 158 5.74 -4.65 -11.78
N ASN C 159 6.07 -5.82 -12.32
CA ASN C 159 5.49 -6.21 -13.61
C ASN C 159 3.98 -6.42 -13.46
N PHE C 160 3.55 -6.96 -12.33
CA PHE C 160 2.11 -7.20 -12.09
C PHE C 160 1.38 -5.84 -12.10
N GLY C 161 1.92 -4.86 -11.38
CA GLY C 161 1.32 -3.51 -11.40
C GLY C 161 1.18 -3.04 -12.82
N TYR C 162 2.26 -3.18 -13.59
CA TYR C 162 2.25 -2.64 -14.95
C TYR C 162 1.48 -3.40 -15.99
N GLN C 163 1.22 -4.64 -15.71
CA GLN C 163 0.24 -5.39 -16.47
C GLN C 163 -1.12 -4.71 -16.55
N TYR C 164 -1.48 -3.87 -15.56
CA TYR C 164 -2.72 -3.08 -15.56
C TYR C 164 -2.44 -1.61 -15.78
N LEU C 165 -1.35 -1.39 -16.50
CA LEU C 165 -0.91 -0.06 -16.94
C LEU C 165 -0.47 0.94 -15.83
N ASN C 166 -1.40 1.31 -14.96
CA ASN C 166 -1.07 2.08 -13.80
C ASN C 166 -1.88 1.57 -12.62
N TRP C 167 -1.23 0.78 -11.80
CA TRP C 167 -1.83 0.08 -10.68
C TRP C 167 -2.28 1.03 -9.59
N HIS C 168 -1.71 2.23 -9.58
CA HIS C 168 -2.13 3.22 -8.62
C HIS C 168 -3.61 3.55 -8.74
N TYR C 169 -4.21 3.39 -9.93
CA TYR C 169 -5.59 3.75 -10.09
C TYR C 169 -6.54 2.58 -9.69
N ASN C 170 -5.98 1.46 -9.23
CA ASN C 170 -6.79 0.33 -8.72
C ASN C 170 -7.50 0.82 -7.41
N PRO C 171 -8.85 0.90 -7.39
CA PRO C 171 -9.63 1.33 -6.20
C PRO C 171 -9.35 0.53 -4.93
N GLY C 172 -9.17 -0.75 -5.07
CA GLY C 172 -8.71 -1.58 -3.95
C GLY C 172 -7.30 -1.24 -3.46
N HIS C 173 -6.39 -0.86 -4.38
CA HIS C 173 -5.06 -0.38 -4.00
C HIS C 173 -5.12 0.96 -3.29
N MET C 174 -5.98 1.84 -3.76
CA MET C 174 -6.12 3.16 -3.14
C MET C 174 -6.60 3.08 -1.67
N SER C 175 -7.55 2.21 -1.41
CA SER C 175 -7.97 1.91 -0.07
C SER C 175 -6.80 1.35 0.76
N SER C 176 -6.16 0.30 0.26
CA SER C 176 -5.02 -0.32 0.96
C SER C 176 -3.94 0.69 1.32
N VAL C 177 -3.55 1.50 0.34
CA VAL C 177 -2.53 2.52 0.59
C VAL C 177 -3.02 3.51 1.64
N SER C 178 -4.27 3.95 1.55
CA SER C 178 -4.77 4.91 2.54
C SER C 178 -4.67 4.34 3.97
N PHE C 179 -5.04 3.07 4.14
CA PHE C 179 -4.93 2.42 5.41
C PHE C 179 -3.47 2.30 5.87
N LEU C 180 -2.56 1.98 4.95
CA LEU C 180 -1.13 1.90 5.25
C LEU C 180 -0.63 3.20 5.84
N PHE C 181 -0.91 4.29 5.13
CA PHE C 181 -0.50 5.63 5.62
C PHE C 181 -1.15 6.06 6.93
N VAL C 182 -2.47 5.90 7.05
CA VAL C 182 -3.13 6.44 8.22
C VAL C 182 -2.70 5.64 9.42
N ASN C 183 -2.46 4.36 9.22
CA ASN C 183 -1.97 3.49 10.30
C ASN C 183 -0.58 3.85 10.81
N ALA C 184 0.36 4.10 9.89
CA ALA C 184 1.70 4.60 10.26
C ALA C 184 1.64 5.90 11.04
N MET C 185 0.75 6.76 10.60
CA MET C 185 0.63 8.06 11.23
C MET C 185 0.04 7.91 12.67
N ALA C 186 -0.98 7.07 12.78
CA ALA C 186 -1.69 6.84 14.01
C ALA C 186 -0.81 6.11 15.03
N LEU C 187 0.05 5.22 14.55
CA LEU C 187 1.03 4.56 15.45
C LEU C 187 2.00 5.59 16.02
N GLY C 188 2.50 6.47 15.18
CA GLY C 188 3.28 7.62 15.68
C GLY C 188 2.57 8.49 16.70
N LEU C 189 1.33 8.87 16.38
CA LEU C 189 0.54 9.70 17.31
C LEU C 189 0.32 8.97 18.62
N HIS C 190 0.00 7.69 18.56
CA HIS C 190 -0.36 6.97 19.77
C HIS C 190 0.87 6.77 20.65
N GLY C 191 1.95 6.30 20.01
CA GLY C 191 3.21 6.19 20.63
C GLY C 191 3.70 7.49 21.23
N GLY C 192 3.63 8.59 20.47
CA GLY C 192 4.08 9.88 21.01
C GLY C 192 3.22 10.37 22.15
N LEU C 193 1.93 10.11 22.09
CA LEU C 193 1.02 10.57 23.12
C LEU C 193 1.34 9.91 24.45
N ILE C 194 1.43 8.59 24.46
CA ILE C 194 1.74 7.89 25.67
C ILE C 194 3.06 8.30 26.24
N LEU C 195 4.09 8.43 25.40
CA LEU C 195 5.39 8.88 25.89
C LEU C 195 5.39 10.30 26.41
N SER C 196 4.60 11.17 25.78
CA SER C 196 4.48 12.62 26.20
C SER C 196 3.87 12.75 27.60
N VAL C 197 3.02 11.79 27.95
CA VAL C 197 2.40 11.78 29.27
C VAL C 197 3.32 11.19 30.34
N ALA C 198 3.97 10.09 30.00
CA ALA C 198 4.90 9.43 30.90
C ALA C 198 6.25 10.16 31.08
N ASN C 199 6.60 11.02 30.15
CA ASN C 199 7.90 11.70 30.08
C ASN C 199 7.73 13.18 29.76
N PRO C 200 7.17 13.97 30.68
CA PRO C 200 7.04 15.41 30.47
C PRO C 200 8.34 16.20 30.42
N GLY C 201 9.43 15.64 30.95
CA GLY C 201 10.72 16.31 31.05
C GLY C 201 10.99 16.96 32.42
N ASP C 202 12.26 17.30 32.67
CA ASP C 202 12.68 18.30 33.72
C ASP C 202 12.19 18.00 35.16
N GLY C 203 12.05 16.72 35.48
CA GLY C 203 11.52 16.37 36.80
C GLY C 203 10.07 16.82 37.03
N ASP C 204 9.35 17.10 35.96
CA ASP C 204 7.93 17.37 36.05
C ASP C 204 7.15 16.08 36.30
N LYS C 205 5.92 16.26 36.79
CA LYS C 205 5.05 15.14 37.11
C LYS C 205 4.50 14.42 35.83
N VAL C 206 4.48 13.10 35.89
CA VAL C 206 3.75 12.27 34.94
C VAL C 206 2.30 12.77 34.95
N LYS C 207 1.63 12.81 33.79
CA LYS C 207 0.30 13.34 33.66
C LYS C 207 -0.72 12.19 33.67
N THR C 208 -1.92 12.45 33.16
CA THR C 208 -3.07 11.60 33.47
C THR C 208 -3.88 11.26 32.23
N ALA C 209 -4.82 10.34 32.39
CA ALA C 209 -5.80 10.05 31.35
C ALA C 209 -6.51 11.34 30.89
N GLU C 210 -6.81 12.22 31.82
CA GLU C 210 -7.46 13.46 31.44
C GLU C 210 -6.56 14.35 30.56
N HIS C 211 -5.26 14.45 30.85
CA HIS C 211 -4.38 15.25 29.97
C HIS C 211 -4.32 14.62 28.58
N GLU C 212 -4.32 13.27 28.50
CA GLU C 212 -4.28 12.61 27.19
C GLU C 212 -5.42 13.08 26.31
N ASN C 213 -6.65 12.97 26.86
CA ASN C 213 -7.85 13.36 26.13
C ASN C 213 -7.85 14.86 25.90
N GLN C 214 -7.40 15.61 26.88
CA GLN C 214 -7.41 17.07 26.62
C GLN C 214 -6.58 17.47 25.39
N TYR C 215 -5.44 16.80 25.18
CA TYR C 215 -4.43 17.14 24.18
C TYR C 215 -5.06 17.09 22.78
N PHE C 216 -5.69 15.99 22.51
CA PHE C 216 -6.33 15.78 21.23
C PHE C 216 -7.64 16.51 21.06
N ARG C 217 -8.36 16.74 22.16
CA ARG C 217 -9.58 17.57 22.03
C ARG C 217 -9.14 18.88 21.57
N ASP C 218 -8.07 19.40 22.20
CA ASP C 218 -7.53 20.72 21.86
C ASP C 218 -7.05 20.74 20.40
N VAL C 219 -6.36 19.69 19.94
CA VAL C 219 -5.60 19.82 18.71
C VAL C 219 -6.56 19.61 17.53
N VAL C 220 -7.37 18.57 17.60
CA VAL C 220 -8.29 18.19 16.50
C VAL C 220 -9.82 18.22 16.86
N GLY C 221 -10.15 18.49 18.12
CA GLY C 221 -11.52 18.63 18.55
C GLY C 221 -12.21 17.30 18.88
N TYR C 222 -11.44 16.22 19.03
CA TYR C 222 -12.00 14.90 19.40
C TYR C 222 -10.87 14.05 19.98
N SER C 223 -11.19 13.26 21.02
CA SER C 223 -10.28 12.24 21.49
C SER C 223 -11.00 10.87 21.50
N ILE C 224 -10.40 9.83 20.93
CA ILE C 224 -11.10 8.53 20.79
C ILE C 224 -11.08 7.77 22.10
N GLY C 225 -10.04 7.99 22.89
CA GLY C 225 -9.90 7.28 24.14
C GLY C 225 -8.90 6.13 24.08
N ALA C 226 -8.46 5.76 25.29
CA ALA C 226 -7.38 4.85 25.59
C ALA C 226 -7.63 3.44 25.10
N LEU C 227 -8.82 2.87 25.31
CA LEU C 227 -9.07 1.51 24.82
C LEU C 227 -9.31 1.56 23.30
N SER C 228 -10.08 2.55 22.88
CA SER C 228 -10.55 2.61 21.52
C SER C 228 -9.43 2.86 20.53
N ILE C 229 -8.36 3.55 20.92
CA ILE C 229 -7.24 3.78 19.96
C ILE C 229 -6.58 2.45 19.63
N HIS C 230 -6.62 1.53 20.56
CA HIS C 230 -6.12 0.15 20.28
C HIS C 230 -7.02 -0.62 19.36
N ARG C 231 -8.31 -0.47 19.53
CA ARG C 231 -9.23 -1.10 18.57
C ARG C 231 -9.07 -0.52 17.18
N LEU C 232 -9.01 0.80 17.12
CA LEU C 232 -8.77 1.54 15.91
C LEU C 232 -7.46 1.13 15.23
N GLY C 233 -6.38 1.09 15.97
CA GLY C 233 -5.12 0.65 15.40
C GLY C 233 -5.22 -0.73 14.80
N LEU C 234 -5.89 -1.65 15.50
CA LEU C 234 -6.07 -3.01 14.91
C LEU C 234 -6.93 -2.98 13.62
N PHE C 235 -8.02 -2.22 13.67
CA PHE C 235 -8.85 -2.02 12.50
C PHE C 235 -8.09 -1.42 11.27
N LEU C 236 -7.37 -0.34 11.47
CA LEU C 236 -6.64 0.30 10.39
C LEU C 236 -5.59 -0.64 9.82
N ALA C 237 -4.79 -1.27 10.68
CA ALA C 237 -3.75 -2.15 10.17
C ALA C 237 -4.32 -3.31 9.42
N SER C 238 -5.39 -3.90 9.96
CA SER C 238 -6.00 -5.05 9.34
C SER C 238 -6.56 -4.75 7.97
N ASN C 239 -7.15 -3.56 7.80
CA ASN C 239 -7.76 -3.17 6.55
C ASN C 239 -6.79 -2.81 5.42
N ILE C 240 -5.50 -2.65 5.73
CA ILE C 240 -4.46 -2.59 4.68
C ILE C 240 -4.66 -3.80 3.75
N PHE C 241 -4.77 -4.97 4.35
CA PHE C 241 -4.89 -6.20 3.55
C PHE C 241 -6.32 -6.59 3.27
N LEU C 242 -7.26 -6.36 4.20
CA LEU C 242 -8.64 -6.79 3.96
C LEU C 242 -9.23 -6.02 2.80
N THR C 243 -8.82 -4.76 2.58
CA THR C 243 -9.28 -4.06 1.39
C THR C 243 -8.39 -4.33 0.20
N GLY C 244 -7.09 -4.47 0.42
CA GLY C 244 -6.16 -4.72 -0.67
C GLY C 244 -6.42 -6.02 -1.33
N ALA C 245 -6.82 -7.03 -0.54
CA ALA C 245 -7.14 -8.32 -1.11
C ALA C 245 -8.17 -8.25 -2.29
N PHE C 246 -9.16 -7.38 -2.22
CA PHE C 246 -10.10 -7.21 -3.32
C PHE C 246 -9.49 -6.61 -4.56
N GLY C 247 -8.57 -5.64 -4.37
CA GLY C 247 -7.78 -5.09 -5.47
C GLY C 247 -6.92 -6.11 -6.20
N THR C 248 -6.34 -7.03 -5.45
CA THR C 248 -5.48 -8.04 -6.04
C THR C 248 -6.32 -9.06 -6.77
N ILE C 249 -7.34 -9.57 -6.08
CA ILE C 249 -8.21 -10.59 -6.67
C ILE C 249 -8.92 -10.09 -7.91
N ALA C 250 -9.25 -8.81 -7.96
CA ALA C 250 -9.97 -8.21 -9.08
C ALA C 250 -9.09 -8.18 -10.38
N SER C 251 -7.78 -8.07 -10.18
CA SER C 251 -6.85 -7.85 -11.27
C SER C 251 -6.53 -9.13 -12.01
N GLY C 252 -7.17 -9.31 -13.17
CA GLY C 252 -7.10 -10.55 -13.95
C GLY C 252 -8.47 -11.24 -13.97
N PRO C 253 -8.87 -11.87 -12.86
CA PRO C 253 -10.14 -12.58 -12.81
C PRO C 253 -11.40 -11.71 -13.06
N PHE C 254 -11.40 -10.43 -12.69
CA PHE C 254 -12.59 -9.57 -12.79
C PHE C 254 -12.34 -8.25 -13.55
N TRP C 255 -11.11 -7.99 -13.96
CA TRP C 255 -10.77 -6.82 -14.75
C TRP C 255 -9.51 -7.16 -15.51
N THR C 256 -9.55 -7.01 -16.83
CA THR C 256 -8.41 -7.33 -17.64
C THR C 256 -7.83 -6.10 -18.29
N ARG C 257 -8.43 -4.94 -18.10
CA ARG C 257 -7.99 -3.70 -18.77
C ARG C 257 -7.05 -2.95 -17.85
N GLY C 258 -6.59 -1.78 -18.27
CA GLY C 258 -5.84 -0.93 -17.34
C GLY C 258 -6.75 -0.42 -16.23
N TRP C 259 -6.17 -0.11 -15.08
CA TRP C 259 -6.96 0.42 -14.00
C TRP C 259 -7.53 1.79 -14.21
N PRO C 260 -6.77 2.68 -14.84
CA PRO C 260 -7.36 3.98 -15.02
C PRO C 260 -8.69 3.91 -15.78
N GLU C 261 -8.79 3.03 -16.80
CA GLU C 261 -9.98 2.92 -17.61
C GLU C 261 -11.18 2.43 -16.78
N TRP C 262 -10.91 1.74 -15.67
CA TRP C 262 -12.01 1.38 -14.78
C TRP C 262 -12.84 2.60 -14.40
N TRP C 263 -12.22 3.78 -14.29
CA TRP C 263 -12.92 4.95 -13.78
C TRP C 263 -13.81 5.59 -14.83
N GLY C 264 -13.85 5.01 -16.02
CA GLY C 264 -14.86 5.38 -16.98
C GLY C 264 -16.29 5.19 -16.45
N TRP C 265 -16.51 4.32 -15.47
CA TRP C 265 -17.86 4.20 -14.91
C TRP C 265 -18.32 5.61 -14.46
N TRP C 266 -17.39 6.41 -13.92
CA TRP C 266 -17.71 7.75 -13.46
C TRP C 266 -17.68 8.74 -14.58
N LEU C 267 -16.54 8.74 -15.25
CA LEU C 267 -16.21 9.77 -16.20
C LEU C 267 -17.15 9.73 -17.40
N ASP C 268 -17.64 8.55 -17.77
CA ASP C 268 -18.36 8.37 -19.08
C ASP C 268 -19.87 8.34 -18.94
N ILE C 269 -20.38 8.71 -17.77
CA ILE C 269 -21.82 8.78 -17.56
C ILE C 269 -22.39 9.76 -18.62
N PRO C 270 -23.42 9.34 -19.37
CA PRO C 270 -23.89 10.23 -20.45
C PRO C 270 -24.27 11.66 -19.99
N PHE C 271 -24.90 11.78 -18.83
CA PHE C 271 -25.31 13.13 -18.33
C PHE C 271 -24.22 14.19 -18.58
N TRP C 272 -22.96 13.89 -18.24
CA TRP C 272 -21.92 14.93 -18.28
C TRP C 272 -20.79 14.70 -19.29
N SER C 273 -20.96 13.68 -20.14
CA SER C 273 -20.00 13.37 -21.21
C SER C 273 -20.05 14.31 -22.42
N ALA D 1 -16.23 -14.49 24.40
CA ALA D 1 -15.34 -13.39 23.96
C ALA D 1 -15.51 -12.21 24.90
N ASP D 2 -14.48 -11.38 24.96
CA ASP D 2 -14.59 -10.10 25.63
C ASP D 2 -15.32 -9.14 24.67
N TYR D 3 -16.62 -8.97 24.87
CA TYR D 3 -17.42 -8.07 23.98
C TYR D 3 -17.02 -6.63 24.05
N GLN D 4 -16.54 -6.20 25.22
CA GLN D 4 -16.01 -4.86 25.41
C GLN D 4 -14.93 -4.50 24.43
N THR D 5 -14.17 -5.50 23.94
CA THR D 5 -13.09 -5.24 23.01
C THR D 5 -13.64 -4.94 21.62
N ILE D 6 -14.87 -5.34 21.36
CA ILE D 6 -15.55 -4.97 20.09
C ILE D 6 -16.26 -3.60 20.18
N TYR D 7 -17.01 -3.36 21.27
CA TYR D 7 -17.79 -2.16 21.40
C TYR D 7 -18.17 -2.01 22.87
N THR D 8 -18.56 -0.81 23.25
CA THR D 8 -18.95 -0.57 24.63
C THR D 8 -20.42 -0.93 24.87
N GLN D 9 -20.64 -1.98 25.68
CA GLN D 9 -21.97 -2.57 25.82
C GLN D 9 -22.89 -1.60 26.59
N ILE D 10 -22.37 -1.00 27.66
CA ILE D 10 -23.07 0.00 28.47
C ILE D 10 -22.27 1.34 28.53
N GLN D 11 -22.74 2.38 27.86
CA GLN D 11 -22.09 3.72 27.93
C GLN D 11 -22.40 4.51 29.18
N ALA D 12 -21.38 5.23 29.63
CA ALA D 12 -21.44 6.14 30.79
C ALA D 12 -21.59 7.53 30.23
N ARG D 13 -22.24 8.41 30.99
CA ARG D 13 -22.28 9.86 30.73
C ARG D 13 -21.98 10.59 32.02
N GLY D 14 -21.23 11.69 31.95
CA GLY D 14 -20.91 12.46 33.15
C GLY D 14 -20.48 13.84 32.78
N PRO D 15 -20.11 14.65 33.76
CA PRO D 15 -19.80 16.05 33.47
C PRO D 15 -18.54 16.20 32.66
N HIS D 16 -18.49 17.21 31.80
CA HIS D 16 -17.35 17.33 30.92
C HIS D 16 -16.09 17.75 31.73
N ILE D 17 -14.97 17.13 31.42
CA ILE D 17 -13.70 17.47 32.04
C ILE D 17 -12.96 18.49 31.16
N THR D 18 -12.33 19.48 31.79
CA THR D 18 -11.39 20.34 31.11
C THR D 18 -10.11 20.40 31.91
N VAL D 19 -8.98 20.15 31.26
CA VAL D 19 -7.69 20.28 31.92
C VAL D 19 -7.12 21.63 31.60
N SER D 20 -6.73 22.37 32.62
CA SER D 20 -6.21 23.72 32.41
C SER D 20 -4.80 23.63 31.85
N GLY D 21 -4.53 24.39 30.80
CA GLY D 21 -3.16 24.52 30.31
C GLY D 21 -2.62 25.86 30.75
N GLU D 22 -1.31 26.04 30.58
CA GLU D 22 -0.63 27.27 31.04
C GLU D 22 -1.15 28.54 30.39
N TRP D 23 -1.54 28.45 29.14
CA TRP D 23 -2.17 29.52 28.46
C TRP D 23 -3.21 28.87 27.56
N GLY D 24 -4.16 29.69 27.12
CA GLY D 24 -5.13 29.31 26.13
C GLY D 24 -6.49 28.87 26.62
N ASP D 25 -6.74 28.81 27.92
CA ASP D 25 -8.04 28.27 28.36
C ASP D 25 -9.26 29.03 27.77
N ASN D 26 -9.12 30.34 27.58
CA ASN D 26 -10.22 31.15 27.04
C ASN D 26 -10.31 31.12 25.52
N ASP D 27 -9.49 30.30 24.87
CA ASP D 27 -9.46 30.16 23.41
C ASP D 27 -10.06 28.84 22.92
N ARG D 28 -10.67 28.07 23.81
CA ARG D 28 -11.44 26.92 23.39
C ARG D 28 -12.83 27.35 22.97
N ILE D 29 -13.30 26.80 21.87
CA ILE D 29 -14.64 27.09 21.39
C ILE D 29 -15.40 25.84 21.05
N GLY D 30 -16.71 26.03 20.96
CA GLY D 30 -17.63 24.97 20.64
C GLY D 30 -18.25 24.57 21.96
N LYS D 31 -19.42 23.96 21.87
CA LYS D 31 -20.05 23.40 23.05
C LYS D 31 -20.01 21.92 22.76
N PRO D 32 -19.47 21.14 23.68
CA PRO D 32 -19.34 19.73 23.36
C PRO D 32 -20.71 19.10 23.12
N PHE D 33 -20.80 18.14 22.22
CA PHE D 33 -22.02 17.36 22.14
C PHE D 33 -21.68 15.87 22.06
N TYR D 34 -22.69 15.01 22.18
CA TYR D 34 -22.52 13.58 22.29
C TYR D 34 -23.18 12.82 21.16
N SER D 35 -22.49 11.79 20.66
CA SER D 35 -23.07 10.86 19.73
C SER D 35 -23.13 9.47 20.39
N TYR D 36 -24.33 8.95 20.52
CA TYR D 36 -24.56 7.62 21.05
C TYR D 36 -23.84 6.54 20.25
N TRP D 37 -23.97 6.60 18.93
CA TRP D 37 -23.39 5.59 18.03
C TRP D 37 -21.86 5.69 18.05
N LEU D 38 -21.30 6.90 17.98
CA LEU D 38 -19.85 7.05 18.14
C LEU D 38 -19.38 6.45 19.47
N GLY D 39 -20.16 6.67 20.52
CA GLY D 39 -19.83 6.13 21.84
C GLY D 39 -19.76 4.61 21.95
N LYS D 40 -20.28 3.88 20.96
CA LYS D 40 -20.09 2.44 20.91
C LYS D 40 -18.63 2.03 20.66
N ILE D 41 -17.87 2.84 19.95
CA ILE D 41 -16.52 2.46 19.53
C ILE D 41 -15.48 3.51 19.93
N GLY D 42 -15.92 4.66 20.43
CA GLY D 42 -15.01 5.68 20.90
C GLY D 42 -15.65 6.48 22.00
N ASP D 43 -14.99 7.54 22.40
CA ASP D 43 -15.59 8.48 23.31
C ASP D 43 -16.76 9.09 22.55
N ALA D 44 -17.89 9.19 23.23
CA ALA D 44 -19.09 9.89 22.72
C ALA D 44 -18.97 11.42 22.53
N GLN D 45 -18.04 12.08 23.22
CA GLN D 45 -17.99 13.56 23.20
C GLN D 45 -17.24 14.13 22.02
N ILE D 46 -17.88 15.07 21.31
CA ILE D 46 -17.28 15.76 20.20
C ILE D 46 -17.14 17.22 20.59
N GLY D 47 -15.94 17.75 20.40
CA GLY D 47 -15.61 19.11 20.78
C GLY D 47 -15.39 19.24 22.25
N PRO D 48 -15.05 20.45 22.69
CA PRO D 48 -14.76 21.65 21.95
C PRO D 48 -13.33 21.61 21.39
N ILE D 49 -12.94 22.63 20.63
CA ILE D 49 -11.67 22.62 19.96
C ILE D 49 -10.94 23.86 20.41
N TYR D 50 -9.63 23.76 20.56
CA TYR D 50 -8.77 24.91 20.80
C TYR D 50 -8.59 25.69 19.50
N LEU D 51 -8.69 27.00 19.60
CA LEU D 51 -8.49 27.89 18.47
C LEU D 51 -7.00 28.32 18.46
N GLY D 52 -6.67 29.49 18.98
CA GLY D 52 -5.27 29.94 19.11
C GLY D 52 -4.70 30.51 17.82
N ALA D 53 -3.68 31.34 17.95
CA ALA D 53 -3.09 31.99 16.80
C ALA D 53 -2.51 31.04 15.76
N SER D 54 -1.85 29.98 16.21
CA SER D 54 -1.18 29.10 15.26
C SER D 54 -2.15 28.26 14.41
N GLY D 55 -3.22 27.76 15.02
CA GLY D 55 -4.26 27.07 14.26
C GLY D 55 -5.01 28.01 13.33
N ILE D 56 -5.26 29.25 13.75
CA ILE D 56 -5.85 30.22 12.84
C ILE D 56 -4.92 30.47 11.64
N ALA D 57 -3.66 30.75 11.92
CA ALA D 57 -2.69 30.95 10.85
C ALA D 57 -2.62 29.70 9.92
N ALA D 58 -2.63 28.49 10.50
CA ALA D 58 -2.59 27.26 9.67
C ALA D 58 -3.76 27.21 8.66
N PHE D 59 -4.94 27.58 9.14
CA PHE D 59 -6.13 27.65 8.30
C PHE D 59 -6.04 28.76 7.26
N ALA D 60 -5.51 29.93 7.64
CA ALA D 60 -5.42 31.04 6.66
C ALA D 60 -4.50 30.65 5.46
N PHE D 61 -3.27 30.27 5.79
CA PHE D 61 -2.29 29.80 4.79
C PHE D 61 -2.81 28.59 4.03
N GLY D 62 -3.43 27.64 4.73
CA GLY D 62 -3.94 26.41 4.08
C GLY D 62 -5.02 26.72 3.08
N ALA D 63 -5.96 27.60 3.49
CA ALA D 63 -7.08 28.02 2.63
C ALA D 63 -6.55 28.70 1.37
N THR D 64 -5.57 29.60 1.53
CA THR D 64 -4.93 30.24 0.37
C THR D 64 -4.32 29.23 -0.60
N ALA D 65 -3.51 28.29 -0.08
CA ALA D 65 -3.02 27.22 -1.01
C ALA D 65 -4.17 26.53 -1.71
N ILE D 66 -5.24 26.23 -0.98
CA ILE D 66 -6.36 25.47 -1.53
C ILE D 66 -7.05 26.25 -2.61
N LEU D 67 -7.22 27.56 -2.39
CA LEU D 67 -7.78 28.43 -3.39
C LEU D 67 -6.89 28.55 -4.63
N ILE D 68 -5.59 28.59 -4.44
CA ILE D 68 -4.74 28.71 -5.60
C ILE D 68 -4.87 27.45 -6.44
N ILE D 69 -4.83 26.28 -5.77
CA ILE D 69 -4.94 25.02 -6.48
C ILE D 69 -6.31 24.95 -7.17
N GLY D 70 -7.36 25.23 -6.40
CA GLY D 70 -8.74 25.20 -6.84
C GLY D 70 -9.01 26.07 -8.03
N PHE D 71 -8.61 27.33 -7.99
CA PHE D 71 -8.81 28.21 -9.14
C PHE D 71 -8.01 27.76 -10.37
N ASN D 72 -6.85 27.15 -10.20
CA ASN D 72 -6.10 26.59 -11.35
C ASN D 72 -6.81 25.38 -11.95
N MET D 73 -7.30 24.48 -11.13
CA MET D 73 -8.12 23.35 -11.62
C MET D 73 -9.34 23.82 -12.43
N LEU D 74 -10.07 24.78 -11.88
CA LEU D 74 -11.15 25.44 -12.59
C LEU D 74 -10.75 26.05 -13.95
N ALA D 75 -9.62 26.74 -13.99
CA ALA D 75 -9.11 27.23 -15.27
C ALA D 75 -8.94 26.05 -16.22
N GLU D 76 -8.54 24.89 -15.70
CA GLU D 76 -8.30 23.73 -16.57
C GLU D 76 -9.53 23.20 -17.30
N VAL D 77 -10.70 23.36 -16.68
CA VAL D 77 -11.98 23.08 -17.33
C VAL D 77 -12.71 24.34 -17.82
N HIS D 78 -11.96 25.41 -18.05
CA HIS D 78 -12.54 26.64 -18.54
C HIS D 78 -13.75 27.06 -17.70
N PHE D 79 -13.64 26.90 -16.39
CA PHE D 79 -14.65 27.42 -15.45
C PHE D 79 -16.03 26.79 -15.51
N ASP D 80 -16.16 25.66 -16.21
CA ASP D 80 -17.42 24.94 -16.25
C ASP D 80 -17.64 24.13 -14.96
N PRO D 81 -18.64 24.52 -14.15
CA PRO D 81 -18.88 23.78 -12.89
C PRO D 81 -19.14 22.28 -13.05
N LEU D 82 -19.88 21.90 -14.08
CA LEU D 82 -20.27 20.53 -14.20
C LEU D 82 -19.04 19.69 -14.59
N GLN D 83 -18.18 20.26 -15.41
CA GLN D 83 -17.00 19.57 -15.85
C GLN D 83 -15.97 19.57 -14.71
N PHE D 84 -15.93 20.62 -13.91
CA PHE D 84 -15.09 20.57 -12.71
C PHE D 84 -15.41 19.31 -11.89
N PHE D 85 -16.69 19.11 -11.59
N PHE D 85 -16.68 19.11 -11.58
CA PHE D 85 -17.11 18.02 -10.71
CA PHE D 85 -17.04 18.02 -10.66
C PHE D 85 -16.79 16.71 -11.38
C PHE D 85 -16.85 16.68 -11.36
N ARG D 86 -17.08 16.63 -12.67
CA ARG D 86 -16.85 15.41 -13.40
C ARG D 86 -15.38 15.08 -13.47
N GLN D 87 -14.56 16.05 -13.83
CA GLN D 87 -13.17 15.77 -14.19
C GLN D 87 -12.19 15.93 -12.96
N PHE D 88 -12.74 16.22 -11.79
CA PHE D 88 -11.96 16.60 -10.62
C PHE D 88 -10.66 15.81 -10.40
N PHE D 89 -10.72 14.46 -10.37
CA PHE D 89 -9.56 13.69 -10.04
C PHE D 89 -8.44 13.91 -11.06
N TRP D 90 -8.78 14.23 -12.32
CA TRP D 90 -7.80 14.36 -13.41
C TRP D 90 -7.14 15.74 -13.45
N LEU D 91 -7.64 16.65 -12.64
CA LEU D 91 -7.23 18.08 -12.69
C LEU D 91 -6.04 18.32 -11.75
N GLY D 92 -5.21 19.29 -12.08
CA GLY D 92 -3.97 19.49 -11.32
C GLY D 92 -3.38 20.86 -11.49
N LEU D 93 -2.54 21.23 -10.54
CA LEU D 93 -1.71 22.43 -10.64
C LEU D 93 -0.28 21.88 -10.68
N TYR D 94 0.41 22.14 -11.79
CA TYR D 94 1.67 21.54 -12.10
C TYR D 94 2.82 22.49 -11.92
N PRO D 95 3.97 21.93 -11.53
CA PRO D 95 5.23 22.58 -11.58
C PRO D 95 5.61 22.84 -13.07
N PRO D 96 6.62 23.67 -13.32
CA PRO D 96 7.08 23.99 -14.67
C PRO D 96 7.27 22.77 -15.57
N LYS D 97 6.70 22.80 -16.77
CA LYS D 97 6.95 21.74 -17.74
C LYS D 97 8.30 21.98 -18.38
N ALA D 98 8.64 23.26 -18.55
CA ALA D 98 9.92 23.61 -19.15
C ALA D 98 11.01 23.71 -18.11
N GLN D 99 12.24 23.61 -18.60
CA GLN D 99 13.42 23.68 -17.76
C GLN D 99 13.86 25.11 -17.66
N TYR D 100 13.64 25.73 -16.50
CA TYR D 100 14.13 27.06 -16.19
C TYR D 100 15.11 26.96 -15.06
N GLY D 101 15.46 25.73 -14.67
CA GLY D 101 16.35 25.53 -13.56
C GLY D 101 15.63 25.91 -12.28
N MET D 102 16.30 26.75 -11.47
CA MET D 102 15.77 27.29 -10.22
C MET D 102 15.20 28.70 -10.41
N GLY D 103 15.11 29.16 -11.64
CA GLY D 103 14.46 30.44 -11.90
C GLY D 103 12.96 30.36 -11.60
N ILE D 104 12.44 31.41 -10.92
CA ILE D 104 11.01 31.51 -10.59
C ILE D 104 10.23 31.39 -11.90
N PRO D 105 9.43 30.31 -12.05
CA PRO D 105 8.78 30.10 -13.32
C PRO D 105 7.69 31.14 -13.60
N PRO D 106 7.32 31.33 -14.85
CA PRO D 106 6.19 32.19 -15.09
C PRO D 106 4.90 31.57 -14.51
N LEU D 107 3.93 32.41 -14.18
CA LEU D 107 2.63 31.99 -13.66
C LEU D 107 1.94 30.93 -14.51
N HIS D 108 2.09 31.02 -15.84
CA HIS D 108 1.50 30.06 -16.79
C HIS D 108 2.29 28.75 -16.96
N ASP D 109 3.38 28.57 -16.21
CA ASP D 109 4.12 27.31 -16.27
C ASP D 109 4.94 27.17 -15.00
N GLY D 110 4.22 27.12 -13.86
CA GLY D 110 4.74 26.59 -12.59
C GLY D 110 4.63 27.58 -11.45
N GLY D 111 4.42 28.85 -11.80
CA GLY D 111 4.56 29.89 -10.84
C GLY D 111 3.47 29.78 -9.79
N TRP D 112 2.23 29.47 -10.20
CA TRP D 112 1.14 29.28 -9.22
C TRP D 112 1.45 28.09 -8.36
N TRP D 113 2.07 27.06 -8.96
CA TRP D 113 2.44 25.83 -8.21
C TRP D 113 3.40 26.18 -7.06
N LEU D 114 4.39 27.02 -7.36
CA LEU D 114 5.37 27.42 -6.37
C LEU D 114 4.72 28.21 -5.22
N MET D 115 3.78 29.07 -5.57
CA MET D 115 3.04 29.86 -4.61
C MET D 115 2.21 28.98 -3.73
N ALA D 116 1.46 28.05 -4.32
CA ALA D 116 0.72 27.04 -3.50
C ALA D 116 1.63 26.28 -2.53
N GLY D 117 2.84 25.95 -3.00
CA GLY D 117 3.80 25.18 -2.20
C GLY D 117 4.25 26.00 -1.03
N LEU D 118 4.55 27.27 -1.27
CA LEU D 118 4.87 28.20 -0.20
C LEU D 118 3.76 28.28 0.87
N PHE D 119 2.53 28.51 0.45
CA PHE D 119 1.44 28.63 1.44
C PHE D 119 1.19 27.31 2.15
N MET D 120 1.22 26.20 1.43
CA MET D 120 1.18 24.88 2.13
C MET D 120 2.25 24.71 3.20
N THR D 121 3.49 25.11 2.90
CA THR D 121 4.56 25.02 3.86
C THR D 121 4.31 25.89 5.08
N LEU D 122 3.83 27.11 4.84
CA LEU D 122 3.56 28.01 5.94
C LEU D 122 2.46 27.38 6.80
N SER D 123 1.48 26.78 6.16
CA SER D 123 0.37 26.11 6.86
C SER D 123 0.85 24.94 7.75
N LEU D 124 1.70 24.07 7.21
CA LEU D 124 2.28 22.96 8.01
C LEU D 124 3.13 23.42 9.17
N GLY D 125 3.97 24.41 8.92
CA GLY D 125 4.72 25.07 9.99
C GLY D 125 3.87 25.57 11.16
N SER D 126 2.83 26.28 10.82
CA SER D 126 1.88 26.83 11.76
C SER D 126 1.19 25.72 12.51
N TRP D 127 0.76 24.67 11.80
CA TRP D 127 0.15 23.57 12.52
C TRP D 127 1.15 22.89 13.47
N TRP D 128 2.42 22.87 13.08
CA TRP D 128 3.46 22.21 13.86
C TRP D 128 3.57 22.98 15.15
N ILE D 129 3.49 24.31 15.09
CA ILE D 129 3.61 25.14 16.31
C ILE D 129 2.44 24.82 17.25
N ARG D 130 1.26 24.63 16.68
CA ARG D 130 0.10 24.22 17.46
C ARG D 130 0.33 22.89 18.16
N VAL D 131 0.77 21.90 17.42
CA VAL D 131 1.02 20.52 17.95
C VAL D 131 2.07 20.52 19.07
N TYR D 132 3.10 21.35 18.92
CA TYR D 132 4.17 21.46 19.86
C TYR D 132 3.71 22.26 21.09
N SER D 133 3.15 23.45 20.84
CA SER D 133 2.61 24.30 21.89
C SER D 133 1.53 23.67 22.75
N ARG D 134 0.59 22.97 22.15
CA ARG D 134 -0.43 22.37 23.02
C ARG D 134 0.20 21.43 24.05
N ALA D 135 1.27 20.75 23.64
CA ALA D 135 1.91 19.75 24.51
C ALA D 135 2.52 20.48 25.66
N ARG D 136 3.29 21.54 25.36
N ARG D 136 3.31 21.52 25.39
CA ARG D 136 3.95 22.34 26.41
CA ARG D 136 3.95 22.26 26.48
C ARG D 136 2.89 22.92 27.34
C ARG D 136 2.92 22.98 27.35
N ALA D 137 1.79 23.41 26.76
CA ALA D 137 0.76 24.09 27.56
C ALA D 137 0.16 23.12 28.58
N LEU D 138 -0.01 21.85 28.21
CA LEU D 138 -0.58 20.84 29.12
C LEU D 138 0.47 20.07 29.91
N GLY D 139 1.72 20.55 29.93
CA GLY D 139 2.77 19.86 30.69
C GLY D 139 3.15 18.48 30.16
N LEU D 140 3.06 18.31 28.85
CA LEU D 140 3.36 17.05 28.19
C LEU D 140 4.69 17.18 27.44
N GLY D 141 5.36 16.04 27.19
CA GLY D 141 6.52 16.04 26.31
C GLY D 141 6.14 16.29 24.87
N THR D 142 7.15 16.61 24.05
CA THR D 142 6.98 17.01 22.65
C THR D 142 7.21 15.93 21.61
N HIS D 143 7.02 14.70 22.08
CA HIS D 143 7.20 13.52 21.23
C HIS D 143 6.40 13.55 19.97
N ILE D 144 5.15 14.04 20.04
CA ILE D 144 4.30 14.01 18.83
C ILE D 144 4.86 14.99 17.81
N ALA D 145 5.31 16.15 18.28
CA ALA D 145 5.78 17.19 17.39
C ALA D 145 7.08 16.78 16.67
N TRP D 146 7.92 16.00 17.30
CA TRP D 146 9.15 15.53 16.62
C TRP D 146 8.84 14.52 15.57
N ASN D 147 7.79 13.75 15.77
CA ASN D 147 7.39 12.77 14.79
C ASN D 147 6.76 13.50 13.63
N PHE D 148 5.96 14.51 13.94
CA PHE D 148 5.32 15.33 12.90
C PHE D 148 6.37 16.11 12.12
N ALA D 149 7.39 16.60 12.79
CA ALA D 149 8.48 17.29 12.06
C ALA D 149 9.13 16.45 10.93
N ALA D 150 9.24 15.12 11.15
CA ALA D 150 9.83 14.24 10.20
C ALA D 150 8.94 14.04 8.99
N ALA D 151 7.62 13.95 9.20
CA ALA D 151 6.66 13.93 8.07
C ALA D 151 6.70 15.23 7.26
N ILE D 152 6.74 16.36 7.95
CA ILE D 152 6.87 17.65 7.26
C ILE D 152 8.17 17.69 6.44
N PHE D 153 9.26 17.25 7.05
CA PHE D 153 10.54 17.23 6.37
C PHE D 153 10.55 16.44 5.06
N PHE D 154 9.87 15.30 5.09
CA PHE D 154 9.75 14.47 3.93
C PHE D 154 9.00 15.23 2.83
N VAL D 155 7.92 15.90 3.21
CA VAL D 155 7.14 16.68 2.23
C VAL D 155 8.00 17.79 1.63
N LEU D 156 8.82 18.37 2.47
CA LEU D 156 9.78 19.39 1.99
C LEU D 156 10.82 18.79 1.06
N CYS D 157 11.22 17.52 1.26
CA CYS D 157 12.19 16.83 0.40
C CYS D 157 11.64 16.67 -1.00
N ILE D 158 10.47 16.09 -1.11
CA ILE D 158 9.88 15.84 -2.46
C ILE D 158 9.30 17.12 -3.11
N GLY D 159 8.95 18.11 -2.29
CA GLY D 159 8.38 19.32 -2.79
C GLY D 159 9.41 20.31 -3.27
N CYS D 160 10.50 20.49 -2.52
CA CYS D 160 11.45 21.57 -2.81
C CYS D 160 12.92 21.32 -2.54
N ILE D 161 13.27 20.47 -1.57
CA ILE D 161 14.68 20.23 -1.33
C ILE D 161 15.33 19.42 -2.44
N HIS D 162 14.71 18.33 -2.87
CA HIS D 162 15.29 17.61 -3.99
C HIS D 162 15.32 18.48 -5.28
N PRO D 163 14.22 19.14 -5.62
CA PRO D 163 14.25 20.12 -6.74
C PRO D 163 15.44 21.08 -6.63
N ALA D 164 15.70 21.60 -5.44
CA ALA D 164 16.76 22.57 -5.26
C ALA D 164 18.14 21.89 -5.42
N LEU D 165 18.24 20.64 -5.01
CA LEU D 165 19.54 19.92 -5.02
C LEU D 165 19.95 19.51 -6.42
N VAL D 166 18.97 19.15 -7.25
CA VAL D 166 19.26 18.91 -8.66
C VAL D 166 19.20 20.15 -9.53
N GLY D 167 18.65 21.22 -8.96
CA GLY D 167 18.51 22.51 -9.62
C GLY D 167 17.33 22.64 -10.55
N SER D 168 16.22 21.93 -10.32
CA SER D 168 15.02 22.12 -11.17
C SER D 168 13.68 22.01 -10.47
N TRP D 169 12.89 23.07 -10.54
CA TRP D 169 11.54 23.05 -10.01
C TRP D 169 10.62 22.05 -10.73
N SER D 170 11.04 21.61 -11.92
CA SER D 170 10.22 20.75 -12.76
C SER D 170 9.99 19.37 -12.13
N GLU D 171 10.73 19.08 -11.06
CA GLU D 171 10.78 17.78 -10.40
C GLU D 171 9.80 17.68 -9.24
N GLY D 172 9.17 18.78 -8.84
CA GLY D 172 8.26 18.76 -7.69
C GLY D 172 6.97 18.00 -7.89
N VAL D 173 6.31 17.70 -6.77
CA VAL D 173 5.02 17.00 -6.83
C VAL D 173 3.92 17.98 -7.28
N PRO D 174 3.13 17.63 -8.32
CA PRO D 174 1.92 18.35 -8.67
C PRO D 174 0.84 18.27 -7.62
N PHE D 175 -0.01 19.30 -7.54
CA PHE D 175 -1.22 19.20 -6.68
C PHE D 175 -2.39 18.64 -7.47
N GLY D 176 -3.01 17.53 -7.03
CA GLY D 176 -4.20 16.97 -7.71
C GLY D 176 -4.26 15.50 -7.32
N ILE D 177 -5.42 14.87 -7.44
CA ILE D 177 -5.60 13.51 -7.00
C ILE D 177 -4.80 12.59 -7.90
N TRP D 178 -5.20 12.44 -9.16
CA TRP D 178 -4.39 11.64 -10.07
C TRP D 178 -3.01 12.25 -10.39
N PRO D 179 -2.92 13.58 -10.56
CA PRO D 179 -1.60 14.15 -10.91
C PRO D 179 -0.50 13.89 -9.89
N HIS D 180 -0.79 13.99 -8.59
CA HIS D 180 0.25 13.64 -7.61
C HIS D 180 0.65 12.14 -7.70
N ILE D 181 -0.27 11.28 -8.10
CA ILE D 181 -0.01 9.86 -8.22
C ILE D 181 0.89 9.66 -9.48
N ASP D 182 0.59 10.34 -10.56
CA ASP D 182 1.37 10.19 -11.81
C ASP D 182 2.85 10.56 -11.57
N TRP D 183 3.12 11.58 -10.75
CA TRP D 183 4.48 11.91 -10.30
C TRP D 183 5.28 10.71 -9.81
N LEU D 184 4.62 9.81 -9.12
CA LEU D 184 5.30 8.65 -8.54
C LEU D 184 5.93 7.82 -9.60
N THR D 185 5.22 7.61 -10.70
CA THR D 185 5.74 6.82 -11.79
C THR D 185 6.78 7.58 -12.58
N ALA D 186 6.54 8.86 -12.88
CA ALA D 186 7.54 9.63 -13.61
C ALA D 186 8.87 9.63 -12.85
N PHE D 187 8.80 9.82 -11.55
CA PHE D 187 9.96 9.90 -10.68
C PHE D 187 10.71 8.56 -10.64
N SER D 188 9.98 7.46 -10.40
CA SER D 188 10.57 6.17 -10.37
C SER D 188 11.20 5.84 -11.73
N ILE D 189 10.51 6.13 -12.81
CA ILE D 189 11.09 5.91 -14.15
C ILE D 189 12.40 6.68 -14.40
N ARG D 190 12.38 7.98 -14.10
CA ARG D 190 13.53 8.83 -14.36
C ARG D 190 14.79 8.36 -13.57
N TYR D 191 14.55 7.81 -12.38
CA TYR D 191 15.64 7.45 -11.48
C TYR D 191 15.87 5.93 -11.40
N GLY D 192 15.41 5.19 -12.39
CA GLY D 192 15.89 3.84 -12.66
C GLY D 192 15.24 2.72 -11.83
N ASN D 193 14.01 2.97 -11.40
CA ASN D 193 13.15 1.94 -10.73
C ASN D 193 13.33 2.01 -9.22
N PHE D 194 12.39 2.65 -8.56
CA PHE D 194 12.49 2.90 -7.12
C PHE D 194 12.46 1.63 -6.30
N TYR D 195 12.05 0.47 -6.89
CA TYR D 195 12.25 -0.81 -6.14
C TYR D 195 13.69 -1.12 -5.80
N TYR D 196 14.64 -0.56 -6.57
CA TYR D 196 16.08 -0.78 -6.37
C TYR D 196 16.75 0.26 -5.50
N CYS D 197 15.95 1.18 -4.93
CA CYS D 197 16.49 2.18 -4.00
C CYS D 197 16.45 1.61 -2.58
N PRO D 198 17.60 1.44 -1.94
CA PRO D 198 17.56 0.84 -0.58
C PRO D 198 16.67 1.52 0.42
N TRP D 199 16.65 2.85 0.38
CA TRP D 199 15.86 3.70 1.24
C TRP D 199 14.33 3.59 0.99
N HIS D 200 13.93 3.34 -0.26
CA HIS D 200 12.57 2.95 -0.53
C HIS D 200 12.27 1.65 0.25
N GLY D 201 13.20 0.72 0.14
CA GLY D 201 13.09 -0.56 0.84
C GLY D 201 12.99 -0.37 2.34
N PHE D 202 13.86 0.47 2.90
CA PHE D 202 13.86 0.70 4.35
C PHE D 202 12.54 1.36 4.78
N SER D 203 12.11 2.36 4.02
CA SER D 203 10.84 3.05 4.29
C SER D 203 9.66 2.09 4.30
N ILE D 204 9.62 1.22 3.31
CA ILE D 204 8.62 0.16 3.26
C ILE D 204 8.67 -0.86 4.40
N GLY D 205 9.84 -1.30 4.74
CA GLY D 205 10.04 -2.21 5.85
C GLY D 205 9.52 -1.55 7.11
N PHE D 206 9.81 -0.27 7.30
CA PHE D 206 9.22 0.43 8.44
C PHE D 206 7.70 0.66 8.32
N ALA D 207 7.16 0.94 7.14
CA ALA D 207 5.74 1.19 6.96
C ALA D 207 4.94 -0.10 7.20
N TYR D 208 5.40 -1.20 6.63
CA TYR D 208 4.79 -2.51 6.82
C TYR D 208 4.97 -2.87 8.27
N GLY D 209 6.13 -2.47 8.83
CA GLY D 209 6.43 -2.69 10.26
C GLY D 209 5.45 -1.98 11.19
N CYS D 210 5.06 -0.76 10.87
CA CYS D 210 3.99 -0.08 11.55
C CYS D 210 2.67 -0.85 11.49
N GLY D 211 2.38 -1.44 10.33
CA GLY D 211 1.23 -2.30 10.17
C GLY D 211 1.32 -3.44 11.16
N LEU D 212 2.43 -4.14 11.12
CA LEU D 212 2.64 -5.24 12.01
C LEU D 212 2.53 -4.85 13.47
N LEU D 213 3.19 -3.77 13.81
CA LEU D 213 3.24 -3.37 15.21
C LEU D 213 1.89 -2.79 15.74
N PHE D 214 1.09 -2.11 14.91
CA PHE D 214 -0.17 -1.57 15.40
C PHE D 214 -1.18 -2.71 15.47
N ALA D 215 -1.10 -3.67 14.58
CA ALA D 215 -1.95 -4.87 14.71
C ALA D 215 -1.64 -5.61 15.99
N ALA D 216 -0.36 -5.87 16.20
CA ALA D 216 0.13 -6.63 17.34
C ALA D 216 -0.13 -5.93 18.64
N HIS D 217 0.17 -4.64 18.70
CA HIS D 217 0.03 -3.89 19.92
C HIS D 217 -1.47 -3.67 20.23
N GLY D 218 -2.26 -3.30 19.23
CA GLY D 218 -3.69 -3.08 19.41
C GLY D 218 -4.33 -4.37 19.86
N ALA D 219 -3.94 -5.47 19.21
CA ALA D 219 -4.53 -6.78 19.56
C ALA D 219 -4.07 -7.18 20.97
N THR D 220 -2.84 -6.83 21.33
CA THR D 220 -2.30 -7.24 22.62
C THR D 220 -3.09 -6.54 23.72
N ILE D 221 -3.27 -5.24 23.62
CA ILE D 221 -3.98 -4.52 24.62
C ILE D 221 -5.45 -4.89 24.71
N LEU D 222 -6.09 -5.20 23.59
CA LEU D 222 -7.42 -5.73 23.65
C LEU D 222 -7.42 -7.08 24.36
N ALA D 223 -6.40 -7.92 24.13
CA ALA D 223 -6.40 -9.25 24.77
C ALA D 223 -6.22 -9.18 26.30
N VAL D 224 -5.76 -8.02 26.77
CA VAL D 224 -5.55 -7.79 28.20
C VAL D 224 -6.38 -6.64 28.74
N ALA D 225 -7.43 -6.28 28.02
CA ALA D 225 -8.40 -5.25 28.46
C ALA D 225 -9.13 -5.64 29.70
N ARG D 226 -9.36 -6.95 29.84
CA ARG D 226 -10.00 -7.51 31.02
C ARG D 226 -9.23 -7.26 32.32
N PHE D 227 -7.92 -6.96 32.23
CA PHE D 227 -7.07 -6.72 33.39
C PHE D 227 -6.68 -5.24 33.38
N GLY D 228 -7.38 -4.42 32.63
CA GLY D 228 -7.08 -3.00 32.51
C GLY D 228 -5.85 -2.57 31.74
N GLY D 229 -5.40 -3.38 30.79
CA GLY D 229 -4.26 -3.01 29.97
C GLY D 229 -4.32 -1.67 29.26
N ASP D 230 -5.52 -1.23 28.95
CA ASP D 230 -5.75 0.04 28.25
C ASP D 230 -5.36 1.23 29.12
N ARG D 231 -5.29 1.02 30.43
CA ARG D 231 -4.87 2.10 31.35
C ARG D 231 -3.33 2.16 31.38
N GLU D 232 -2.77 2.50 30.24
CA GLU D 232 -1.35 2.35 30.02
C GLU D 232 -0.45 3.15 30.89
N ILE D 233 -0.81 4.38 31.23
CA ILE D 233 0.06 5.22 32.04
C ILE D 233 0.27 4.65 33.41
N GLU D 234 -0.77 4.12 34.05
CA GLU D 234 -0.55 3.56 35.37
C GLU D 234 0.05 2.15 35.31
N GLN D 235 -0.11 1.47 34.17
CA GLN D 235 0.65 0.25 33.93
C GLN D 235 2.18 0.51 33.80
N ILE D 236 2.55 1.71 33.33
CA ILE D 236 3.94 2.10 33.25
C ILE D 236 4.51 2.39 34.64
N THR D 237 3.76 3.17 35.42
CA THR D 237 4.18 3.57 36.71
C THR D 237 3.93 2.50 37.73
N ASP D 238 3.02 1.58 37.48
CA ASP D 238 2.83 0.48 38.44
C ASP D 238 2.39 -0.82 37.75
N ARG D 239 3.36 -1.56 37.24
CA ARG D 239 3.14 -2.76 36.46
C ARG D 239 2.04 -3.65 37.08
N GLY D 240 1.01 -3.93 36.27
CA GLY D 240 -0.02 -4.87 36.61
C GLY D 240 0.01 -6.14 35.80
N THR D 241 -0.88 -7.06 36.16
CA THR D 241 -0.89 -8.36 35.58
C THR D 241 -1.20 -8.25 34.08
N ALA D 242 -1.87 -7.19 33.65
CA ALA D 242 -2.17 -7.03 32.25
C ALA D 242 -0.86 -7.10 31.45
N VAL D 243 0.13 -6.31 31.85
CA VAL D 243 1.31 -6.10 31.03
C VAL D 243 2.35 -7.17 31.35
N GLU D 244 2.28 -7.78 32.53
CA GLU D 244 3.02 -9.02 32.75
C GLU D 244 2.60 -10.10 31.75
N ARG D 245 1.30 -10.29 31.59
CA ARG D 245 0.75 -11.25 30.59
C ARG D 245 1.06 -10.89 29.16
N ALA D 246 0.91 -9.62 28.79
CA ALA D 246 1.32 -9.15 27.46
C ALA D 246 2.79 -9.50 27.20
N ALA D 247 3.66 -9.23 28.17
CA ALA D 247 5.10 -9.40 27.93
C ALA D 247 5.37 -10.88 27.80
N LEU D 248 4.71 -11.71 28.63
CA LEU D 248 4.93 -13.12 28.54
C LEU D 248 4.33 -13.73 27.26
N PHE D 249 3.18 -13.23 26.82
CA PHE D 249 2.72 -13.72 25.54
C PHE D 249 3.83 -13.62 24.50
N TRP D 250 4.43 -12.46 24.35
CA TRP D 250 5.44 -12.23 23.36
C TRP D 250 6.73 -12.99 23.64
N ARG D 251 7.19 -13.01 24.87
CA ARG D 251 8.40 -13.70 25.27
C ARG D 251 8.29 -15.19 24.88
N TRP D 252 7.10 -15.76 25.13
CA TRP D 252 6.89 -17.16 24.87
C TRP D 252 6.72 -17.44 23.40
N THR D 253 6.23 -16.46 22.65
CA THR D 253 6.02 -16.64 21.20
C THR D 253 7.36 -16.40 20.44
N ILE D 254 7.93 -15.20 20.59
CA ILE D 254 9.13 -14.81 19.86
C ILE D 254 10.50 -14.84 20.63
N GLY D 255 10.52 -15.15 21.91
CA GLY D 255 11.75 -15.26 22.67
C GLY D 255 12.20 -14.01 23.35
N PHE D 256 11.46 -12.94 23.17
CA PHE D 256 11.81 -11.68 23.77
C PHE D 256 10.58 -10.80 23.84
N ASN D 257 10.67 -9.71 24.59
CA ASN D 257 9.51 -8.90 24.85
C ASN D 257 9.84 -7.44 25.15
N ALA D 258 8.82 -6.59 25.13
CA ALA D 258 9.00 -5.14 25.44
C ALA D 258 8.41 -4.93 26.80
N THR D 259 8.35 -3.67 27.21
CA THR D 259 7.51 -3.27 28.33
C THR D 259 6.36 -2.40 27.78
N ILE D 260 5.34 -2.14 28.60
CA ILE D 260 4.22 -1.33 28.16
C ILE D 260 4.75 0.09 27.79
N GLU D 261 5.73 0.63 28.50
CA GLU D 261 6.28 1.92 27.98
C GLU D 261 7.01 1.72 26.64
N SER D 262 7.89 0.71 26.56
CA SER D 262 8.90 0.72 25.48
C SER D 262 8.28 0.34 24.17
N VAL D 263 7.16 -0.41 24.22
CA VAL D 263 6.50 -0.76 22.95
C VAL D 263 6.00 0.51 22.25
N HIS D 264 5.71 1.56 23.00
CA HIS D 264 5.36 2.81 22.38
C HIS D 264 6.59 3.51 21.76
N ARG D 265 7.77 3.31 22.37
CA ARG D 265 9.04 3.75 21.77
C ARG D 265 9.30 3.09 20.42
N TRP D 266 9.06 1.79 20.33
CA TRP D 266 9.22 1.05 19.12
C TRP D 266 8.26 1.60 18.08
N GLY D 267 7.00 1.82 18.46
CA GLY D 267 6.00 2.33 17.49
C GLY D 267 6.39 3.73 17.01
N TRP D 268 6.78 4.58 17.95
CA TRP D 268 7.21 5.96 17.59
C TRP D 268 8.43 5.94 16.65
N PHE D 269 9.40 5.05 16.92
CA PHE D 269 10.57 4.90 16.10
C PHE D 269 10.22 4.41 14.69
N PHE D 270 9.46 3.34 14.59
CA PHE D 270 9.03 2.83 13.27
C PHE D 270 8.35 3.85 12.43
N SER D 271 7.48 4.65 13.05
CA SER D 271 6.77 5.66 12.36
C SER D 271 7.72 6.71 11.90
N LEU D 272 8.53 7.24 12.81
CA LEU D 272 9.58 8.20 12.41
C LEU D 272 10.45 7.72 11.23
N MET D 273 10.85 6.47 11.27
CA MET D 273 11.81 5.95 10.30
C MET D 273 11.15 5.73 8.95
N VAL D 274 9.82 5.68 8.89
CA VAL D 274 9.18 5.64 7.54
C VAL D 274 9.61 6.94 6.82
N MET D 275 9.58 8.05 7.54
CA MET D 275 9.78 9.38 6.94
C MET D 275 11.28 9.73 6.83
N VAL D 276 12.09 9.37 7.86
CA VAL D 276 13.54 9.53 7.83
C VAL D 276 14.16 8.77 6.67
N SER D 277 13.78 7.49 6.51
CA SER D 277 14.30 6.68 5.47
C SER D 277 13.89 7.21 4.08
N ALA D 278 12.63 7.55 3.89
CA ALA D 278 12.17 8.07 2.62
C ALA D 278 12.89 9.33 2.29
N SER D 279 13.07 10.19 3.29
CA SER D 279 13.77 11.43 3.04
C SER D 279 15.27 11.20 2.60
N VAL D 280 15.98 10.27 3.23
CA VAL D 280 17.36 10.00 2.86
C VAL D 280 17.34 9.53 1.40
N GLY D 281 16.46 8.60 1.08
CA GLY D 281 16.37 8.16 -0.30
C GLY D 281 16.21 9.25 -1.28
N ILE D 282 15.30 10.16 -0.94
CA ILE D 282 15.01 11.27 -1.86
C ILE D 282 16.22 12.20 -1.98
N LEU D 283 16.93 12.45 -0.89
CA LEU D 283 18.08 13.33 -0.91
C LEU D 283 19.26 12.76 -1.72
N LEU D 284 19.40 11.42 -1.77
CA LEU D 284 20.42 10.74 -2.52
C LEU D 284 20.05 10.64 -3.99
N THR D 285 18.76 10.66 -4.30
CA THR D 285 18.28 10.43 -5.69
C THR D 285 18.51 11.67 -6.52
N GLY D 286 19.17 11.51 -7.68
CA GLY D 286 19.45 12.63 -8.59
C GLY D 286 20.72 13.38 -8.23
N THR D 287 20.94 13.47 -6.94
CA THR D 287 22.11 14.13 -6.39
C THR D 287 23.36 13.25 -6.53
N PHE D 288 23.27 11.99 -6.07
CA PHE D 288 24.39 11.07 -6.03
C PHE D 288 24.14 9.72 -6.69
N VAL D 289 22.88 9.45 -7.02
CA VAL D 289 22.53 8.26 -7.80
C VAL D 289 21.58 8.64 -8.92
N ASP D 290 21.86 8.22 -10.16
CA ASP D 290 20.99 8.54 -11.30
C ASP D 290 20.05 7.40 -11.68
N ASN D 291 20.47 6.17 -11.44
CA ASN D 291 19.68 5.00 -11.86
C ASN D 291 19.91 3.89 -10.79
N TRP D 292 18.88 3.69 -10.01
CA TRP D 292 19.00 2.81 -8.85
C TRP D 292 19.20 1.34 -9.22
N TYR D 293 18.52 0.87 -10.25
CA TYR D 293 18.71 -0.50 -10.77
C TYR D 293 20.20 -0.66 -11.17
N LEU D 294 20.75 0.27 -11.98
CA LEU D 294 22.13 0.18 -12.40
C LEU D 294 23.09 0.25 -11.21
N TRP D 295 22.72 1.00 -10.21
CA TRP D 295 23.53 1.11 -9.00
C TRP D 295 23.53 -0.23 -8.30
N CYS D 296 22.38 -0.93 -8.29
CA CYS D 296 22.34 -2.26 -7.66
C CYS D 296 23.12 -3.31 -8.48
N VAL D 297 23.09 -3.22 -9.81
CA VAL D 297 23.90 -4.08 -10.65
C VAL D 297 25.40 -3.90 -10.40
N LYS D 298 25.85 -2.65 -10.38
CA LYS D 298 27.21 -2.25 -10.15
C LYS D 298 27.68 -2.89 -8.85
N HIS D 299 26.85 -2.87 -7.80
CA HIS D 299 27.21 -3.35 -6.49
C HIS D 299 26.88 -4.85 -6.28
N GLY D 300 26.48 -5.57 -7.31
CA GLY D 300 26.43 -7.03 -7.29
C GLY D 300 25.11 -7.66 -6.84
N ALA D 301 24.09 -6.82 -6.60
CA ALA D 301 22.88 -7.23 -5.90
C ALA D 301 21.66 -7.60 -6.76
N ALA D 302 21.59 -7.14 -7.98
CA ALA D 302 20.33 -7.35 -8.77
C ALA D 302 20.22 -8.75 -9.25
N PRO D 303 19.02 -9.35 -9.15
CA PRO D 303 18.85 -10.64 -9.73
C PRO D 303 18.80 -10.51 -11.28
N ASP D 304 19.09 -11.62 -11.95
CA ASP D 304 19.13 -11.70 -13.40
C ASP D 304 18.39 -12.98 -13.76
N TYR D 305 17.78 -13.01 -14.95
CA TYR D 305 16.91 -14.10 -15.36
C TYR D 305 17.21 -14.46 -16.79
N PRO D 306 17.02 -15.74 -17.16
CA PRO D 306 17.04 -16.17 -18.55
C PRO D 306 16.01 -15.49 -19.40
N ALA D 307 16.32 -15.40 -20.70
CA ALA D 307 15.40 -14.94 -21.67
C ALA D 307 14.29 -16.02 -21.77
N TYR D 308 13.06 -15.60 -21.99
CA TYR D 308 12.00 -16.53 -22.22
C TYR D 308 11.73 -16.49 -23.73
N LEU D 309 11.30 -15.35 -24.23
CA LEU D 309 11.33 -15.06 -25.63
C LEU D 309 12.76 -14.58 -25.94
N PRO D 310 13.21 -14.60 -27.20
CA PRO D 310 14.64 -14.29 -27.44
C PRO D 310 15.13 -12.93 -26.94
N ALA D 311 16.33 -12.94 -26.39
CA ALA D 311 17.03 -11.70 -26.05
C ALA D 311 16.96 -10.77 -27.25
N THR D 312 16.85 -9.46 -27.02
CA THR D 312 16.54 -8.54 -28.10
C THR D 312 17.54 -7.40 -28.05
N PRO D 313 18.49 -7.36 -28.99
CA PRO D 313 19.41 -6.23 -29.02
C PRO D 313 18.67 -4.93 -29.31
N ASP D 314 19.23 -3.85 -28.77
CA ASP D 314 18.77 -2.50 -29.08
C ASP D 314 18.93 -2.28 -30.56
N PRO D 315 17.83 -2.03 -31.28
CA PRO D 315 17.96 -1.78 -32.69
C PRO D 315 18.75 -0.55 -33.01
N ALA D 316 18.78 0.45 -32.13
CA ALA D 316 19.53 1.68 -32.43
C ALA D 316 21.02 1.33 -32.59
N SER D 317 21.46 0.23 -31.98
CA SER D 317 22.87 -0.15 -32.01
C SER D 317 23.19 -1.01 -33.24
N LEU D 318 22.21 -1.35 -34.08
CA LEU D 318 22.52 -2.22 -35.23
C LEU D 318 23.13 -1.46 -36.41
N PRO D 319 23.94 -2.16 -37.22
CA PRO D 319 24.49 -1.53 -38.43
C PRO D 319 23.39 -0.99 -39.34
N GLY D 320 23.46 0.28 -39.70
CA GLY D 320 22.55 0.83 -40.68
C GLY D 320 21.21 1.29 -40.12
N ALA D 321 21.08 1.26 -38.78
CA ALA D 321 19.82 1.66 -38.16
C ALA D 321 19.68 3.17 -38.28
N PRO D 322 18.44 3.65 -38.44
CA PRO D 322 18.24 5.07 -38.33
C PRO D 322 18.37 5.56 -36.87
N LYS D 323 18.37 6.89 -36.69
CA LYS D 323 18.31 7.47 -35.37
C LYS D 323 16.94 7.22 -34.68
FE HEC E . -8.96 4.15 -60.57
CHA HEC E . -6.35 5.07 -62.54
CHB HEC E . -10.43 2.60 -63.16
CHC HEC E . -11.44 3.10 -58.53
CHD HEC E . -7.60 5.88 -58.04
NA HEC E . -8.48 3.86 -62.50
C1A HEC E . -7.40 4.39 -63.16
C2A HEC E . -7.49 4.17 -64.53
C3A HEC E . -8.65 3.41 -64.72
C4A HEC E . -9.21 3.23 -63.43
CMA HEC E . -9.17 2.92 -66.06
CAA HEC E . -6.54 4.58 -65.59
CBA HEC E . -7.06 5.79 -66.38
CGA HEC E . -6.13 6.26 -67.42
O1A HEC E . -5.00 6.66 -67.11
O2A HEC E . -6.47 6.25 -68.62
NB HEC E . -10.66 3.03 -60.79
C1B HEC E . -11.11 2.45 -61.92
C2B HEC E . -12.29 1.70 -61.71
C3B HEC E . -12.58 1.84 -60.35
C4B HEC E . -11.56 2.64 -59.84
CMB HEC E . -13.03 0.92 -62.81
CAB HEC E . -13.68 1.20 -59.56
CBB HEC E . -13.59 -0.32 -59.87
NC HEC E . -9.40 4.43 -58.65
C1C HEC E . -10.54 4.05 -58.01
C2C HEC E . -10.64 4.55 -56.71
C3C HEC E . -9.54 5.38 -56.52
C4C HEC E . -8.84 5.28 -57.76
CMC HEC E . -11.82 4.25 -55.82
CAC HEC E . -9.22 6.27 -55.36
CBC HEC E . -9.11 5.54 -54.03
ND HEC E . -7.28 5.27 -60.33
C1D HEC E . -6.81 5.77 -59.17
C2D HEC E . -5.52 6.28 -59.28
C3D HEC E . -5.15 6.09 -60.62
C4D HEC E . -6.25 5.43 -61.21
CMD HEC E . -4.72 6.94 -58.22
CAD HEC E . -3.82 6.38 -61.20
CBD HEC E . -2.88 5.23 -60.84
CGD HEC E . -1.43 5.39 -61.15
O1D HEC E . -0.68 4.35 -61.24
O2D HEC E . -0.95 6.55 -61.31
FE HEC F . -5.22 6.40 -47.27
CHA HEC F . -6.55 9.45 -46.90
CHB HEC F . -6.58 6.20 -50.35
CHC HEC F . -3.60 3.49 -47.77
CHD HEC F . -4.21 6.44 -44.07
NA HEC F . -6.35 7.60 -48.41
C1A HEC F . -6.87 8.81 -48.07
C2A HEC F . -7.73 9.33 -49.06
C3A HEC F . -7.72 8.37 -50.05
C4A HEC F . -6.88 7.34 -49.61
CMA HEC F . -8.46 8.46 -51.34
CAA HEC F . -8.49 10.63 -49.10
CBA HEC F . -9.74 10.53 -48.24
CGA HEC F . -10.51 11.77 -48.13
O1A HEC F . -11.66 11.90 -48.66
O2A HEC F . -9.98 12.70 -47.52
NB HEC F . -5.09 5.09 -48.80
C1B HEC F . -5.74 5.14 -50.01
C2B HEC F . -5.45 4.03 -50.79
C3B HEC F . -4.54 3.24 -50.09
C4B HEC F . -4.38 3.90 -48.84
CMB HEC F . -5.97 3.83 -52.18
CAB HEC F . -3.94 1.90 -50.51
CBB HEC F . -3.08 2.07 -51.79
NC HEC F . -4.07 5.22 -46.14
C1C HEC F . -3.54 4.01 -46.46
C2C HEC F . -2.86 3.41 -45.38
C3C HEC F . -3.05 4.25 -44.29
C4C HEC F . -3.79 5.33 -44.79
CMC HEC F . -2.15 2.05 -45.47
CAC HEC F . -2.63 4.09 -42.86
CBC HEC F . -1.12 4.07 -42.58
ND HEC F . -5.39 7.68 -45.73
C1D HEC F . -4.78 7.60 -44.53
C2D HEC F . -4.81 8.81 -43.84
C3D HEC F . -5.46 9.72 -44.67
C4D HEC F . -5.81 8.97 -45.81
CMD HEC F . -4.20 9.11 -42.47
CAD HEC F . -5.75 11.17 -44.41
CBD HEC F . -7.17 11.41 -43.94
CGD HEC F . -8.17 11.70 -44.98
O1D HEC F . -7.99 12.56 -45.88
O2D HEC F . -9.26 11.09 -44.91
FE HEC G . 7.91 1.23 -23.39
CHA HEC G . 10.71 3.00 -24.08
CHB HEC G . 7.98 2.30 -20.19
CHC HEC G . 4.85 -0.10 -22.92
CHD HEC G . 8.11 -0.27 -26.37
NA HEC G . 9.14 2.44 -22.31
C1A HEC G . 10.26 3.08 -22.75
C2A HEC G . 10.82 3.86 -21.73
C3A HEC G . 10.03 3.64 -20.56
C4A HEC G . 9.01 2.79 -21.00
CMA HEC G . 10.20 4.17 -19.17
CAA HEC G . 12.07 4.64 -21.88
CBA HEC G . 13.31 3.79 -21.70
CGA HEC G . 14.59 4.58 -21.70
O1A HEC G . 14.68 5.76 -21.26
O2A HEC G . 15.63 4.04 -22.17
NB HEC G . 6.63 1.12 -21.83
C1B HEC G . 6.79 1.67 -20.59
C2B HEC G . 5.65 1.49 -19.82
C3B HEC G . 4.73 0.80 -20.62
C4B HEC G . 5.40 0.54 -21.80
CMB HEC G . 5.43 1.94 -18.37
CAB HEC G . 3.32 0.36 -20.26
CBB HEC G . 2.48 1.55 -19.75
NC HEC G . 6.66 0.03 -24.45
C1C HEC G . 5.48 -0.52 -24.07
C2C HEC G . 4.98 -1.47 -24.99
C3C HEC G . 5.94 -1.53 -26.01
C4C HEC G . 6.94 -0.58 -25.64
CMC HEC G . 3.68 -2.29 -24.88
CAC HEC G . 5.98 -2.45 -27.20
CBC HEC G . 4.76 -2.41 -28.13
ND HEC G . 9.21 1.32 -24.96
C1D HEC G . 9.10 0.70 -26.14
C2D HEC G . 10.09 1.10 -27.05
C3D HEC G . 10.86 2.07 -26.39
C4D HEC G . 10.28 2.17 -25.11
CMD HEC G . 10.24 0.64 -28.48
CAD HEC G . 12.03 2.84 -26.89
CBD HEC G . 11.65 3.87 -27.96
CGD HEC G . 12.81 4.55 -28.60
O1D HEC G . 12.67 5.27 -29.64
O2D HEC G . 13.92 4.43 -28.07
FE HEC H . 2.79 -2.22 -35.83
CHA HEC H . 3.44 -5.51 -35.94
CHB HEC H . 3.91 -2.06 -32.69
CHC HEC H . 2.41 1.14 -35.86
CHD HEC H . 1.48 -2.33 -38.90
NA HEC H . 3.53 -3.56 -34.54
C1A HEC H . 3.71 -4.89 -34.71
C2A HEC H . 4.18 -5.53 -33.53
C3A HEC H . 4.30 -4.50 -32.60
C4A HEC H . 3.90 -3.33 -33.26
CMA HEC H . 4.83 -4.59 -31.19
CAA HEC H . 4.51 -6.97 -33.33
CBA HEC H . 3.38 -7.81 -32.78
CGA HEC H . 3.77 -9.23 -32.51
O1A HEC H . 4.83 -9.66 -32.96
O2A HEC H . 3.05 -10.02 -31.86
NB HEC H . 3.08 -0.74 -34.50
C1B HEC H . 3.60 -0.82 -33.27
C2B HEC H . 3.72 0.44 -32.63
C3B HEC H . 3.30 1.39 -33.56
C4B HEC H . 2.93 0.62 -34.69
CMB HEC H . 4.28 0.65 -31.24
CAB HEC H . 3.22 2.89 -33.40
CBB HEC H . 4.55 3.61 -33.12
NC HEC H . 2.08 -0.83 -37.12
C1C HEC H . 1.98 0.51 -36.97
C2C HEC H . 1.34 1.15 -38.07
C3C HEC H . 1.02 0.11 -38.98
C4C HEC H . 1.53 -1.06 -38.37
CMC HEC H . 1.02 2.61 -38.19
CAC HEC H . 0.35 0.23 -40.32
CBC HEC H . 1.14 1.11 -41.33
ND HEC H . 2.51 -3.66 -37.17
C1D HEC H . 1.96 -3.54 -38.40
C2D HEC H . 1.89 -4.76 -39.10
C3D HEC H . 2.49 -5.68 -38.24
C4D HEC H . 2.83 -4.97 -37.09
CMD HEC H . 1.32 -5.07 -40.49
CAD HEC H . 2.59 -7.16 -38.43
CBD HEC H . 3.99 -7.65 -38.66
CGD HEC H . 4.14 -9.07 -38.29
O1D HEC H . 5.25 -9.37 -37.78
O2D HEC H . 3.19 -9.90 -38.48
N1 LDA I . 27.69 21.65 -9.83
O1 LDA I . 28.00 20.45 -10.06
CM1 LDA I . 28.93 22.47 -9.84
CM2 LDA I . 26.82 22.14 -10.93
C1 LDA I . 27.01 21.82 -8.52
C2 LDA I . 26.17 20.63 -8.03
C3 LDA I . 26.84 19.74 -6.98
C4 LDA I . 25.82 19.22 -5.97
C5 LDA I . 26.13 17.87 -5.31
C6 LDA I . 26.32 18.05 -3.80
C7 LDA I . 25.00 18.05 -3.00
C8 LDA I . 25.13 18.69 -1.60
C9 LDA I . 24.79 17.73 -0.44
C10 LDA I . 23.29 17.53 -0.28
C11 LDA I . 22.90 16.53 0.80
C12 LDA I . 22.08 15.41 0.19
N1 LDA J . -17.69 -8.25 -8.98
O1 LDA J . -18.26 -8.90 -9.89
CM1 LDA J . -18.32 -6.92 -8.83
CM2 LDA J . -17.78 -9.02 -7.72
C1 LDA J . -16.27 -8.05 -9.30
C2 LDA J . -15.49 -7.65 -8.06
C3 LDA J . -15.08 -8.89 -7.29
C4 LDA J . -13.73 -8.75 -6.58
C5 LDA J . -13.76 -9.56 -5.29
C6 LDA J . -14.73 -10.76 -5.33
C7 LDA J . -14.23 -11.87 -4.39
C8 LDA J . -14.72 -13.27 -4.79
C9 LDA J . -13.56 -14.15 -5.27
C10 LDA J . -13.86 -15.63 -5.14
C11 LDA J . -14.94 -16.07 -6.13
C12 LDA J . -14.87 -17.56 -6.36
CA1 DGA K . -18.08 -1.83 -7.00
CA2 DGA K . -17.40 -1.36 -5.66
CA3 DGA K . -15.92 -0.92 -5.80
CA4 DGA K . -15.02 -1.51 -4.68
CA5 DGA K . -14.15 -0.47 -3.94
CA6 DGA K . -12.73 -0.99 -3.56
CA7 DGA K . -12.51 -1.02 -2.05
CA8 DGA K . -12.50 -2.47 -1.54
CA9 DGA K . -12.96 -2.58 -0.09
CAA DGA K . -14.47 -2.83 0.04
CBA DGA K . -14.87 -4.30 -0.14
CCA DGA K . -16.27 -4.43 -0.74
OA1 DGA K . -18.63 -2.93 -7.05
CB1 DGA K . -18.84 1.91 -8.10
CB2 DGA K . -17.82 1.67 -6.98
CB3 DGA K . -17.68 2.84 -6.00
CB4 DGA K . -16.24 3.36 -6.01
CB5 DGA K . -15.62 3.33 -4.62
CB6 DGA K . -14.10 3.02 -4.67
CB7 DGA K . -13.25 4.19 -4.14
CB8 DGA K . -12.54 3.82 -2.84
CB9 DGA K . -11.10 4.28 -2.82
CAB DGA K . -10.74 4.85 -1.44
CBB DGA K . -9.55 5.80 -1.56
CCB DGA K . -9.51 6.81 -0.44
CDB DGA K . -8.98 8.15 -0.96
CEB DGA K . -9.96 8.82 -1.92
CFB DGA K . -9.49 10.23 -2.28
CGB DGA K . -10.65 11.25 -2.30
CHB DGA K . -10.25 12.62 -1.77
CIB DGA K . -11.37 13.66 -1.83
OB1 DGA K . -19.86 2.57 -7.88
OG1 DGA K . -18.10 -1.03 -8.11
CG1 DGA K . -19.40 -0.96 -8.80
CG2 DGA K . -19.62 0.35 -9.62
OG2 DGA K . -18.64 1.37 -9.34
CG3 DGA K . -19.62 0.17 -11.16
S SO4 L . -17.28 -2.35 -37.30
S SO4 L . -17.27 0.94 -36.57
O1 SO4 L . -18.53 -1.58 -37.41
O1 SO4 L . -17.99 1.24 -37.81
O2 SO4 L . -16.90 -2.48 -35.88
O2 SO4 L . -17.64 1.92 -35.52
O3 SO4 L . -17.43 -3.71 -37.84
O3 SO4 L . -17.65 -0.40 -36.10
O4 SO4 L . -16.20 -1.67 -38.07
O4 SO4 L . -15.78 0.99 -36.77
S SO4 M . 27.51 1.99 -14.39
O1 SO4 M . 27.95 2.22 -15.82
O2 SO4 M . 26.20 1.40 -14.33
O3 SO4 M . 28.49 1.10 -13.72
O4 SO4 M . 27.39 3.26 -13.66
S SO4 N . -24.74 15.56 -26.17
O1 SO4 N . -26.09 16.10 -26.40
O2 SO4 N . -24.51 15.34 -24.72
O3 SO4 N . -24.63 14.26 -26.87
O4 SO4 N . -23.77 16.57 -26.67
S SO4 O . 6.57 3.89 -56.37
O1 SO4 O . 6.01 4.23 -57.70
O2 SO4 O . 5.57 3.45 -55.38
O3 SO4 O . 7.55 2.78 -56.52
O4 SO4 O . 7.20 5.15 -55.92
S SO4 P . -16.75 11.57 -44.82
O1 SO4 P . -17.12 12.68 -45.74
O2 SO4 P . -18.01 10.83 -44.56
O3 SO4 P . -15.72 10.70 -45.44
O4 SO4 P . -16.20 12.13 -43.57
S SO4 Q . 6.73 20.61 -32.68
O1 SO4 Q . 7.61 21.00 -33.80
O2 SO4 Q . 5.35 21.04 -33.00
O3 SO4 Q . 6.75 19.12 -32.44
O4 SO4 Q . 7.16 21.27 -31.42
S SO4 R . -0.74 -13.39 -48.55
O1 SO4 R . -1.31 -12.37 -49.43
O2 SO4 R . -1.26 -13.35 -47.19
O3 SO4 R . -1.17 -14.67 -49.18
O4 SO4 R . 0.73 -13.21 -48.45
S SO4 S . -8.85 -13.95 -66.43
O1 SO4 S . -8.35 -12.55 -66.62
O2 SO4 S . -9.90 -13.97 -65.39
O3 SO4 S . -9.42 -14.48 -67.69
O4 SO4 S . -7.70 -14.80 -66.00
S SO4 T . -8.06 -17.52 -57.38
O1 SO4 T . -7.79 -17.21 -58.80
O2 SO4 T . -9.51 -17.37 -57.11
O3 SO4 T . -7.70 -18.92 -57.06
O4 SO4 T . -7.25 -16.64 -56.54
S SO4 U . 29.38 21.88 -14.73
O1 SO4 U . 28.94 23.15 -15.32
O2 SO4 U . 28.16 21.11 -14.32
O3 SO4 U . 30.21 21.13 -15.72
O4 SO4 U . 30.15 22.12 -13.50
S SO4 V . -17.22 2.36 -69.09
O1 SO4 V . -18.46 2.59 -69.89
O2 SO4 V . -17.45 1.32 -68.03
O3 SO4 V . -16.15 1.91 -70.01
O4 SO4 V . -16.84 3.65 -68.46
S SO4 W . -16.43 -8.20 -55.48
O1 SO4 W . -17.59 -7.85 -56.35
O2 SO4 W . -16.86 -9.13 -54.42
O3 SO4 W . -15.45 -8.85 -56.36
O4 SO4 W . -15.85 -6.98 -54.84
S SO4 X . -11.21 -15.98 -29.29
O1 SO4 X . -11.92 -15.19 -30.32
O2 SO4 X . -11.51 -15.44 -27.92
O3 SO4 X . -11.68 -17.39 -29.38
O4 SO4 X . -9.76 -15.98 -29.56
S SO4 Y . 12.77 11.38 -42.83
O1 SO4 Y . 12.18 12.50 -43.59
O2 SO4 Y . 11.72 10.61 -42.11
O3 SO4 Y . 13.49 10.47 -43.76
O4 SO4 Y . 13.75 11.88 -41.83
S SO4 Z . -17.00 -3.11 -18.36
O1 SO4 Z . -18.42 -3.44 -18.59
O2 SO4 Z . -16.36 -4.26 -17.69
O3 SO4 Z . -16.31 -2.86 -19.65
O4 SO4 Z . -16.91 -1.93 -17.47
S SO4 AA . -19.68 6.52 -69.41
O1 SO4 AA . -18.84 7.73 -69.27
O2 SO4 AA . -21.05 6.80 -68.95
O3 SO4 AA . -19.69 6.13 -70.83
O4 SO4 AA . -19.12 5.42 -68.59
S SO4 BA . 13.80 7.29 -43.86
O1 SO4 BA . 12.56 8.10 -43.69
O2 SO4 BA . 14.25 6.76 -42.54
O3 SO4 BA . 13.55 6.16 -44.78
O4 SO4 BA . 14.82 8.20 -44.44
S SO4 CA . 8.98 1.82 -53.56
O1 SO4 CA . 7.79 2.30 -54.30
O2 SO4 CA . 8.72 0.47 -53.02
O3 SO4 CA . 10.09 1.78 -54.54
O4 SO4 CA . 9.27 2.72 -52.42
C1 HTO DA . 6.46 -2.69 -59.92
O1 HTO DA . 6.42 -1.30 -60.23
C2 HTO DA . 5.11 -3.26 -59.39
O2 HTO DA . 3.94 -2.64 -59.96
C3 HTO DA . 5.10 -4.78 -59.57
O3 HTO DA . 3.88 -5.37 -59.18
C4 HTO DA . 6.30 -5.36 -58.83
C5 HTO DA . 6.17 -6.79 -58.30
C6 HTO DA . 7.38 -7.02 -57.41
C7 HTO DA . 8.56 -6.18 -57.88
C1 HTO EA . -3.43 -11.96 -59.32
O1 HTO EA . -3.67 -12.06 -60.72
C2 HTO EA . -2.26 -12.83 -58.84
O2 HTO EA . -1.05 -12.06 -58.97
C3 HTO EA . -2.37 -13.19 -57.37
O3 HTO EA . -1.33 -12.41 -56.83
C4 HTO EA . -2.26 -14.70 -57.01
C5 HTO EA . -0.86 -15.26 -56.70
C6 HTO EA . -0.82 -16.09 -55.39
C7 HTO EA . 0.58 -16.48 -54.95
C1 HTO FA . -14.52 -0.38 -33.81
O1 HTO FA . -13.12 -0.40 -34.11
C2 HTO FA . -14.81 -1.27 -32.60
O2 HTO FA . -15.80 -0.61 -31.82
C3 HTO FA . -15.24 -2.71 -32.97
O3 HTO FA . -16.65 -2.88 -33.03
C4 HTO FA . -14.61 -3.80 -32.08
C5 HTO FA . -15.16 -3.81 -30.66
C6 HTO FA . -14.21 -4.57 -29.75
C7 HTO FA . -14.69 -4.62 -28.31
C1 HTO GA . -19.26 -9.00 -20.25
O1 HTO GA . -18.11 -8.38 -20.80
C2 HTO GA . -19.48 -10.18 -21.16
O2 HTO GA . -18.95 -9.74 -22.39
C3 HTO GA . -18.69 -11.39 -20.75
O3 HTO GA . -18.04 -11.92 -21.85
C4 HTO GA . -19.50 -12.58 -20.29
C5 HTO GA . -18.68 -13.79 -20.72
C6 HTO GA . -18.78 -14.93 -19.72
C7 HTO GA . -17.44 -15.18 -19.07
C1 GOL HA . -4.23 -4.13 -21.85
O1 GOL HA . -4.55 -5.44 -21.38
C2 GOL HA . -5.30 -3.06 -21.79
O2 GOL HA . -6.59 -3.64 -21.96
C3 GOL HA . -5.01 -1.98 -22.86
O3 GOL HA . -5.66 -0.67 -22.56
C1 GOL IA . 3.86 -13.22 -30.60
O1 GOL IA . 3.58 -12.37 -31.69
C2 GOL IA . 3.61 -12.44 -29.34
O2 GOL IA . 2.20 -12.51 -29.13
C3 GOL IA . 4.40 -13.01 -28.16
O3 GOL IA . 4.08 -12.30 -26.95
C1 GOL JA . -17.97 25.58 -22.78
O1 GOL JA . -17.63 25.09 -21.49
C2 GOL JA . -16.64 25.52 -23.46
O2 GOL JA . -15.75 26.13 -22.58
C3 GOL JA . -16.67 26.28 -24.76
O3 GOL JA . -15.33 26.55 -25.07
C1 GOL KA . -3.87 -9.94 -28.41
O1 GOL KA . -2.43 -10.00 -28.55
C2 GOL KA . -4.58 -8.72 -29.03
O2 GOL KA . -4.04 -7.48 -28.61
C3 GOL KA . -6.07 -8.71 -28.65
O3 GOL KA . -6.45 -7.47 -27.99
C1 GOL LA . 21.90 -5.66 -22.93
O1 GOL LA . 21.42 -6.21 -21.66
C2 GOL LA . 21.14 -4.39 -23.46
O2 GOL LA . 21.67 -3.96 -24.74
C3 GOL LA . 21.26 -3.15 -22.61
O3 GOL LA . 20.46 -2.04 -23.10
C1 GOL MA . 22.88 25.90 -14.21
O1 GOL MA . 21.62 25.60 -14.89
C2 GOL MA . 23.70 24.70 -13.76
O2 GOL MA . 24.79 24.48 -14.63
C3 GOL MA . 24.40 24.90 -12.44
O3 GOL MA . 25.56 24.05 -12.39
C1 GOL NA . 2.37 22.24 -34.26
O1 GOL NA . 2.06 23.56 -34.68
C2 GOL NA . 2.22 22.16 -32.74
O2 GOL NA . 2.74 20.91 -32.33
C3 GOL NA . 0.74 22.30 -32.32
O3 GOL NA . 0.30 21.21 -31.50
C1 GOL OA . 15.25 2.02 -42.55
O1 GOL OA . 15.28 0.61 -42.28
C2 GOL OA . 14.90 2.18 -44.03
O2 GOL OA . 14.52 0.89 -44.57
C3 GOL OA . 13.77 3.18 -44.22
O3 GOL OA . 13.79 3.77 -45.53
C1 GOL PA . -2.97 -16.02 -28.14
O1 GOL PA . -3.91 -16.15 -27.06
C2 GOL PA . -2.12 -14.82 -27.73
O2 GOL PA . -3.02 -13.91 -27.13
C3 GOL PA . -1.48 -14.08 -28.89
O3 GOL PA . -1.85 -12.72 -28.66
C1 GOL QA . -24.90 19.36 -29.71
O1 GOL QA . -25.18 19.06 -28.35
C2 GOL QA . -23.38 19.37 -29.86
O2 GOL QA . -22.92 18.09 -30.29
C3 GOL QA . -22.98 20.46 -30.83
O3 GOL QA . -21.92 21.17 -30.18
C1 GOL RA . 9.06 19.92 -22.63
O1 GOL RA . 9.05 21.34 -22.89
C2 GOL RA . 7.77 19.51 -21.88
O2 GOL RA . 6.62 20.09 -22.50
C3 GOL RA . 7.50 18.03 -21.92
O3 GOL RA . 8.69 17.25 -21.99
C1 GOL SA . -6.16 24.80 -23.89
O1 GOL SA . -7.53 24.59 -24.27
C2 GOL SA . -5.30 23.73 -24.54
O2 GOL SA . -5.62 23.67 -25.93
C3 GOL SA . -3.82 24.04 -24.40
O3 GOL SA . -3.12 23.46 -25.52
C1 GOL TA . -18.51 7.73 -23.50
O1 GOL TA . -18.53 6.32 -23.71
C2 GOL TA . -19.84 8.35 -23.93
O2 GOL TA . -20.85 8.27 -22.89
C3 GOL TA . -19.53 9.80 -24.31
O3 GOL TA . -18.82 9.81 -25.56
C1 GOL UA . 8.18 7.13 -52.84
O1 GOL UA . 7.98 6.35 -51.65
C2 GOL UA . 8.25 8.56 -52.35
O2 GOL UA . 7.69 9.42 -53.32
C3 GOL UA . 9.68 8.99 -52.07
O3 GOL UA . 9.71 10.43 -52.05
C1 GOL VA . 1.79 -16.27 -34.72
O1 GOL VA . 1.97 -15.83 -36.08
C2 GOL VA . 0.78 -15.35 -34.03
O2 GOL VA . -0.37 -16.10 -33.64
C3 GOL VA . 1.44 -14.71 -32.79
O3 GOL VA . 0.59 -13.69 -32.26
C1 GOL WA . -20.92 -14.10 -17.30
O1 GOL WA . -21.51 -13.19 -18.23
C2 GOL WA . -20.30 -15.25 -18.06
O2 GOL WA . -19.98 -14.80 -19.39
C3 GOL WA . -19.06 -15.77 -17.34
O3 GOL WA . -17.94 -15.90 -18.23
C1 GOL XA . -20.23 15.21 -36.49
O1 GOL XA . -21.34 16.11 -36.69
C2 GOL XA . -18.93 15.83 -37.00
O2 GOL XA . -17.95 14.81 -37.20
C3 GOL XA . -19.16 16.56 -38.31
O3 GOL XA . -19.83 17.80 -38.06
C1 GOL YA . -15.30 -12.43 -57.53
O1 GOL YA . -15.16 -11.53 -56.43
C2 GOL YA . -16.23 -13.59 -57.20
O2 GOL YA . -17.15 -13.18 -56.17
C3 GOL YA . -15.42 -14.80 -56.75
O3 GOL YA . -16.28 -15.77 -56.15
C1 GOL ZA . -11.75 24.59 -49.34
O1 GOL ZA . -10.85 23.75 -50.03
C2 GOL ZA . -13.08 23.87 -49.22
O2 GOL ZA . -13.13 22.90 -50.26
C3 GOL ZA . -13.21 23.17 -47.86
O3 GOL ZA . -14.21 22.17 -47.87
C1 GOL AB . -18.84 12.64 -72.06
O1 GOL AB . -19.53 12.00 -73.15
C2 GOL AB . -17.33 12.39 -72.14
O2 GOL AB . -16.93 12.21 -73.51
C3 GOL AB . -16.56 13.58 -71.55
O3 GOL AB . -15.15 13.34 -71.66
N1 LDA BB . 16.70 -9.11 19.35
O1 LDA BB . 17.21 -8.03 19.86
CM1 LDA BB . 17.69 -9.92 18.60
CM2 LDA BB . 16.23 -9.94 20.46
C1 LDA BB . 15.54 -8.87 18.46
C2 LDA BB . 15.70 -7.79 17.41
C3 LDA BB . 14.40 -7.49 16.66
C4 LDA BB . 14.59 -6.40 15.63
C5 LDA BB . 13.43 -6.15 14.63
C6 LDA BB . 13.67 -4.83 13.92
C7 LDA BB . 13.49 -4.89 12.46
C8 LDA BB . 14.09 -3.62 11.83
C9 LDA BB . 13.21 -3.15 10.66
C10 LDA BB . 14.03 -2.58 9.52
C11 LDA BB . 13.25 -2.55 8.22
C12 LDA BB . 14.14 -2.90 7.04
N1 LDA CB . 37.27 11.56 -6.43
O1 LDA CB . 36.78 10.44 -6.74
CM1 LDA CB . 38.69 11.59 -6.77
CM2 LDA CB . 36.56 12.63 -7.13
C1 LDA CB . 37.16 11.76 -4.97
C2 LDA CB . 36.00 12.69 -4.62
C3 LDA CB . 36.06 13.08 -3.15
C4 LDA CB . 35.03 14.15 -2.79
C5 LDA CB . 35.31 14.71 -1.40
C6 LDA CB . 34.13 14.45 -0.47
C7 LDA CB . 34.51 13.53 0.70
C8 LDA CB . 33.37 13.49 1.71
C9 LDA CB . 32.95 12.05 2.02
C10 LDA CB . 31.44 11.94 2.01
C11 LDA CB . 30.97 10.86 2.96
C12 LDA CB . 29.47 10.69 2.92
N1 LDA DB . 32.78 -3.93 -1.50
O1 LDA DB . 31.59 -3.93 -1.08
CM1 LDA DB . 33.26 -5.31 -1.60
CM2 LDA DB . 32.82 -3.30 -2.83
C1 LDA DB . 33.64 -3.18 -0.57
C2 LDA DB . 32.82 -2.63 0.59
C3 LDA DB . 33.60 -1.63 1.45
C4 LDA DB . 32.69 -0.49 1.88
C5 LDA DB . 32.67 -0.29 3.39
C6 LDA DB . 32.43 1.18 3.76
C7 LDA DB . 31.93 1.32 5.19
C8 LDA DB . 31.71 2.79 5.56
C9 LDA DB . 30.95 2.96 6.87
C10 LDA DB . 30.21 4.30 6.95
C11 LDA DB . 29.41 4.34 8.23
C12 LDA DB . 29.32 5.74 8.84
N1 LDA EB . 29.03 -6.54 2.01
O1 LDA EB . 28.33 -5.54 2.25
CM1 LDA EB . 28.29 -7.78 2.33
CM2 LDA EB . 29.41 -6.53 0.59
C1 LDA EB . 30.20 -6.41 2.88
C2 LDA EB . 29.75 -6.12 4.31
C3 LDA EB . 30.88 -5.43 5.06
C4 LDA EB . 31.94 -4.92 4.09
C5 LDA EB . 33.19 -4.45 4.83
C6 LDA EB . 32.96 -4.58 6.34
C7 LDA EB . 31.55 -4.10 6.70
C8 LDA EB . 31.54 -2.58 6.87
C9 LDA EB . 30.55 -2.15 7.94
C10 LDA EB . 31.06 -0.89 8.63
C11 LDA EB . 29.95 -0.17 9.37
C12 LDA EB . 30.37 1.24 9.73
N1 LDA FB . 24.39 0.66 30.88
O1 LDA FB . 25.52 1.23 30.82
CM1 LDA FB . 23.56 1.18 29.81
CM2 LDA FB . 24.49 -0.80 30.72
C1 LDA FB . 23.81 0.98 32.20
C2 LDA FB . 24.29 -0.03 33.21
C3 LDA FB . 23.95 0.46 34.60
C4 LDA FB . 22.55 0.06 34.98
C5 LDA FB . 22.56 -1.08 35.98
C6 LDA FB . 21.99 -0.63 37.30
C7 LDA FB . 20.54 -1.04 37.45
C8 LDA FB . 20.15 -1.00 38.93
C9 LDA FB . 18.82 -1.71 39.15
C10 LDA FB . 18.97 -3.18 39.55
C11 LDA FB . 17.84 -4.00 38.94
C12 LDA FB . 17.28 -5.02 39.92
S SO4 GB . -1.47 -9.71 49.08
O1 SO4 GB . -2.11 -8.38 48.96
O2 SO4 GB . -2.46 -10.75 49.40
O3 SO4 GB . -0.77 -10.03 47.80
O4 SO4 GB . -0.55 -9.65 50.24
S SO4 HB . -16.28 11.69 46.16
O1 SO4 HB . -17.29 11.87 45.11
O2 SO4 HB . -16.99 11.44 47.44
O3 SO4 HB . -15.36 10.52 45.86
O4 SO4 HB . -15.44 12.90 46.28
S SO4 IB . 16.88 -11.08 27.07
S SO4 IB . 17.74 -11.68 23.69
O1 SO4 IB . 15.54 -11.29 26.43
O1 SO4 IB . 16.92 -10.50 23.89
O2 SO4 IB . 17.86 -10.66 26.05
O2 SO4 IB . 18.40 -12.07 24.96
O3 SO4 IB . 16.81 -9.98 28.01
O3 SO4 IB . 16.82 -12.77 23.32
O4 SO4 IB . 17.33 -12.30 27.73
O4 SO4 IB . 18.80 -11.49 22.62
S SO4 JB . 26.82 0.93 25.32
O1 SO4 JB . 25.48 1.51 25.21
O2 SO4 JB . 27.51 1.30 26.59
O3 SO4 JB . 26.67 -0.55 25.27
O4 SO4 JB . 27.68 1.40 24.23
S SO4 KB . -35.56 -6.70 36.98
O1 SO4 KB . -36.86 -6.12 37.38
O2 SO4 KB . -35.12 -7.60 38.08
O3 SO4 KB . -35.69 -7.42 35.68
O4 SO4 KB . -34.59 -5.60 36.81
S SO4 LB . -24.40 -9.17 23.12
O1 SO4 LB . -25.54 -8.24 23.02
O2 SO4 LB . -24.86 -10.43 23.75
O3 SO4 LB . -23.88 -9.44 21.76
O4 SO4 LB . -23.32 -8.53 23.94
S SO4 MB . -25.20 -25.42 30.96
O1 SO4 MB . -24.68 -24.03 31.02
O2 SO4 MB . -26.46 -25.59 31.73
O3 SO4 MB . -25.48 -25.76 29.54
O4 SO4 MB . -24.18 -26.34 31.53
S SO4 NB . -7.59 9.10 46.21
O1 SO4 NB . -8.30 9.58 45.02
O2 SO4 NB . -8.57 8.63 47.24
O3 SO4 NB . -6.65 8.05 45.76
O4 SO4 NB . -6.79 10.20 46.79
S SO4 OB . 25.82 -1.52 17.03
O1 SO4 OB . 25.20 -0.32 16.43
O2 SO4 OB . 25.47 -1.62 18.45
O3 SO4 OB . 25.34 -2.72 16.31
O4 SO4 OB . 27.28 -1.41 16.90
S SO4 PB . -11.37 -25.10 41.53
O1 SO4 PB . -11.18 -24.35 40.26
O2 SO4 PB . -12.59 -24.63 42.20
O3 SO4 PB . -11.46 -26.56 41.27
O4 SO4 PB . -10.19 -24.86 42.39
S SO4 QB . -16.56 -4.85 51.08
O1 SO4 QB . -17.82 -4.94 51.83
O2 SO4 QB . -15.87 -6.17 51.00
O3 SO4 QB . -16.86 -4.38 49.70
O4 SO4 QB . -15.67 -3.88 51.77
S SO4 RB . 34.17 2.29 -11.01
O1 SO4 RB . 35.41 2.77 -11.67
O2 SO4 RB . 33.27 3.42 -10.70
O3 SO4 RB . 33.47 1.35 -11.93
O4 SO4 RB . 34.53 1.59 -9.76
S SO4 SB . -24.31 -13.01 21.41
O1 SO4 SB . -24.82 -11.62 21.41
O2 SO4 SB . -24.17 -13.49 22.81
O3 SO4 SB . -25.26 -13.89 20.68
O4 SO4 SB . -23.00 -13.04 20.74
C1 HTO TB . -15.55 0.91 55.47
O1 HTO TB . -14.98 -0.40 55.60
C2 HTO TB . -15.61 1.16 53.99
O2 HTO TB . -16.55 0.23 53.53
C3 HTO TB . -15.99 2.56 53.54
O3 HTO TB . -17.35 2.79 53.79
C4 HTO TB . -15.75 2.74 52.03
C5 HTO TB . -15.63 4.21 51.73
C6 HTO TB . -14.52 4.59 50.78
C7 HTO TB . -14.63 6.09 50.60
C1 HTO UB . 20.23 3.24 26.58
O1 HTO UB . 21.05 2.79 27.66
C2 HTO UB . 20.96 4.07 25.51
O2 HTO UB . 20.79 5.45 25.80
C3 HTO UB . 22.43 3.80 25.35
O3 HTO UB . 23.09 4.18 26.54
C4 HTO UB . 22.97 4.60 24.18
C5 HTO UB . 21.88 4.89 23.16
C6 HTO UB . 22.48 5.02 21.77
C7 HTO UB . 21.38 5.33 20.77
C1 HTO VB . 37.41 11.65 -2.44
O1 HTO VB . 37.02 10.53 -1.69
C2 HTO VB . 36.19 12.15 -3.21
O2 HTO VB . 35.66 13.31 -2.58
C3 HTO VB . 36.50 12.42 -4.67
O3 HTO VB . 35.30 12.66 -5.37
C4 HTO VB . 37.26 11.26 -5.33
C5 HTO VB . 36.56 10.78 -6.62
C6 HTO VB . 37.46 9.84 -7.43
C7 HTO VB . 36.74 9.37 -8.66
C1 GOL WB . -27.64 7.42 38.09
O1 GOL WB . -28.44 6.29 37.70
C2 GOL WB . -26.65 6.94 39.15
O2 GOL WB . -27.32 6.01 40.04
C3 GOL WB . -26.01 8.08 39.92
O3 GOL WB . -26.18 7.92 41.36
C1 GOL XB . 14.59 6.93 27.55
O1 GOL XB . 14.50 7.93 26.49
C2 GOL XB . 13.52 7.09 28.63
O2 GOL XB . 13.11 5.80 29.16
C3 GOL XB . 13.92 8.11 29.73
C3 GOL XB . 14.06 8.09 29.70
O3 GOL XB . 12.83 8.99 30.09
O3 GOL XB . 15.18 7.63 30.51
C1 GOL YB . -1.41 7.40 40.03
O1 GOL YB . -0.31 6.57 40.26
C2 GOL YB . -2.47 7.04 41.09
O2 GOL YB . -3.78 7.45 40.63
C3 GOL YB . -2.13 7.75 42.39
O3 GOL YB . -3.17 7.68 43.37
C1 GOL ZB . -16.27 -24.61 28.54
O1 GOL ZB . -17.17 -24.34 27.48
C2 GOL ZB . -17.00 -25.34 29.67
O2 GOL ZB . -17.94 -24.42 30.27
C3 GOL ZB . -15.98 -25.86 30.69
O3 GOL ZB . -16.06 -27.25 31.07
C1 GOL AC . -33.13 -3.70 31.49
O1 GOL AC . -33.01 -4.93 30.77
C2 GOL AC . -32.70 -2.57 30.54
O2 GOL AC . -33.29 -2.73 29.22
C3 GOL AC . -33.11 -1.24 31.14
O3 GOL AC . -32.25 -0.22 30.58
C1 GOL BC . 29.83 16.62 -5.95
O1 GOL BC . 28.47 16.91 -6.32
C2 GOL BC . 29.85 15.29 -5.19
O2 GOL BC . 29.68 14.32 -6.18
C3 GOL BC . 31.12 14.88 -4.43
O3 GOL BC . 31.46 13.47 -4.63
C1 GOL CC . -29.49 8.48 20.73
O1 GOL CC . -29.20 9.14 21.98
C2 GOL CC . -30.25 7.17 20.99
O2 GOL CC . -29.94 6.60 22.28
C3 GOL CC . -29.97 6.16 19.87
O3 GOL CC . -30.33 4.82 20.29
C1 GOL DC . 6.99 -4.05 45.51
O1 GOL DC . 7.97 -5.08 45.35
C2 GOL DC . 7.61 -2.65 45.54
O2 GOL DC . 7.05 -1.82 44.51
C3 GOL DC . 9.12 -2.72 45.38
O3 GOL DC . 9.69 -1.41 45.42
C1 GOL EC . -9.53 -12.32 49.58
O1 GOL EC . -9.90 -10.94 49.48
C2 GOL EC . -10.71 -12.91 50.29
O2 GOL EC . -11.74 -11.93 50.14
C3 GOL EC . -11.16 -14.19 49.63
O3 GOL EC . -12.58 -14.22 49.67
C1 GOL FC . 8.38 -28.82 45.16
O1 GOL FC . 7.51 -29.84 44.67
C2 GOL FC . 8.77 -28.02 43.93
O2 GOL FC . 8.17 -28.75 42.87
C3 GOL FC . 8.23 -26.60 44.00
O3 GOL FC . 8.37 -25.97 42.72
C1 GOL GC . -2.83 16.86 43.77
O1 GOL GC . -1.42 16.83 43.56
C2 GOL GC . -3.09 16.55 45.25
O2 GOL GC . -2.14 15.58 45.69
C3 GOL GC . -4.46 15.94 45.43
O3 GOL GC . -4.23 14.60 45.87
C1 GOL HC . -30.53 -10.04 24.25
O1 GOL HC . -31.15 -9.70 25.49
C2 GOL HC . -29.45 -9.00 23.99
O2 GOL HC . -30.00 -7.78 24.48
C3 GOL HC . -29.11 -8.86 22.51
O3 GOL HC . -27.80 -9.37 22.27
C1 GOL IC . -28.50 -16.62 26.27
O1 GOL IC . -27.50 -17.17 27.15
C2 GOL IC . -29.57 -17.66 25.93
O2 GOL IC . -29.43 -18.78 26.80
C3 GOL IC . -30.97 -17.08 26.11
O3 GOL IC . -30.89 -15.72 26.54
C1 GOL JC . 41.07 4.43 -7.50
O1 GOL JC . 41.18 3.43 -6.47
C2 GOL JC . 41.37 5.80 -6.88
O2 GOL JC . 41.30 5.69 -5.45
C3 GOL JC . 40.40 6.85 -7.42
O3 GOL JC . 40.87 8.15 -7.02
C1 GOL KC . 3.50 -25.54 48.76
O1 GOL KC . 2.33 -25.87 48.00
C2 GOL KC . 4.60 -25.00 47.83
O2 GOL KC . 5.07 -23.73 48.31
C3 GOL KC . 5.78 -25.95 47.79
O3 GOL KC . 6.21 -26.14 46.44
C1 GOL LC . 10.03 -23.72 37.12
O1 GOL LC . 10.43 -25.09 36.85
C2 GOL LC . 10.12 -22.96 35.81
O2 GOL LC . 11.38 -23.24 35.18
C3 GOL LC . 8.98 -23.42 34.91
O3 GOL LC . 9.42 -23.87 33.63
C1 GOL MC . -26.25 16.06 42.58
O1 GOL MC . -25.38 15.92 43.72
C2 GOL MC . -25.96 15.00 41.53
O2 GOL MC . -24.54 14.84 41.46
C3 GOL MC . -26.56 15.43 40.18
O3 GOL MC . -25.65 15.14 39.11
MG BCB NC . 1.41 -1.40 -4.24
CHA BCB NC . -0.20 -4.19 -3.04
CHB BCB NC . 1.36 0.02 -1.11
CHC BCB NC . 2.79 1.45 -5.46
CHD BCB NC . 2.05 -2.99 -7.18
NA BCB NC . 0.70 -2.00 -2.38
C1A BCB NC . 0.00 -3.17 -2.11
C2A BCB NC . -0.48 -3.15 -0.68
C3A BCB NC . 0.34 -2.06 -0.02
C4A BCB NC . 0.93 -1.32 -1.20
CMA BCB NC . -0.43 -1.24 1.04
CAA BCB NC . -0.40 -4.49 0.05
CBA BCB NC . 1.00 -5.04 0.17
CGA BCB NC . 0.93 -6.55 0.35
O1A BCB NC . 0.18 -7.31 -0.25
O2A BCB NC . 1.76 -7.17 1.23
NB BCB NC . 1.94 0.38 -3.45
C1B BCB NC . 1.90 0.78 -2.13
C2B BCB NC . 2.26 2.12 -1.98
C3B BCB NC . 2.69 2.51 -3.24
C4B BCB NC . 2.55 1.43 -4.09
CMB BCB NC . 2.27 2.85 -0.65
CAB BCB NC . 3.31 3.85 -3.63
OBB BCB NC . 3.34 4.13 -4.83
CBB BCB NC . 3.86 4.73 -2.57
NC BCB NC . 2.19 -0.86 -6.01
C1C BCB NC . 2.73 0.39 -6.33
C2C BCB NC . 3.11 0.47 -7.78
C3C BCB NC . 3.13 -0.98 -8.19
C4C BCB NC . 2.48 -1.66 -7.10
CMC BCB NC . 2.05 1.29 -8.56
CAC BCB NC . 3.52 -1.50 -9.38
CBC BCB NC . 4.38 -0.74 -10.40
ND BCB NC . 1.00 -3.21 -4.98
C1D BCB NC . 1.33 -3.68 -6.23
C2D BCB NC . 0.66 -4.91 -6.39
C3D BCB NC . 0.03 -5.17 -5.16
C4D BCB NC . 0.35 -4.09 -4.28
CMD BCB NC . 0.60 -5.91 -7.57
CAD BCB NC . -0.81 -5.99 -4.34
OBD BCB NC . -1.31 -7.06 -4.68
CBD BCB NC . -1.04 -5.40 -2.98
CGD BCB NC . -2.48 -4.95 -2.91
O1D BCB NC . -3.14 -5.05 -1.88
O2D BCB NC . -3.07 -4.42 -4.06
CED BCB NC . -4.42 -3.98 -3.94
C1 BCB NC . 1.68 -8.62 1.31
C2 BCB NC . 2.46 -9.12 2.48
C3 BCB NC . 2.32 -10.38 2.93
C4 BCB NC . 1.41 -11.37 2.25
C5 BCB NC . 3.14 -10.75 4.16
C6 BCB NC . 2.92 -12.14 4.70
C7 BCB NC . 3.66 -12.31 6.04
C8 BCB NC . 3.67 -13.76 6.45
C9 BCB NC . 2.25 -14.13 6.87
C10 BCB NC . 4.69 -14.00 7.55
C11 BCB NC . 6.10 -14.10 6.94
C12 BCB NC . 7.09 -14.46 8.03
C13 BCB NC . 8.54 -14.55 7.51
C14 BCB NC . 8.78 -15.57 6.38
C15 BCB NC . 9.34 -14.82 8.77
C16 BCB NC . 10.78 -14.41 8.79
C17 BCB NC . 11.39 -14.90 10.09
C18 BCB NC . 12.13 -13.93 10.96
C19 BCB NC . 12.40 -14.53 12.34
C20 BCB NC . 11.53 -12.54 10.95
MG BCB OC . 7.95 -8.02 0.68
CHA BCB OC . 10.25 -5.49 1.16
CHB BCB OC . 9.61 -9.96 3.02
CHC BCB OC . 5.55 -10.34 0.36
CHD BCB OC . 6.14 -5.93 -1.49
NA BCB OC . 9.66 -7.84 1.85
C1A BCB OC . 10.44 -6.63 1.98
C2A BCB OC . 11.54 -6.78 3.01
C3A BCB OC . 11.60 -8.26 3.22
C4A BCB OC . 10.20 -8.74 2.69
CMA BCB OC . 12.74 -8.99 2.39
CAA BCB OC . 11.23 -5.99 4.27
CBA BCB OC . 9.86 -6.36 4.76
CGA BCB OC . 9.51 -5.87 6.15
O1A BCB OC . 10.28 -5.34 6.94
O2A BCB OC . 8.20 -6.11 6.54
NB BCB OC . 7.69 -9.86 1.50
C1B BCB OC . 8.38 -10.46 2.52
C2B BCB OC . 7.84 -11.71 2.86
C3B BCB OC . 6.65 -11.79 2.08
C4B BCB OC . 6.55 -10.62 1.32
CMB BCB OC . 8.44 -12.62 3.91
CAB BCB OC . 5.63 -12.89 2.11
OBB BCB OC . 4.58 -12.79 1.51
CBB BCB OC . 5.91 -14.11 3.00
NC BCB OC . 6.21 -8.14 -0.42
C1C BCB OC . 5.30 -9.20 -0.36
C2C BCB OC . 4.25 -9.06 -1.43
C3C BCB OC . 4.28 -7.60 -1.71
C4C BCB OC . 5.54 -7.19 -1.20
CMC BCB OC . 4.62 -10.03 -2.59
CAC BCB OC . 3.44 -6.89 -2.52
CBC BCB OC . 2.14 -7.42 -3.03
ND BCB OC . 8.13 -6.13 -0.05
C1D BCB OC . 7.33 -5.48 -0.95
C2D BCB OC . 8.01 -4.27 -1.26
C3D BCB OC . 9.19 -4.23 -0.50
C4D BCB OC . 9.17 -5.40 0.35
CMD BCB OC . 7.64 -3.23 -2.27
CAD BCB OC . 10.39 -3.55 -0.12
OBD BCB OC . 10.75 -2.52 -0.69
CBD BCB OC . 11.09 -4.27 0.99
CGD BCB OC . 12.51 -4.54 0.62
O1D BCB OC . 13.40 -3.86 1.10
O2D BCB OC . 12.72 -5.59 -0.21
CED BCB OC . 14.06 -5.87 -0.52
C1 BCB OC . 7.78 -5.59 7.87
C2 BCB OC . 8.14 -6.63 8.87
C3 BCB OC . 9.07 -6.44 9.79
C4 BCB OC . 9.82 -5.12 9.93
C5 BCB OC . 9.37 -7.62 10.68
C6 BCB OC . 10.74 -8.17 10.22
C7 BCB OC . 10.61 -8.97 8.91
C8 BCB OC . 11.95 -9.42 8.28
C9 BCB OC . 12.81 -8.28 7.74
C10 BCB OC . 11.63 -10.44 7.18
C11 BCB OC . 12.89 -11.05 6.56
C12 BCB OC . 12.48 -12.05 5.48
C13 BCB OC . 13.59 -12.95 4.93
C14 BCB OC . 14.71 -12.24 4.24
C15 BCB OC . 12.90 -13.85 3.95
C16 BCB OC . 13.37 -15.28 4.10
C17 BCB OC . 12.83 -15.95 5.36
C18 BCB OC . 13.54 -17.29 5.60
C19 BCB OC . 14.33 -17.20 6.91
C20 BCB OC . 14.40 -17.74 4.41
C1 BPB PC . 6.94 -18.88 11.52
C2 BPB PC . 7.77 -19.00 10.24
C3 BPB PC . 9.09 -18.75 10.21
C4 BPB PC . 9.88 -18.25 11.44
C5 BPB PC . 9.90 -18.91 8.92
C6 BPB PC . 9.12 -19.62 7.82
C7 BPB PC . 10.08 -19.99 6.69
C8 BPB PC . 9.38 -20.62 5.49
C9 BPB PC . 9.19 -22.12 5.70
NA BPB PC . 4.91 -11.14 10.96
NB BPB PC . 4.69 -9.52 8.54
NC BPB PC . 1.85 -8.49 9.63
ND BPB PC . 2.12 -10.07 11.81
C10 BPB PC . 10.21 -20.44 4.23
C11 BPB PC . 10.26 -19.03 3.66
C12 BPB PC . 9.17 -18.92 2.61
C13 BPB PC . 8.81 -17.49 2.33
C14 BPB PC . 7.49 -17.47 1.55
C15 BPB PC . 10.00 -16.81 1.63
C16 BPB PC . 9.76 -15.32 1.35
C17 BPB PC . 11.00 -14.61 0.79
C18 BPB PC . 10.71 -13.12 0.60
C19 BPB PC . 9.51 -12.86 -0.33
C1A BPB PC . 4.74 -11.98 12.04
O1A BPB PC . 5.42 -16.95 10.87
C1B BPB PC . 5.92 -10.06 8.34
C1C BPB PC . 1.93 -7.92 8.40
C1D BPB PC . 0.93 -9.47 12.25
O1D BPB PC . 4.93 -13.28 15.81
C20 BPB PC . 11.97 -12.42 0.13
C2A BPB PC . 5.93 -12.93 12.22
O2A BPB PC . 7.09 -17.58 12.05
C2B BPB PC . 6.33 -9.54 7.06
C2C BPB PC . 0.78 -7.00 8.10
C2D BPB PC . 0.62 -9.97 13.54
O2D BPB PC . 5.04 -11.09 15.24
C3A BPB PC . 7.00 -12.24 11.34
C3B BPB PC . 5.33 -8.71 6.58
C3C BPB PC . -0.16 -7.32 9.29
C3D BPB PC . 1.65 -10.90 13.86
C4A BPB PC . 6.05 -11.57 10.35
C4B BPB PC . 4.27 -8.66 7.56
C4C BPB PC . 0.63 -8.13 10.18
C4D BPB PC . 2.57 -10.94 12.77
CAA BPB PC . 5.57 -14.30 11.75
CAB BPB PC . 5.29 -7.89 5.29
CAC BPB PC . -1.39 -6.83 9.52
CAD BPB PC . 2.12 -11.85 14.81
CBA BPB PC . 6.52 -15.36 12.24
CBB BPB PC . 6.17 -8.25 4.12
OBB BPB PC . 4.56 -6.92 5.19
CBC BPB PC . -2.17 -6.14 8.38
CBD BPB PC . 3.41 -12.52 14.21
OBD BPB PC . 1.65 -12.25 15.88
CED BPB PC . 6.15 -10.71 16.08
CGA BPB PC . 6.26 -16.65 11.65
CGD BPB PC . 4.55 -12.34 15.19
CHA BPB PC . 3.68 -11.80 12.90
CHB BPB PC . 6.58 -10.92 9.21
CHC BPB PC . 3.02 -8.03 7.50
CHD BPB PC . 0.29 -8.51 11.46
CMA BPB PC . 7.94 -11.28 12.07
CMB BPB PC . 7.67 -9.89 6.45
CMC BPB PC . 1.16 -5.52 7.95
CMD BPB PC . -0.59 -9.60 14.31
C51 UQ9 QC . -12.66 21.00 12.52
C49 UQ9 QC . -11.26 20.72 11.93
C50 UQ9 QC . -11.06 20.89 10.41
C48 UQ9 QC . -10.21 20.31 12.77
C47 UQ9 QC . -8.88 20.06 12.45
C46 UQ9 QC . -8.67 18.81 11.57
C44 UQ9 QC . -7.21 18.65 11.16
C45 UQ9 QC . -6.23 17.97 12.10
C43 UQ9 QC . -6.72 19.13 9.96
C42 UQ9 QC . -7.42 19.77 8.94
C41 UQ9 QC . -6.65 19.73 7.61
C39 UQ9 QC . -7.23 18.75 6.59
C40 UQ9 QC . -7.95 19.33 5.36
C38 UQ9 QC . -7.05 17.37 6.76
C37 UQ9 QC . -7.51 16.34 5.91
C36 UQ9 QC . -6.39 15.56 5.20
C34 UQ9 QC . -6.86 15.01 3.83
C35 UQ9 QC . -6.52 15.74 2.52
C33 UQ9 QC . -7.61 13.83 3.82
C32 UQ9 QC . -8.17 13.17 2.73
C31 UQ9 QC . -7.84 11.67 2.78
C29 UQ9 QC . -8.96 10.76 3.32
C30 UQ9 QC . -10.44 11.04 3.01
C28 UQ9 QC . -8.59 9.64 4.07
C27 UQ9 QC . -9.37 8.66 4.67
C26 UQ9 QC . -8.57 7.37 4.98
C24 UQ9 QC . -9.47 6.12 4.98
C25 UQ9 QC . -9.81 5.33 3.69
C23 UQ9 QC . -10.04 5.72 6.18
C22 UQ9 QC . -9.88 6.29 7.44
C21 UQ9 QC . -10.80 5.58 8.48
C19 UQ9 QC . -10.79 6.22 9.88
C20 UQ9 QC . -11.91 5.84 10.84
C18 UQ9 QC . -9.78 7.11 10.25
C17 UQ9 QC . -9.51 7.80 11.45
C16 UQ9 QC . -8.02 7.65 11.80
C14 UQ9 QC . -7.46 8.52 12.95
C15 UQ9 QC . -5.98 8.91 12.94
C13 UQ9 QC . -8.26 8.89 14.04
C12 UQ9 QC . -7.83 9.63 15.14
C11 UQ9 QC . -8.69 9.42 16.40
C9 UQ9 QC . -8.11 10.33 17.49
C10 UQ9 QC . -8.79 11.68 17.68
C8 UQ9 QC . -6.97 9.90 18.19
C7 UQ9 QC . -6.17 10.53 19.16
C6 UQ9 QC . -5.69 9.63 20.34
C1 UQ9 QC . -4.51 8.87 20.40
C1M UQ9 QC . -3.54 8.91 19.25
C2 UQ9 QC . -4.19 8.09 21.56
O2 UQ9 QC . -3.14 7.44 21.71
C3 UQ9 QC . -5.08 8.08 22.63
O3 UQ9 QC . -4.84 7.34 23.77
C3M UQ9 QC . -3.57 7.32 24.40
C4 UQ9 QC . -6.25 8.83 22.55
O4 UQ9 QC . -7.13 8.84 23.59
C4M UQ9 QC . -6.54 9.37 24.77
C5 UQ9 QC . -6.53 9.59 21.42
O5 UQ9 QC . -7.57 10.24 21.36
C16 UQ9 RC . -14.38 12.44 -3.06
C14 UQ9 RC . -14.51 11.01 -2.57
C15 UQ9 RC . -15.70 10.62 -1.67
C13 UQ9 RC . -13.55 10.07 -2.95
C12 UQ9 RC . -13.42 8.71 -2.65
C11 UQ9 RC . -14.39 7.80 -3.43
C9 UQ9 RC . -14.31 8.00 -4.95
C10 UQ9 RC . -13.01 7.57 -5.63
C8 UQ9 RC . -15.41 8.49 -5.65
C7 UQ9 RC . -15.64 8.86 -6.99
C6 UQ9 RC . -15.74 10.41 -6.99
C1 UQ9 RC . -15.08 11.22 -7.92
C1M UQ9 RC . -14.23 10.62 -9.05
C2 UQ9 RC . -15.19 12.62 -7.85
O2 UQ9 RC . -14.60 13.28 -8.69
C3 UQ9 RC . -15.93 13.27 -6.86
O3 UQ9 RC . -16.02 14.63 -6.85
C3M UQ9 RC . -15.80 15.27 -5.58
C4 UQ9 RC . -16.61 12.48 -5.92
O4 UQ9 RC . -17.37 13.06 -4.91
C4M UQ9 RC . -18.70 12.47 -4.72
C5 UQ9 RC . -16.49 11.07 -5.99
O5 UQ9 RC . -17.09 10.41 -5.15
N1 LDA SC . 16.19 -14.02 21.46
O1 LDA SC . 15.93 -12.84 21.75
CM1 LDA SC . 17.55 -14.09 20.89
CM2 LDA SC . 16.10 -14.89 22.66
C1 LDA SC . 15.19 -14.45 20.48
C2 LDA SC . 15.44 -13.89 19.08
C3 LDA SC . 14.52 -14.61 18.11
C4 LDA SC . 14.93 -14.30 16.66
C5 LDA SC . 15.38 -12.86 16.50
C6 LDA SC . 14.59 -12.18 15.37
C7 LDA SC . 15.47 -11.78 14.20
C8 LDA SC . 15.03 -10.43 13.64
C9 LDA SC . 15.36 -10.28 12.17
C10 LDA SC . 15.00 -8.88 11.70
C11 LDA SC . 16.10 -8.28 10.85
C12 LDA SC . 15.92 -6.77 10.68
N1 LDA TC . 16.64 -19.08 17.29
O1 LDA TC . 16.45 -19.11 18.53
CM1 LDA TC . 18.06 -18.77 17.02
CM2 LDA TC . 16.32 -20.37 16.67
C1 LDA TC . 15.77 -18.07 16.70
C2 LDA TC . 16.15 -17.91 15.25
C3 LDA TC . 15.25 -18.82 14.41
C4 LDA TC . 14.90 -18.19 13.06
C5 LDA TC . 14.50 -19.30 12.10
C6 LDA TC . 14.41 -18.86 10.66
C7 LDA TC . 15.39 -19.65 9.78
C8 LDA TC . 16.74 -19.93 10.46
C9 LDA TC . 17.92 -19.67 9.52
C10 LDA TC . 18.96 -20.80 9.49
C11 LDA TC . 19.91 -20.60 8.32
C12 LDA TC . 20.85 -21.77 8.07
N1 LDA UC . 26.18 -7.76 -2.03
O1 LDA UC . 25.24 -7.78 -2.86
CM1 LDA UC . 26.03 -8.85 -1.03
CM2 LDA UC . 27.39 -7.93 -2.90
C1 LDA UC . 26.26 -6.51 -1.17
C2 LDA UC . 25.21 -5.41 -1.33
C3 LDA UC . 25.86 -4.02 -1.43
C4 LDA UC . 24.94 -2.79 -1.42
C5 LDA UC . 23.79 -2.85 -2.41
C6 LDA UC . 22.52 -3.36 -1.76
C7 LDA UC . 21.30 -3.31 -2.68
C8 LDA UC . 20.09 -3.20 -1.82
C9 LDA UC . 18.80 -3.24 -2.60
C10 LDA UC . 17.61 -2.86 -1.73
C11 LDA UC . 16.52 -2.19 -2.56
C12 LDA UC . 15.12 -2.15 -1.93
N1 LDA VC . 27.52 -19.91 1.50
O1 LDA VC . 27.85 -20.91 0.80
CM1 LDA VC . 27.83 -20.21 2.92
CM2 LDA VC . 28.33 -18.76 1.04
C1 LDA VC . 26.07 -19.66 1.36
C2 LDA VC . 25.57 -18.40 2.09
C3 LDA VC . 24.53 -17.57 1.32
C4 LDA VC . 23.09 -17.87 1.75
C5 LDA VC . 22.09 -16.87 1.15
C6 LDA VC . 20.81 -16.77 1.95
C7 LDA VC . 19.57 -16.44 1.10
C8 LDA VC . 18.60 -15.57 1.90
C9 LDA VC . 17.42 -15.00 1.11
C10 LDA VC . 16.71 -16.00 0.20
C11 LDA VC . 15.27 -15.59 -0.03
C12 LDA VC . 14.43 -16.69 -0.59
N1 LDA WC . -1.17 -31.40 -7.38
O1 LDA WC . -1.13 -30.77 -8.46
CM1 LDA WC . -2.59 -31.61 -7.02
CM2 LDA WC . -0.55 -32.73 -7.54
C1 LDA WC . -0.50 -30.60 -6.33
C2 LDA WC . 0.49 -29.58 -6.91
C3 LDA WC . 1.25 -28.81 -5.84
C4 LDA WC . 0.43 -27.63 -5.34
C5 LDA WC . 1.05 -26.91 -4.15
C6 LDA WC . 1.79 -25.65 -4.56
C7 LDA WC . 1.08 -24.36 -4.21
C8 LDA WC . 0.87 -24.23 -2.71
C9 LDA WC . -0.60 -24.30 -2.31
C10 LDA WC . -0.79 -24.91 -0.93
C11 LDA WC . -2.23 -25.40 -0.75
C12 LDA WC . -2.27 -26.92 -0.63
N1 LDA XC . -0.18 -33.42 -11.67
O1 LDA XC . 0.22 -32.78 -10.67
CM1 LDA XC . 0.20 -32.75 -12.94
CM2 LDA XC . 0.46 -34.75 -11.65
C1 LDA XC . -1.64 -33.62 -11.57
C2 LDA XC . -2.49 -32.36 -11.74
C3 LDA XC . -3.60 -32.27 -10.68
C4 LDA XC . -4.49 -31.06 -10.90
C5 LDA XC . -4.75 -30.34 -9.58
C6 LDA XC . -5.83 -29.27 -9.73
C7 LDA XC . -6.28 -28.65 -8.39
C8 LDA XC . -5.13 -28.20 -7.51
C9 LDA XC . -5.64 -27.21 -6.46
C10 LDA XC . -4.93 -27.30 -5.11
C11 LDA XC . -5.65 -26.49 -4.03
C12 LDA XC . -4.77 -26.30 -2.80
N1 LDA YC . -6.63 -24.71 -15.32
O1 LDA YC . -5.50 -24.95 -14.87
CM1 LDA YC . -6.61 -23.57 -16.26
CM2 LDA YC . -7.07 -25.90 -16.06
C1 LDA YC . -7.55 -24.46 -14.18
C2 LDA YC . -8.93 -23.92 -14.61
C3 LDA YC . -9.20 -22.51 -14.09
C4 LDA YC . -9.58 -22.51 -12.62
C5 LDA YC . -11.00 -21.95 -12.34
C6 LDA YC . -11.68 -22.67 -11.15
C7 LDA YC . -11.97 -21.74 -9.95
C8 LDA YC . -11.25 -22.20 -8.69
C9 LDA YC . -11.78 -21.48 -7.44
C10 LDA YC . -10.66 -20.86 -6.59
C11 LDA YC . -11.17 -20.33 -5.25
C12 LDA YC . -10.75 -18.90 -4.97
N1 LDA ZC . -11.83 -4.61 15.86
O1 LDA ZC . -11.88 -5.17 16.98
CM1 LDA ZC . -13.11 -3.92 15.58
CM2 LDA ZC . -10.73 -3.66 15.80
C1 LDA ZC . -11.58 -5.61 14.84
C2 LDA ZC . -11.06 -4.90 13.61
C3 LDA ZC . -11.91 -5.35 12.43
C4 LDA ZC . -11.04 -5.78 11.25
C5 LDA ZC . -11.96 -6.08 10.06
C6 LDA ZC . -13.41 -5.82 10.43
C7 LDA ZC . -14.19 -5.45 9.17
C8 LDA ZC . -13.46 -4.40 8.36
C9 LDA ZC . -14.35 -3.81 7.25
C10 LDA ZC . -13.62 -2.68 6.53
C11 LDA ZC . -14.53 -1.63 5.91
C12 LDA ZC . -13.67 -0.61 5.19
N1 LDA AD . -6.16 -18.14 7.66
O1 LDA AD . -6.31 -19.19 8.31
CM1 LDA AD . -7.36 -17.28 7.72
CM2 LDA AD . -5.05 -17.44 8.26
C1 LDA AD . -5.92 -18.50 6.25
C2 LDA AD . -7.25 -18.84 5.58
C3 LDA AD . -7.04 -19.67 4.33
C4 LDA AD . -7.39 -21.14 4.58
C5 LDA AD . -6.17 -21.96 5.02
C6 LDA AD . -5.70 -22.88 3.88
C7 LDA AD . -5.30 -22.10 2.62
C8 LDA AD . -5.25 -23.01 1.41
C9 LDA AD . -6.67 -23.30 0.92
C10 LDA AD . -6.68 -24.26 -0.29
C11 LDA AD . -7.71 -23.86 -1.36
C12 LDA AD . -8.96 -24.72 -1.34
S SO4 BD . 17.22 -21.21 23.30
O1 SO4 BD . 16.34 -22.01 22.41
O2 SO4 BD . 16.79 -21.35 24.70
O3 SO4 BD . 18.61 -21.72 23.16
O4 SO4 BD . 17.15 -19.77 22.98
S SO4 CD . 1.97 16.29 44.88
O1 SO4 CD . 2.55 17.61 44.58
O2 SO4 CD . 0.49 16.36 44.89
O3 SO4 CD . 2.42 15.32 43.87
O4 SO4 CD . 2.42 15.83 46.21
C1 HTO DD . -12.38 -17.30 22.11
O1 HTO DD . -12.68 -18.32 23.05
C2 HTO DD . -12.12 -15.96 22.79
O2 HTO DD . -11.28 -16.08 23.92
C3 HTO DD . -11.42 -14.95 21.88
O3 HTO DD . -10.55 -14.21 22.74
C4 HTO DD . -12.45 -14.11 21.13
C5 HTO DD . -11.92 -12.95 20.26
C6 HTO DD . -12.87 -11.74 20.32
C7 HTO DD . -12.84 -10.93 19.04
C1 HTO ED . 7.92 -33.52 -8.03
O1 HTO ED . 9.22 -33.80 -8.58
C2 HTO ED . 7.93 -32.23 -7.21
O2 HTO ED . 8.50 -31.17 -7.98
C3 HTO ED . 6.51 -31.81 -6.84
O3 HTO ED . 5.88 -31.30 -8.00
C4 HTO ED . 6.41 -30.74 -5.78
C5 HTO ED . 5.00 -30.74 -5.22
C6 HTO ED . 4.89 -29.99 -3.91
C7 HTO ED . 3.49 -30.10 -3.33
C1 HTO FD . 12.94 -34.25 -11.96
O1 HTO FD . 12.72 -32.96 -12.49
C2 HTO FD . 11.69 -34.56 -11.18
O2 HTO FD . 11.58 -33.45 -10.33
C3 HTO FD . 10.50 -34.76 -12.11
O3 HTO FD . 10.71 -34.05 -13.30
C4 HTO FD . 9.12 -34.40 -11.56
C5 HTO FD . 8.01 -34.52 -12.61
C6 HTO FD . 6.74 -33.77 -12.23
C7 HTO FD . 6.05 -33.18 -13.45
C1 HTO GD . 4.70 -32.35 12.03
O1 HTO GD . 3.58 -32.09 11.19
C2 HTO GD . 4.16 -32.75 13.39
O2 HTO GD . 3.45 -33.99 13.31
C3 HTO GD . 5.29 -32.97 14.36
O3 HTO GD . 6.31 -33.66 13.62
C4 HTO GD . 4.77 -33.76 15.56
C5 HTO GD . 4.91 -35.27 15.36
C6 HTO GD . 3.86 -36.04 16.15
C7 HTO GD . 4.49 -37.10 17.04
C1 HTO HD . 7.72 -30.53 -21.68
O1 HTO HD . 8.30 -29.40 -22.31
C2 HTO HD . 6.81 -30.11 -20.51
O2 HTO HD . 7.43 -29.05 -19.79
C3 HTO HD . 5.47 -29.61 -21.04
O3 HTO HD . 5.74 -28.46 -21.78
C4 HTO HD . 4.47 -29.26 -19.94
C5 HTO HD . 3.49 -30.41 -19.72
C6 HTO HD . 2.08 -29.86 -19.54
C7 HTO HD . 1.32 -29.83 -20.85
C1 GOL ID . -11.85 4.64 27.03
O1 GOL ID . -10.75 3.78 27.36
C2 GOL ID . -12.57 4.14 25.80
O2 GOL ID . -11.87 4.52 24.61
C3 GOL ID . -13.96 4.78 25.76
O3 GOL ID . -14.66 4.24 24.64
C1 GOL JD . 16.46 -21.09 -8.49
O1 GOL JD . 17.64 -20.61 -9.21
C2 GOL JD . 16.47 -22.60 -8.19
O2 GOL JD . 17.73 -23.06 -8.56
C3 GOL JD . 15.41 -23.51 -8.82
O3 GOL JD . 15.33 -23.50 -10.26
C1 GOL KD . 5.14 19.72 36.89
O1 GOL KD . 5.04 19.14 38.19
C2 GOL KD . 3.79 19.68 36.29
O2 GOL KD . 2.89 20.03 37.34
C3 GOL KD . 3.68 20.66 35.13
O3 GOL KD . 4.18 20.09 33.92
C1 GOL LD . 28.26 -16.20 -6.84
O1 GOL LD . 27.70 -16.11 -5.54
C2 GOL LD . 28.26 -14.77 -7.37
O2 GOL LD . 27.84 -13.87 -6.32
C3 GOL LD . 27.35 -14.58 -8.58
O3 GOL LD . 26.49 -13.46 -8.35
C1 GOL MD . -3.61 -27.83 -16.84
O1 GOL MD . -2.25 -27.97 -17.30
C2 GOL MD . -3.83 -28.57 -15.52
O2 GOL MD . -4.18 -27.60 -14.49
C3 GOL MD . -2.57 -29.42 -15.20
O3 GOL MD . -2.81 -30.48 -14.27
C1 GOL ND . -14.22 -1.22 -25.82
O1 GOL ND . -14.21 -2.61 -26.16
C2 GOL ND . -15.60 -0.98 -25.27
O2 GOL ND . -16.16 -2.25 -25.00
C3 GOL ND . -15.58 -0.22 -23.97
O3 GOL ND . -16.53 -0.86 -23.12
C1 GOL OD . 27.22 -11.74 0.30
O1 GOL OD . 27.29 -12.18 1.66
C2 GOL OD . 27.77 -12.80 -0.64
O2 GOL OD . 27.00 -14.02 -0.56
C3 GOL OD . 27.75 -12.22 -2.06
O3 GOL OD . 27.97 -13.24 -3.02
C1 GOL PD . -4.09 -22.50 -19.02
O1 GOL PD . -5.17 -21.85 -18.34
C2 GOL PD . -3.74 -23.72 -18.19
O2 GOL PD . -3.82 -23.35 -16.82
C3 GOL PD . -2.34 -24.17 -18.55
O3 GOL PD . -1.80 -23.17 -19.42
FE FE2 QD . -0.78 1.56 23.50
C5 MQ9 RD . 3.67 -5.75 22.28
C5M MQ9 RD . 3.22 -5.67 20.77
C4 MQ9 RD . 2.91 -5.11 23.26
O4 MQ9 RD . 1.85 -4.48 22.96
C3 MQ9 RD . 3.38 -5.21 24.62
C2 MQ9 RD . 4.53 -5.91 24.93
C1 MQ9 RD . 5.28 -6.53 23.95
O1 MQ9 RD . 6.32 -7.17 24.24
C6 MQ9 RD . 4.87 -6.46 22.62
C3A MQ9 RD . 2.70 -4.57 25.63
C3B MQ9 RD . 3.12 -4.69 26.96
C3C MQ9 RD . 4.28 -5.39 27.26
C3D MQ9 RD . 4.99 -6.02 26.25
C7 MQ9 RD . 5.77 -7.13 21.58
C8 MQ9 RD . 6.57 -6.17 20.89
C9 MQ9 RD . 7.98 -6.12 20.81
C10 MQ9 RD . 8.91 -7.23 21.34
C11 MQ9 RD . 8.70 -5.01 20.03
C12 MQ9 RD . 9.53 -5.59 18.88
C13 MQ9 RD . 8.75 -6.23 17.90
C14 MQ9 RD . 8.71 -6.01 16.55
C15 MQ9 RD . 9.57 -4.92 15.93
C16 MQ9 RD . 7.81 -6.87 15.68
C17 MQ9 RD . 8.66 -7.80 14.78
C18 MQ9 RD . 9.24 -8.90 15.48
C19 MQ9 RD . 10.33 -9.68 15.10
C20 MQ9 RD . 11.12 -9.49 13.82
C21 MQ9 RD . 10.71 -10.88 15.90
C22 MQ9 RD . 10.67 -12.10 15.02
C23 MQ9 RD . 10.89 -13.27 15.77
C24 MQ9 RD . 10.38 -14.54 15.51
C25 MQ9 RD . 9.42 -14.82 14.34
C26 MQ9 RD . 10.78 -15.67 16.45
C27 MQ9 RD . 11.69 -16.71 15.73
C28 MQ9 RD . 11.93 -17.84 16.52
C29 MQ9 RD . 11.75 -19.21 16.24
C30 MQ9 RD . 11.12 -19.77 14.95
C31 MQ9 RD . 12.14 -20.24 17.30
C32 MQ9 RD . 10.86 -20.81 17.97
C33 MQ9 RD . 11.17 -21.90 18.81
C34 MQ9 RD . 10.31 -22.91 19.30
C35 MQ9 RD . 8.87 -22.92 18.85
C36 MQ9 RD . 10.84 -24.00 20.23
C37 MQ9 RD . 12.10 -24.75 19.72
C38 MQ9 RD . 13.26 -24.01 19.90
C39 MQ9 RD . 14.40 -23.87 19.08
C40 MQ9 RD . 15.49 -22.93 19.60
C41 MQ9 RD . 14.63 -24.62 17.73
C42 MQ9 RD . 15.16 -23.66 16.62
C43 MQ9 RD . 15.35 -24.25 15.36
C44 MQ9 RD . 14.94 -23.80 14.08
C45 MQ9 RD . 14.12 -22.51 13.94
C46 MQ9 RD . 15.29 -24.59 12.78
C47 MQ9 RD . 16.06 -23.69 11.77
C48 MQ9 RD . 16.39 -24.27 10.55
C49 MQ9 RD . 17.55 -24.98 10.21
C50 MQ9 RD . 18.61 -25.28 11.29
C51 MQ9 RD . 17.76 -25.54 8.78
MG BCB SD . -0.96 10.96 -1.45
CHA BCB SD . -3.48 8.63 -1.82
CHB BCB SD . -3.27 13.24 -0.18
CHC BCB SD . 1.58 13.13 -0.80
CHD BCB SD . 1.38 8.65 -2.49
NA BCB SD . -3.05 10.95 -1.16
C1A BCB SD . -3.88 9.83 -1.28
C2A BCB SD . -5.28 10.13 -0.79
C3A BCB SD . -5.28 11.65 -0.68
C4A BCB SD . -3.79 12.02 -0.73
CMA BCB SD . -5.97 12.46 -1.81
CAA BCB SD . -5.58 9.32 0.50
CBA BCB SD . -4.38 9.63 1.45
CGA BCB SD . -4.53 9.18 2.87
O1A BCB SD . -5.50 8.55 3.21
O2A BCB SD . -3.60 9.56 3.81
NB BCB SD . -0.90 12.83 -0.72
C1B BCB SD . -1.93 13.61 -0.13
C2B BCB SD . -1.43 14.88 0.35
C3B BCB SD . -0.06 14.83 0.11
C4B BCB SD . 0.27 13.57 -0.45
CMB BCB SD . -2.25 16.02 0.93
CAB BCB SD . 0.91 15.88 0.50
OBB BCB SD . 2.09 15.58 0.67
CBB BCB SD . 0.41 17.30 0.60
NC BCB SD . 1.10 10.94 -1.63
C1C BCB SD . 2.01 11.89 -1.19
C2C BCB SD . 3.38 11.60 -1.76
C3C BCB SD . 3.32 10.09 -1.87
C4C BCB SD . 1.92 9.85 -1.98
CMC BCB SD . 3.67 12.34 -3.09
CAC BCB SD . 4.31 9.20 -2.09
CBC BCB SD . 5.80 9.49 -1.95
ND BCB SD . -0.99 9.03 -2.09
C1D BCB SD . 0.03 8.25 -2.51
C2D BCB SD . -0.54 7.06 -2.97
C3D BCB SD . -1.93 7.14 -2.72
C4D BCB SD . -2.16 8.41 -2.12
CMD BCB SD . 0.14 5.78 -3.58
CAD BCB SD . -3.29 6.56 -2.79
OBD BCB SD . -3.58 5.46 -3.24
CBD BCB SD . -4.33 7.44 -2.22
CGD BCB SD . -5.29 7.75 -3.32
O1D BCB SD . -6.39 7.26 -3.33
O2D BCB SD . -4.85 8.58 -4.33
CED BCB SD . -5.72 8.75 -5.44
C1 BCB SD . -3.76 9.12 5.19
C2 BCB SD . -4.67 10.05 5.95
C3 BCB SD . -4.26 10.60 7.10
C4 BCB SD . -2.86 10.25 7.63
C5 BCB SD . -5.18 11.57 7.86
C6 BCB SD . -6.54 10.96 8.13
C7 BCB SD . -7.43 11.75 9.12
C8 BCB SD . -6.84 11.91 10.54
C9 BCB SD . -5.97 10.72 10.97
C10 BCB SD . -7.94 12.14 11.60
C11 BCB SD . -7.74 13.39 12.49
C12 BCB SD . -8.96 14.32 12.43
C13 BCB SD . -10.07 14.02 13.46
C14 BCB SD . -10.52 12.56 13.43
C15 BCB SD . -11.26 14.96 13.22
C16 BCB SD . -12.15 15.11 14.46
C17 BCB SD . -13.64 15.42 14.16
C18 BCB SD . -13.99 16.92 13.95
C19 BCB SD . -12.87 17.73 13.28
C20 BCB SD . -14.41 17.59 15.25
MG BCB TD . 6.86 3.79 -3.21
CHA BCB TD . 8.03 6.54 -1.50
CHB BCB TD . 5.80 2.37 -0.26
CHC BCB TD . 6.01 0.99 -4.90
CHD BCB TD . 7.17 5.49 -6.12
NA BCB TD . 6.96 4.35 -1.18
C1A BCB TD . 7.56 5.50 -0.69
C2A BCB TD . 7.37 5.59 0.80
C3A BCB TD . 6.45 4.40 1.14
C4A BCB TD . 6.35 3.66 -0.17
CMA BCB TD . 6.79 3.56 2.42
CAA BCB TD . 6.47 6.84 0.83
CBA BCB TD . 6.52 7.69 1.98
CGA BCB TD . 5.09 7.87 2.48
O1A BCB TD . 4.79 7.32 3.53
O2A BCB TD . 4.19 8.72 1.83
NB BCB TD . 6.10 2.01 -2.68
C1B BCB TD . 5.65 1.59 -1.42
C2B BCB TD . 5.18 0.25 -1.42
C3B BCB TD . 5.29 -0.15 -2.78
C4B BCB TD . 5.77 0.96 -3.53
CMB BCB TD . 4.70 -0.51 -0.20
CAB BCB TD . 4.83 -1.45 -3.40
OBB BCB TD . 5.09 -1.72 -4.59
CBB BCB TD . 4.02 -2.37 -2.55
NC BCB TD . 6.69 3.28 -5.18
C1C BCB TD . 6.31 2.08 -5.70
C2C BCB TD . 6.71 2.06 -7.19
C3C BCB TD . 6.59 3.52 -7.54
C4C BCB TD . 6.80 4.15 -6.26
CMC BCB TD . 8.16 1.56 -7.39
CAC BCB TD . 6.52 4.00 -8.78
CBC BCB TD . 6.12 3.10 -9.99
ND BCB TD . 7.54 5.61 -3.74
C1D BCB TD . 7.55 6.16 -4.99
C2D BCB TD . 8.19 7.40 -4.87
C3D BCB TD . 8.44 7.65 -3.49
C4D BCB TD . 7.90 6.50 -2.82
CMD BCB TD . 8.59 8.39 -5.93
CAD BCB TD . 8.91 8.46 -2.39
OBD BCB TD . 9.41 9.61 -2.43
CBD BCB TD . 8.79 7.73 -1.10
CGD BCB TD . 10.23 7.18 -0.81
O1D BCB TD . 10.50 6.44 0.11
O2D BCB TD . 11.36 7.43 -1.60
CED BCB TD . 12.65 6.92 -1.31
C1 BCB TD . 2.96 9.16 2.50
C2 BCB TD . 3.29 10.19 3.57
C3 BCB TD . 3.40 11.50 3.23
C4 BCB TD . 3.21 11.91 1.78
C5 BCB TD . 3.78 12.55 4.28
C6 BCB TD . 2.77 13.72 4.34
C7 BCB TD . 2.76 14.37 5.73
C8 BCB TD . 2.16 15.76 5.79
C9 BCB TD . 2.61 16.52 7.05
C10 BCB TD . 0.62 15.79 5.67
C11 BCB TD . 0.11 17.22 5.43
C12 BCB TD . -1.35 17.21 5.01
C13 BCB TD . -2.01 18.59 4.95
C14 BCB TD . -3.31 18.48 5.72
C15 BCB TD . -2.38 18.95 3.53
C16 BCB TD . -2.51 20.46 3.27
C17 BCB TD . -3.19 20.67 1.93
C18 BCB TD . -2.80 21.99 1.28
C19 BCB TD . -3.23 23.19 2.10
C20 BCB TD . -3.33 22.08 -0.15
C1 BPB UD . -2.62 22.39 8.03
C2 BPB UD . -3.64 22.69 6.92
C3 BPB UD . -4.84 23.18 7.16
C4 BPB UD . -5.32 23.51 8.56
C5 BPB UD . -5.81 23.42 5.98
C6 BPB UD . -7.21 23.95 6.32
C7 BPB UD . -8.07 24.08 5.04
C8 BPB UD . -9.54 24.48 5.27
C9 BPB UD . -10.24 23.49 6.20
NA BPB UD . -1.30 14.58 9.38
NB BPB UD . -0.63 12.70 7.20
NC BPB UD . 1.66 11.58 8.80
ND BPB UD . 1.06 13.31 10.84
C10 BPB UD . -10.32 24.55 3.93
C11 BPB UD . -10.80 25.96 3.51
C12 BPB UD . -11.79 25.89 2.33
C13 BPB UD . -12.10 27.18 1.55
C14 BPB UD . -11.38 27.16 0.21
C15 BPB UD . -11.76 28.46 2.33
C16 BPB UD . -12.42 29.73 1.78
C17 BPB UD . -12.02 30.97 2.60
C18 BPB UD . -13.06 32.10 2.59
C19 BPB UD . -12.81 33.07 1.44
C1A BPB UD . -1.23 15.56 10.33
O1A BPB UD . -0.78 20.42 8.85
C1B BPB UD . -1.76 13.31 6.66
C1C BPB UD . 1.76 10.86 7.71
C1D BPB UD . 2.00 12.58 11.56
O1D BPB UD . -2.30 17.18 13.93
C20 BPB UD . -13.09 32.84 3.92
C2A BPB UD . -2.30 16.57 10.15
O2A BPB UD . -2.95 21.11 8.61
C2B BPB UD . -1.91 12.82 5.31
C2C BPB UD . 2.82 9.81 7.72
C2D BPB UD . 2.06 13.16 12.83
O2D BPB UD . -2.35 14.93 13.68
C3A BPB UD . -3.22 15.93 9.04
C3B BPB UD . -0.89 11.90 5.13
C3C BPB UD . 3.25 9.91 9.18
C3D BPB UD . 1.16 14.25 12.82
C4A BPB UD . -2.22 14.98 8.46
C4B BPB UD . -0.08 11.81 6.33
C4C BPB UD . 2.57 11.05 9.69
C4D BPB UD . 0.54 14.32 11.60
CAA BPB UD . -1.67 17.86 9.68
CAB BPB UD . -0.52 11.07 3.97
CAC BPB UD . 4.18 9.19 9.81
CAD BPB UD . 0.59 15.32 13.59
CBA BPB UD . -2.62 19.01 9.55
CBB BPB UD . -0.66 11.69 2.61
OBB BPB UD . -0.11 9.94 4.08
CBC BPB UD . 4.89 8.00 9.25
CBD BPB UD . -0.43 16.09 12.75
OBD BPB UD . 0.81 15.65 14.74
CED BPB UD . -3.59 14.89 14.39
CGA BPB UD . -2.00 20.22 8.98
CGD BPB UD . -1.78 16.14 13.51
CHA BPB UD . -0.42 15.33 11.45
CHB BPB UD . -2.53 14.25 7.30
CHC BPB UD . 1.02 11.04 6.54
CHD BPB UD . 2.72 11.54 10.98
CMA BPB UD . -4.47 15.25 9.60
CMB BPB UD . -3.05 13.25 4.42
CMC BPB UD . 2.36 8.39 7.27
CMD BPB UD . 2.98 12.68 13.93
C1 NS5 VD . -13.01 26.67 -5.35
CM1 NS5 VD . -13.42 28.07 -4.81
CM2 NS5 VD . -12.17 26.84 -6.64
C2 NS5 VD . -12.22 25.92 -4.29
C3 NS5 VD . -11.94 24.46 -4.68
C4 NS5 VD . -10.72 23.98 -3.91
C5 NS5 VD . -10.32 22.56 -4.28
C6 NS5 VD . -11.35 21.53 -4.76
C7 NS5 VD . -9.04 22.21 -4.11
C8 NS5 VD . -8.61 20.79 -4.44
C9 NS5 VD . -7.19 20.55 -4.01
C10 NS5 VD . -6.69 19.13 -4.22
C11 NS5 VD . -7.53 17.93 -4.63
C12 NS5 VD . -5.38 18.96 -3.92
C13 NS5 VD . -4.71 17.62 -3.98
C14 NS5 VD . -3.39 17.73 -3.63
C15 NS5 VD . -2.50 16.55 -3.45
C16 NS5 VD . -3.09 15.11 -3.40
C17 NS5 VD . -1.19 16.99 -3.35
C18 NS5 VD . 0.02 16.24 -3.06
C19 NS5 VD . 1.29 16.77 -2.90
C20 NS5 VD . 1.92 18.08 -3.23
C21 NS5 VD . 3.21 18.33 -2.71
C22 NS5 VD . 3.96 17.33 -1.80
C23 NS5 VD . 3.89 19.64 -3.07
C24 NS5 VD . 4.97 20.06 -2.36
C25 NS5 VD . 5.57 21.42 -2.70
C26 NS5 VD . 6.32 22.10 -1.78
C27 NS5 VD . 6.53 21.59 -0.34
C28 NS5 VD . 6.92 23.39 -2.26
C29 NS5 VD . 7.46 24.30 -1.39
C30 NS5 VD . 8.13 25.53 -1.96
C31 NS5 VD . 8.69 26.45 -1.09
C32 NS5 VD . 8.58 26.24 0.44
C33 NS5 VD . 9.50 27.63 -1.67
C34 NS5 VD . 8.69 28.81 -2.20
C35 NS5 VD . 9.48 29.63 -3.26
C36 NS5 VD . 10.63 30.36 -3.05
CM3 NS5 VD . 11.31 30.44 -1.68
CM4 NS5 VD . 11.28 31.09 -4.22
N1 LDA WD . -26.35 9.93 17.54
O1 LDA WD . -26.38 10.23 18.74
CM1 LDA WD . -25.73 8.68 17.32
CM2 LDA WD . -27.75 9.78 17.15
C1 LDA WD . -25.51 10.82 16.71
C2 LDA WD . -25.60 12.32 17.05
C3 LDA WD . -25.23 13.17 15.80
C4 LDA WD . -23.72 13.39 15.60
C5 LDA WD . -23.13 12.62 14.40
C6 LDA WD . -21.61 12.39 14.51
C7 LDA WD . -21.09 11.38 13.48
C8 LDA WD . -20.78 9.95 14.02
C9 LDA WD . -21.80 8.90 13.54
C10 LDA WD . -21.53 7.44 13.98
C11 LDA WD . -20.09 6.96 13.73
C12 LDA WD . -19.88 5.47 13.93
N1 LDA XD . 2.65 30.62 21.34
O1 LDA XD . 2.73 29.42 20.95
CM1 LDA XD . 1.83 30.72 22.55
CM2 LDA XD . 3.99 31.16 21.67
C1 LDA XD . 2.04 31.46 20.29
C2 LDA XD . 2.80 31.34 18.97
C3 LDA XD . 1.94 31.77 17.83
C4 LDA XD . 2.74 31.88 16.54
C5 LDA XD . 1.94 31.41 15.33
C6 LDA XD . 2.20 32.28 14.11
C7 LDA XD . 2.46 31.45 12.85
C8 LDA XD . 3.19 32.26 11.78
C9 LDA XD . 4.65 31.85 11.62
C10 LDA XD . 4.88 30.92 10.40
C11 LDA XD . 5.56 29.61 10.76
C12 LDA XD . 5.54 28.72 9.54
N1 LDA YD . 15.20 17.82 21.24
O1 LDA YD . 14.23 17.54 21.99
CM1 LDA YD . 14.98 19.14 20.62
CM2 LDA YD . 16.46 17.88 22.01
C1 LDA YD . 15.33 16.77 20.20
C2 LDA YD . 14.38 17.02 19.04
C3 LDA YD . 14.59 16.04 17.89
C4 LDA YD . 14.00 14.67 18.24
C5 LDA YD . 14.15 13.66 17.11
C6 LDA YD . 14.56 14.34 15.81
C7 LDA YD . 14.11 13.55 14.57
C8 LDA YD . 13.32 14.47 13.67
C9 LDA YD . 13.58 14.15 12.22
C10 LDA YD . 13.42 15.37 11.33
C11 LDA YD . 13.90 15.08 9.90
C12 LDA YD . 15.22 14.33 9.87
N1 LDA ZD . 10.42 16.04 25.85
O1 LDA ZD . 9.63 16.96 25.56
CM1 LDA ZD . 11.75 16.67 25.99
CM2 LDA ZD . 10.09 15.36 27.13
C1 LDA ZD . 10.33 15.01 24.79
C2 LDA ZD . 11.16 15.31 23.53
C3 LDA ZD . 12.10 14.16 23.18
C4 LDA ZD . 11.61 13.47 21.92
C5 LDA ZD . 12.59 12.39 21.48
C6 LDA ZD . 12.43 11.09 22.27
C7 LDA ZD . 11.66 10.02 21.48
C8 LDA ZD . 11.62 8.71 22.28
C9 LDA ZD . 11.56 7.42 21.49
C10 LDA ZD . 12.92 7.21 20.80
C11 LDA ZD . 13.02 5.91 19.98
C12 LDA ZD . 14.16 5.93 19.00
N1 LDA AE . -3.66 29.81 -15.66
O1 LDA AE . -2.58 30.30 -15.22
CM1 LDA AE . -4.05 30.49 -16.89
CM2 LDA AE . -3.48 28.36 -15.92
C1 LDA AE . -4.76 29.93 -14.67
C2 LDA AE . -4.81 31.27 -13.94
C3 LDA AE . -6.10 31.38 -13.12
C4 LDA AE . -5.90 30.88 -11.69
C5 LDA AE . -5.76 32.04 -10.73
C6 LDA AE . -5.43 31.60 -9.32
C7 LDA AE . -5.68 32.73 -8.33
C8 LDA AE . -5.85 32.21 -6.91
C9 LDA AE . -6.12 33.37 -5.97
C10 LDA AE . -6.57 32.90 -4.59
C11 LDA AE . -5.80 33.56 -3.46
C12 LDA AE . -6.64 33.65 -2.20
N1 LDA BE . 2.10 34.65 -17.37
O1 LDA BE . 2.64 33.62 -16.94
CM1 LDA BE . 2.06 34.60 -18.85
CM2 LDA BE . 0.73 34.72 -16.83
C1 LDA BE . 2.89 35.80 -16.93
C2 LDA BE . 4.38 35.56 -17.15
C3 LDA BE . 5.10 35.28 -15.83
C4 LDA BE . 5.23 36.50 -14.94
C5 LDA BE . 4.67 36.26 -13.54
C6 LDA BE . 5.55 36.89 -12.47
C7 LDA BE . 6.76 36.00 -12.14
C8 LDA BE . 6.69 35.44 -10.73
C9 LDA BE . 5.86 34.15 -10.70
C10 LDA BE . 5.05 34.02 -9.40
C11 LDA BE . 5.94 33.91 -8.16
C12 LDA BE . 6.10 32.46 -7.70
N1 LDA CE . 19.75 27.68 -12.11
O1 LDA CE . 18.59 28.12 -12.22
CM1 LDA CE . 20.33 27.63 -13.46
CM2 LDA CE . 20.51 28.66 -11.29
C1 LDA CE . 19.74 26.32 -11.49
C2 LDA CE . 21.09 25.73 -11.04
C3 LDA CE . 21.12 25.19 -9.58
C4 LDA CE . 22.14 24.05 -9.36
C5 LDA CE . 22.01 23.32 -8.01
C6 LDA CE . 22.67 24.10 -6.86
C7 LDA CE . 22.58 23.42 -5.48
C8 LDA CE . 22.24 24.38 -4.32
C9 LDA CE . 21.93 23.60 -3.01
C10 LDA CE . 20.62 24.02 -2.32
C11 LDA CE . 20.24 23.07 -1.18
C12 LDA CE . 18.81 23.23 -0.68
N1 LDA DE . 30.89 19.24 -2.33
O1 LDA DE . 31.01 19.56 -3.55
CM1 LDA DE . 32.21 19.10 -1.70
CM2 LDA DE . 30.12 20.28 -1.62
C1 LDA DE . 30.16 17.97 -2.24
C2 LDA DE . 29.73 17.69 -0.80
C3 LDA DE . 29.29 16.24 -0.63
C4 LDA DE . 28.39 16.12 0.58
C5 LDA DE . 28.30 14.67 1.07
C6 LDA DE . 27.23 14.53 2.15
C7 LDA DE . 26.35 13.30 1.91
C8 LDA DE . 25.64 12.89 3.17
C9 LDA DE . 24.42 12.04 2.86
C10 LDA DE . 23.17 12.89 2.66
C11 LDA DE . 21.90 12.02 2.66
C12 LDA DE . 21.74 11.50 4.06
S SO4 EE . 12.19 10.76 26.64
O1 SO4 EE . 11.90 12.20 26.64
O2 SO4 EE . 11.06 9.98 26.20
O3 SO4 EE . 13.25 10.52 25.71
O4 SO4 EE . 12.51 10.15 27.93
S SO4 FE . -0.99 28.74 20.07
O1 SO4 FE . -0.47 28.70 21.43
O2 SO4 FE . -1.52 27.42 19.74
O3 SO4 FE . -2.01 29.78 20.06
O4 SO4 FE . 0.01 29.05 19.05
S SO4 GE . -13.92 -16.19 26.83
O1 SO4 GE . -13.46 -15.37 27.96
O2 SO4 GE . -14.62 -17.37 27.35
O3 SO4 GE . -14.80 -15.32 26.03
O4 SO4 GE . -12.78 -16.64 26.06
S SO4 HE . 11.81 20.17 23.08
O1 SO4 HE . 11.17 21.52 23.03
O2 SO4 HE . 11.50 19.53 24.39
O3 SO4 HE . 11.34 19.34 21.97
O4 SO4 HE . 13.28 20.28 22.97
S SO4 IE . 8.99 -20.31 -25.47
O1 SO4 IE . 9.09 -19.10 -26.34
O2 SO4 IE . 7.78 -20.24 -24.65
O3 SO4 IE . 8.89 -21.50 -26.33
O4 SO4 IE . 10.17 -20.42 -24.57
S SO4 JE . 15.09 -18.17 -26.31
O1 SO4 JE . 13.78 -17.54 -26.56
O2 SO4 JE . 14.95 -19.21 -25.26
O3 SO4 JE . 15.51 -18.78 -27.59
O4 SO4 JE . 16.10 -17.19 -25.89
S SO4 KE . 11.03 32.98 -16.69
O1 SO4 KE . 9.76 33.71 -16.43
O2 SO4 KE . 11.47 32.20 -15.51
O3 SO4 KE . 10.84 32.06 -17.83
O4 SO4 KE . 12.09 33.96 -17.05
S SO4 LE . 11.17 27.90 23.40
O1 SO4 LE . 10.43 29.18 23.58
O2 SO4 LE . 10.45 26.79 24.06
O3 SO4 LE . 11.27 27.63 21.94
O4 SO4 LE . 12.53 28.06 23.97
C1 HTH ME . -26.51 -3.75 20.51
O1 HTH ME . -26.35 -5.16 20.42
C2 HTH ME . -25.16 -3.11 20.20
O2 HTH ME . -25.22 -1.72 20.49
C3 HTH ME . -24.79 -3.36 18.75
O3 HTH ME . -25.32 -4.64 18.48
C4 HTH ME . -23.28 -3.36 18.49
C5 HTH ME . -22.91 -2.85 17.09
C6 HTH ME . -22.14 -1.54 17.15
C7 HTH ME . -20.66 -1.72 17.04
C1 HTO NE . 16.58 -3.70 2.48
O1 HTO NE . 16.63 -2.29 2.42
C2 HTO NE . 16.14 -3.99 3.90
O2 HTO NE . 14.80 -3.57 4.17
C3 HTO NE . 16.36 -5.47 4.24
O3 HTO NE . 16.62 -6.29 3.12
C4 HTO NE . 15.17 -6.11 4.90
C5 HTO NE . 15.28 -7.57 4.47
C6 HTO NE . 16.64 -8.13 4.90
C7 HTO NE . 17.54 -8.24 3.69
C1 GOL OE . 29.23 5.78 -13.27
O1 GOL OE . 28.09 5.15 -12.74
C2 GOL OE . 30.46 4.92 -13.07
O2 GOL OE . 30.07 3.55 -13.24
C3 GOL OE . 31.00 5.10 -11.67
O3 GOL OE . 32.22 5.83 -11.67
C1 GOL PE . 17.90 -16.89 -12.26
O1 GOL PE . 17.26 -16.07 -11.26
C2 GOL PE . 17.20 -18.25 -12.46
O2 GOL PE . 17.07 -18.92 -11.20
C3 GOL PE . 18.04 -19.14 -13.38
O3 GOL PE . 17.42 -20.43 -13.51
C1 GOL QE . -4.11 33.31 27.35
O1 GOL QE . -3.28 32.84 28.39
C2 GOL QE . -5.53 33.39 27.89
O2 GOL QE . -5.76 32.38 28.87
C3 GOL QE . -6.54 33.07 26.81
O3 GOL QE . -7.11 31.85 27.30
C1 GOL RE . -7.16 34.51 18.85
O1 GOL RE . -7.04 33.08 19.07
C2 GOL RE . -5.78 35.14 19.05
O2 GOL RE . -5.14 34.48 20.15
C3 GOL RE . -4.92 34.95 17.81
O3 GOL RE . -5.38 35.72 16.70
C1 GOL SE . 18.01 -3.36 -40.89
O1 GOL SE . 18.18 -3.74 -39.51
C2 GOL SE . 18.87 -2.14 -41.16
O2 GOL SE . 19.30 -1.57 -39.91
C3 GOL SE . 18.05 -1.13 -41.97
O3 GOL SE . 18.29 0.23 -41.56
C1 GOL TE . -15.61 28.92 27.74
O1 GOL TE . -16.23 28.83 29.03
C2 GOL TE . -14.37 29.81 27.86
O2 GOL TE . -13.48 29.24 28.81
C3 GOL TE . -13.69 29.91 26.49
O3 GOL TE . -12.69 28.90 26.40
C1 GOL UE . -22.28 17.94 30.73
O1 GOL UE . -21.28 18.06 29.69
C2 GOL UE . -22.35 19.21 31.59
O2 GOL UE . -21.03 19.69 31.81
C3 GOL UE . -22.90 18.95 32.98
O3 GOL UE . -21.93 19.43 33.94
C1 GOL VE . -2.36 34.36 -14.15
O1 GOL VE . -1.78 33.62 -15.22
C2 GOL VE . -2.96 35.67 -14.65
O2 GOL VE . -1.94 36.43 -15.33
C3 GOL VE . -3.55 36.48 -13.49
O3 GOL VE . -4.73 35.83 -12.96
C1 GOL WE . -17.78 21.95 18.96
O1 GOL WE . -19.15 22.31 18.72
C2 GOL WE . -17.30 21.23 17.71
O2 GOL WE . -18.23 21.61 16.72
C3 GOL WE . -15.90 21.66 17.28
O3 GOL WE . -15.17 20.54 16.71
#